data_1W20
#
_entry.id   1W20
#
_cell.length_a   106.478
_cell.length_b   73.995
_cell.length_c   106.465
_cell.angle_alpha   90.00
_cell.angle_beta   90.50
_cell.angle_gamma   90.00
#
_symmetry.space_group_name_H-M   'P 1 21 1'
#
loop_
_entity.id
_entity.type
_entity.pdbx_description
1 polymer 'NEURAMINIDASE SUBTYPE N6'
2 branched 2-acetamido-2-deoxy-beta-D-glucopyranose-(1-4)-2-acetamido-2-deoxy-beta-D-glucopyranose
3 branched alpha-D-mannopyranose-(1-6)-beta-D-mannopyranose-(1-4)-2-acetamido-2-deoxy-beta-D-glucopyranose
4 non-polymer 'N-acetyl-alpha-neuraminic acid'
5 non-polymer GLYCEROL
6 non-polymer 2-acetamido-2-deoxy-beta-D-glucopyranose
7 non-polymer beta-D-mannopyranose
8 non-polymer alpha-D-mannopyranose
9 non-polymer 'CALCIUM ION'
10 water water
#
_entity_poly.entity_id   1
_entity_poly.type   'polypeptide(L)'
_entity_poly.pdbx_seq_one_letter_code
;RTFLNLTKPLCEVNSWHILSKDNAIRIGEDAHILVTREPYLSCDPQGCRMFALSQGTTLRGRHANGTIHDRSPFRALISW
EMGQAPSPYNTRVECIGWSSTSCHDGMSRMSICMSGPNNNASAVVWYGGRPITEIPSWAGNILRTQESECVCHKGVCPVV
MTDGPANNRAATKIIYFKEGKIQKIEELAGNAQHIEECSCYGAGGVIKCICRDNWKGANRPVITIDPEMMTHTSKYLCSK
VLTDTSRPNDPTNGNCDAPITGGSPDPGVKGFAFLDGENSWLGRTISKDSRSGYEMLKVPNAETDIQSGPISNQVIVNNQ
NWSGYSGAFIDYWANKECFNPCFYVELIRGRPKESSVLWTSNSIVALCGSKKRLGSWSWHDGAEIIYFE
;
_entity_poly.pdbx_strand_id   A,B,C,D
#
loop_
_chem_comp.id
_chem_comp.type
_chem_comp.name
_chem_comp.formula
BMA D-saccharide, beta linking beta-D-mannopyranose 'C6 H12 O6'
CA non-polymer 'CALCIUM ION' 'Ca 2'
GOL non-polymer GLYCEROL 'C3 H8 O3'
MAN D-saccharide, alpha linking alpha-D-mannopyranose 'C6 H12 O6'
NAG D-saccharide, beta linking 2-acetamido-2-deoxy-beta-D-glucopyranose 'C8 H15 N O6'
SIA D-saccharide, alpha linking 'N-acetyl-alpha-neuraminic acid' 'C11 H19 N O9'
#
# COMPACT_ATOMS: atom_id res chain seq x y z
N ARG A 1 6.64 -2.41 -26.76
CA ARG A 1 5.41 -3.28 -26.65
C ARG A 1 4.78 -3.69 -27.98
N THR A 2 4.64 -4.99 -28.14
CA THR A 2 3.96 -5.58 -29.27
C THR A 2 3.02 -6.72 -28.82
N PHE A 3 2.21 -7.20 -29.77
CA PHE A 3 1.40 -8.36 -29.56
C PHE A 3 2.36 -9.54 -29.41
N LEU A 4 2.16 -10.33 -28.36
CA LEU A 4 2.89 -11.59 -28.22
C LEU A 4 2.45 -12.60 -29.24
N ASN A 5 3.41 -13.40 -29.74
CA ASN A 5 3.08 -14.59 -30.54
C ASN A 5 3.78 -15.82 -30.02
N LEU A 6 3.28 -16.99 -30.39
CA LEU A 6 3.67 -18.21 -29.72
C LEU A 6 4.64 -19.01 -30.58
N THR A 7 5.59 -18.38 -31.27
CA THR A 7 6.40 -19.18 -32.22
C THR A 7 7.46 -20.07 -31.56
N LYS A 8 8.01 -19.62 -30.45
CA LYS A 8 8.98 -20.39 -29.69
C LYS A 8 8.52 -21.79 -29.28
N PRO A 9 9.47 -22.73 -29.18
CA PRO A 9 9.15 -24.08 -28.65
C PRO A 9 9.14 -24.14 -27.12
N LEU A 10 8.55 -25.20 -26.56
CA LEU A 10 8.63 -25.46 -25.13
C LEU A 10 10.06 -25.79 -24.72
N CYS A 11 10.46 -25.29 -23.55
CA CYS A 11 11.77 -25.67 -22.99
C CYS A 11 11.78 -27.11 -22.56
N GLU A 12 12.96 -27.72 -22.64
CA GLU A 12 13.15 -29.04 -22.08
C GLU A 12 12.96 -29.00 -20.53
N VAL A 13 12.28 -29.98 -19.98
CA VAL A 13 12.03 -29.97 -18.52
C VAL A 13 12.41 -31.31 -17.94
N ASN A 14 13.26 -31.29 -16.93
CA ASN A 14 13.72 -32.51 -16.28
C ASN A 14 13.35 -32.56 -14.80
N SER A 15 13.13 -31.39 -14.23
CA SER A 15 12.65 -31.27 -12.86
C SER A 15 11.95 -29.92 -12.72
N TRP A 16 11.41 -29.64 -11.53
CA TRP A 16 10.65 -28.43 -11.31
C TRP A 16 11.29 -27.64 -10.18
N HIS A 17 11.54 -26.34 -10.40
CA HIS A 17 12.06 -25.44 -9.37
C HIS A 17 10.94 -24.55 -8.75
N ILE A 18 11.14 -24.08 -7.54
CA ILE A 18 10.07 -23.33 -6.83
C ILE A 18 10.01 -21.92 -7.40
N LEU A 19 8.83 -21.46 -7.77
CA LEU A 19 8.71 -20.08 -8.32
C LEU A 19 8.15 -19.16 -7.22
N SER A 20 7.06 -19.64 -6.57
CA SER A 20 6.39 -18.79 -5.62
C SER A 20 5.53 -19.61 -4.69
N LYS A 21 5.27 -19.04 -3.50
CA LYS A 21 4.37 -19.63 -2.54
C LYS A 21 3.90 -18.49 -1.65
N ASP A 22 2.57 -18.41 -1.38
CA ASP A 22 2.10 -17.23 -0.64
C ASP A 22 1.74 -17.50 0.82
N ASN A 23 1.71 -18.79 1.22
CA ASN A 23 1.44 -19.11 2.62
C ASN A 23 0.20 -18.40 3.21
N ALA A 24 -0.82 -18.26 2.41
CA ALA A 24 -1.93 -17.35 2.71
C ALA A 24 -2.75 -17.80 3.96
N ILE A 25 -2.91 -19.11 4.16
CA ILE A 25 -3.69 -19.59 5.32
C ILE A 25 -2.88 -19.43 6.61
N ARG A 26 -1.57 -19.71 6.60
CA ARG A 26 -0.75 -19.46 7.78
C ARG A 26 -0.86 -17.98 8.24
N ILE A 27 -0.66 -17.11 7.27
CA ILE A 27 -0.67 -15.67 7.49
C ILE A 27 -2.06 -15.18 7.80
N GLY A 28 -3.06 -15.62 7.04
CA GLY A 28 -4.42 -15.22 7.27
C GLY A 28 -5.04 -15.68 8.57
N GLU A 29 -4.32 -16.52 9.33
CA GLU A 29 -4.79 -16.91 10.68
C GLU A 29 -4.79 -15.66 11.58
N ASP A 30 -3.94 -14.68 11.28
CA ASP A 30 -3.90 -13.51 12.17
C ASP A 30 -3.92 -12.14 11.45
N ALA A 31 -3.56 -12.10 10.18
CA ALA A 31 -3.62 -10.89 9.36
C ALA A 31 -4.94 -10.89 8.62
N HIS A 32 -5.19 -9.83 7.88
CA HIS A 32 -6.45 -9.67 7.15
C HIS A 32 -6.32 -10.23 5.76
N ILE A 33 -6.64 -11.48 5.57
CA ILE A 33 -6.41 -12.15 4.27
C ILE A 33 -7.77 -12.59 3.74
N LEU A 34 -8.01 -12.30 2.46
CA LEU A 34 -9.29 -12.62 1.82
C LEU A 34 -9.51 -14.13 1.71
N VAL A 35 -10.75 -14.57 1.87
CA VAL A 35 -11.08 -15.98 1.56
C VAL A 35 -11.11 -16.14 0.05
N THR A 36 -10.42 -17.15 -0.51
CA THR A 36 -10.47 -17.34 -1.97
C THR A 36 -10.65 -18.81 -2.31
N ARG A 37 -10.58 -19.08 -3.61
CA ARG A 37 -10.45 -20.39 -4.25
C ARG A 37 -10.31 -20.14 -5.74
N GLU A 38 -10.15 -21.21 -6.53
CA GLU A 38 -9.92 -21.10 -7.97
C GLU A 38 -8.82 -20.10 -8.30
N PRO A 39 -7.63 -20.26 -7.69
CA PRO A 39 -6.48 -19.41 -7.99
C PRO A 39 -5.73 -19.82 -9.25
N TYR A 40 -4.83 -18.94 -9.69
CA TYR A 40 -3.92 -19.23 -10.76
C TYR A 40 -2.89 -18.14 -10.86
N LEU A 41 -1.97 -18.25 -11.84
CA LEU A 41 -1.04 -17.16 -12.07
C LEU A 41 -1.11 -16.77 -13.56
N SER A 42 -0.76 -15.53 -13.84
CA SER A 42 -0.66 -15.08 -15.25
C SER A 42 0.39 -13.99 -15.30
N CYS A 43 1.16 -13.94 -16.39
CA CYS A 43 2.28 -13.02 -16.56
C CYS A 43 2.03 -11.98 -17.62
N ASP A 44 2.95 -11.03 -17.73
CA ASP A 44 2.88 -9.99 -18.76
C ASP A 44 4.33 -9.48 -18.94
N PRO A 45 4.61 -8.49 -19.80
CA PRO A 45 6.01 -8.04 -19.98
C PRO A 45 6.77 -7.67 -18.69
N GLN A 46 6.06 -7.24 -17.65
CA GLN A 46 6.68 -6.80 -16.40
C GLN A 46 6.98 -7.91 -15.39
N GLY A 47 6.23 -9.02 -15.44
CA GLY A 47 6.43 -10.10 -14.47
C GLY A 47 5.19 -10.99 -14.39
N CYS A 48 4.96 -11.58 -13.22
CA CYS A 48 3.81 -12.43 -13.06
C CYS A 48 3.00 -11.98 -11.87
N ARG A 49 1.70 -12.29 -11.90
CA ARG A 49 0.78 -11.98 -10.79
C ARG A 49 -0.02 -13.20 -10.38
N MET A 50 -0.51 -13.20 -9.14
CA MET A 50 -1.40 -14.31 -8.67
C MET A 50 -2.85 -13.81 -8.83
N PHE A 51 -3.74 -14.71 -9.20
CA PHE A 51 -5.18 -14.41 -9.41
C PHE A 51 -5.97 -15.39 -8.59
N ALA A 52 -7.20 -15.01 -8.19
CA ALA A 52 -8.14 -15.99 -7.59
C ALA A 52 -9.52 -15.35 -7.47
N LEU A 53 -10.52 -16.18 -7.17
CA LEU A 53 -11.89 -15.68 -6.93
C LEU A 53 -12.08 -15.47 -5.45
N SER A 54 -12.12 -14.18 -5.07
CA SER A 54 -12.41 -13.84 -3.68
C SER A 54 -13.83 -14.27 -3.28
N GLN A 55 -14.07 -14.47 -1.99
CA GLN A 55 -15.42 -14.63 -1.46
C GLN A 55 -15.96 -13.37 -0.81
N GLY A 56 -15.20 -12.27 -0.91
CA GLY A 56 -15.68 -11.02 -0.32
C GLY A 56 -15.76 -11.01 1.19
N THR A 57 -14.73 -11.56 1.84
CA THR A 57 -14.64 -11.69 3.27
C THR A 57 -13.25 -12.18 3.66
N THR A 58 -12.81 -11.81 4.87
CA THR A 58 -11.48 -12.22 5.32
C THR A 58 -11.62 -13.61 5.86
N LEU A 59 -10.48 -14.31 5.96
CA LEU A 59 -10.47 -15.71 6.49
C LEU A 59 -10.94 -15.79 7.94
N ARG A 60 -10.46 -14.85 8.77
CA ARG A 60 -10.90 -14.83 10.19
C ARG A 60 -12.27 -14.19 10.43
N GLY A 61 -12.79 -13.48 9.43
CA GLY A 61 -14.07 -12.79 9.59
C GLY A 61 -15.20 -13.81 9.75
N ARG A 62 -16.29 -13.38 10.40
CA ARG A 62 -17.50 -14.23 10.52
C ARG A 62 -18.18 -14.54 9.21
N HIS A 63 -17.97 -13.69 8.19
CA HIS A 63 -18.55 -14.04 6.86
C HIS A 63 -17.79 -15.16 6.17
N ALA A 64 -16.64 -15.59 6.70
CA ALA A 64 -15.96 -16.78 6.14
C ALA A 64 -16.83 -18.01 6.21
N ASN A 65 -17.71 -18.01 7.21
CA ASN A 65 -18.60 -19.14 7.44
C ASN A 65 -19.59 -19.33 6.27
N GLY A 66 -19.60 -20.50 5.64
CA GLY A 66 -20.47 -20.72 4.49
C GLY A 66 -19.75 -20.59 3.14
N THR A 67 -18.41 -20.38 3.14
CA THR A 67 -17.65 -20.18 1.93
C THR A 67 -17.32 -21.46 1.12
N ILE A 68 -17.83 -22.62 1.54
CA ILE A 68 -17.73 -23.80 0.65
C ILE A 68 -18.50 -23.52 -0.66
N HIS A 69 -19.53 -22.68 -0.56
CA HIS A 69 -20.48 -22.35 -1.63
C HIS A 69 -19.70 -21.64 -2.76
N ASP A 70 -19.88 -22.14 -3.98
CA ASP A 70 -19.13 -21.70 -5.15
C ASP A 70 -19.58 -20.33 -5.76
N ARG A 71 -20.87 -19.99 -5.71
CA ARG A 71 -21.35 -18.81 -6.44
C ARG A 71 -22.19 -17.94 -5.55
N SER A 72 -21.91 -16.66 -5.60
CA SER A 72 -22.62 -15.65 -4.80
C SER A 72 -22.30 -14.30 -5.47
N PRO A 73 -23.12 -13.27 -5.16
CA PRO A 73 -22.93 -11.91 -5.65
C PRO A 73 -21.76 -11.26 -4.99
N PHE A 74 -21.04 -12.01 -4.13
CA PHE A 74 -19.94 -11.38 -3.35
C PHE A 74 -18.54 -11.82 -3.80
N ARG A 75 -18.48 -12.60 -4.88
CA ARG A 75 -17.21 -13.06 -5.36
C ARG A 75 -16.74 -12.11 -6.44
N ALA A 76 -15.44 -12.10 -6.71
CA ALA A 76 -14.81 -11.25 -7.76
C ALA A 76 -13.45 -11.79 -8.06
N LEU A 77 -12.99 -11.59 -9.31
CA LEU A 77 -11.61 -11.99 -9.62
C LEU A 77 -10.64 -10.88 -9.16
N ILE A 78 -9.64 -11.27 -8.37
CA ILE A 78 -8.66 -10.34 -7.84
C ILE A 78 -7.30 -10.82 -8.27
N SER A 79 -6.35 -9.87 -8.43
CA SER A 79 -4.97 -10.20 -8.75
C SER A 79 -4.08 -9.41 -7.77
N TRP A 80 -2.88 -9.92 -7.54
CA TRP A 80 -1.96 -9.25 -6.64
C TRP A 80 -0.52 -9.65 -6.98
N GLU A 81 0.41 -8.95 -6.39
CA GLU A 81 1.84 -9.19 -6.71
C GLU A 81 2.23 -10.60 -6.27
N MET A 82 2.84 -11.34 -7.19
CA MET A 82 3.19 -12.74 -6.98
C MET A 82 3.97 -12.91 -5.65
N GLY A 83 3.53 -13.84 -4.81
CA GLY A 83 4.20 -14.17 -3.58
C GLY A 83 3.57 -13.62 -2.32
N GLN A 84 2.92 -12.45 -2.41
CA GLN A 84 2.16 -11.88 -1.33
C GLN A 84 0.90 -12.70 -1.18
N ALA A 85 0.26 -12.59 0.00
CA ALA A 85 -1.01 -13.20 0.27
C ALA A 85 -2.03 -12.16 -0.08
N PRO A 86 -3.23 -12.62 -0.46
CA PRO A 86 -4.26 -11.70 -0.90
C PRO A 86 -4.96 -11.02 0.32
N SER A 87 -4.75 -9.71 0.47
CA SER A 87 -5.45 -8.97 1.47
C SER A 87 -6.40 -7.93 0.84
N PRO A 88 -7.26 -7.28 1.65
CA PRO A 88 -8.11 -6.22 1.11
C PRO A 88 -7.27 -5.02 0.70
N TYR A 89 -5.99 -5.01 1.01
CA TYR A 89 -5.17 -3.81 0.85
C TYR A 89 -4.16 -3.90 -0.28
N ASN A 90 -3.97 -5.11 -0.86
CA ASN A 90 -3.00 -5.18 -1.97
C ASN A 90 -3.57 -5.90 -3.17
N THR A 91 -4.90 -6.00 -3.26
CA THR A 91 -5.54 -6.73 -4.38
C THR A 91 -6.31 -5.87 -5.35
N ARG A 92 -6.18 -6.19 -6.63
CA ARG A 92 -6.87 -5.45 -7.67
C ARG A 92 -8.09 -6.27 -8.11
N VAL A 93 -9.25 -5.62 -8.17
CA VAL A 93 -10.43 -6.28 -8.68
C VAL A 93 -10.40 -6.25 -10.20
N GLU A 94 -10.34 -7.42 -10.82
CA GLU A 94 -10.23 -7.52 -12.30
C GLU A 94 -11.62 -7.45 -12.89
N CYS A 95 -12.58 -8.10 -12.21
CA CYS A 95 -13.93 -8.11 -12.63
C CYS A 95 -14.81 -8.78 -11.55
N ILE A 96 -16.15 -8.67 -11.67
CA ILE A 96 -17.08 -9.27 -10.66
C ILE A 96 -17.64 -10.60 -11.14
N GLY A 97 -17.60 -11.62 -10.29
CA GLY A 97 -18.27 -12.89 -10.59
C GLY A 97 -17.56 -14.08 -9.98
N TRP A 98 -17.97 -15.28 -10.40
CA TRP A 98 -17.69 -16.52 -9.73
C TRP A 98 -17.07 -17.54 -10.68
N SER A 99 -16.65 -17.08 -11.84
CA SER A 99 -15.86 -17.94 -12.74
C SER A 99 -15.06 -16.96 -13.61
N SER A 100 -13.80 -17.28 -13.92
CA SER A 100 -12.96 -16.41 -14.67
C SER A 100 -11.85 -17.00 -15.47
N THR A 101 -11.21 -16.10 -16.23
CA THR A 101 -9.98 -16.39 -16.92
C THR A 101 -9.33 -15.04 -17.15
N SER A 102 -8.04 -15.06 -17.49
CA SER A 102 -7.32 -13.81 -17.76
C SER A 102 -6.04 -14.10 -18.53
N CYS A 103 -5.62 -13.14 -19.36
CA CYS A 103 -4.38 -13.29 -20.10
C CYS A 103 -3.98 -11.93 -20.68
N HIS A 104 -2.68 -11.76 -20.88
CA HIS A 104 -2.08 -10.53 -21.45
C HIS A 104 -1.64 -10.83 -22.86
N ASP A 105 -2.01 -9.93 -23.79
CA ASP A 105 -1.71 -10.17 -25.23
C ASP A 105 -0.43 -9.49 -25.65
N GLY A 106 0.31 -8.95 -24.69
CA GLY A 106 1.59 -8.26 -24.91
C GLY A 106 1.36 -6.77 -24.85
N MET A 107 0.13 -6.30 -25.09
CA MET A 107 -0.20 -4.86 -25.09
C MET A 107 -0.98 -4.53 -23.83
N SER A 108 -2.06 -5.28 -23.62
CA SER A 108 -2.92 -5.10 -22.42
C SER A 108 -3.51 -6.44 -21.91
N ARG A 109 -4.04 -6.43 -20.67
CA ARG A 109 -4.61 -7.63 -20.09
C ARG A 109 -6.11 -7.72 -20.34
N MET A 110 -6.57 -8.91 -20.78
CA MET A 110 -7.98 -9.21 -20.85
C MET A 110 -8.37 -10.07 -19.63
N SER A 111 -9.48 -9.72 -19.00
CA SER A 111 -10.01 -10.50 -17.88
C SER A 111 -11.51 -10.73 -18.07
N ILE A 112 -11.99 -11.89 -17.70
CA ILE A 112 -13.38 -12.24 -17.96
C ILE A 112 -13.95 -12.90 -16.70
N CYS A 113 -15.17 -12.51 -16.32
CA CYS A 113 -15.81 -13.12 -15.18
C CYS A 113 -17.25 -13.34 -15.54
N MET A 114 -17.79 -14.47 -15.07
CA MET A 114 -19.22 -14.74 -15.18
C MET A 114 -19.90 -14.47 -13.81
N SER A 115 -21.13 -13.93 -13.83
CA SER A 115 -21.87 -13.74 -12.64
C SER A 115 -23.33 -13.93 -12.95
N GLY A 116 -24.19 -13.91 -11.91
CA GLY A 116 -25.63 -13.98 -12.16
C GLY A 116 -26.18 -15.27 -11.59
N PRO A 117 -27.49 -15.52 -11.75
CA PRO A 117 -28.11 -16.74 -11.24
C PRO A 117 -27.79 -17.89 -12.19
N ASN A 118 -27.94 -19.13 -11.70
CA ASN A 118 -27.62 -20.33 -12.51
C ASN A 118 -28.26 -20.34 -13.91
N ASN A 119 -29.49 -19.86 -13.98
CA ASN A 119 -30.27 -19.91 -15.21
C ASN A 119 -30.14 -18.70 -16.12
N ASN A 120 -29.28 -17.75 -15.74
CA ASN A 120 -29.23 -16.47 -16.46
C ASN A 120 -27.92 -15.71 -16.26
N ALA A 121 -26.82 -16.48 -16.26
CA ALA A 121 -25.51 -15.95 -16.03
C ALA A 121 -25.04 -15.14 -17.25
N SER A 122 -24.01 -14.33 -17.05
CA SER A 122 -23.49 -13.58 -18.13
C SER A 122 -22.00 -13.32 -17.92
N ALA A 123 -21.28 -13.19 -19.03
CA ALA A 123 -19.88 -12.88 -18.93
C ALA A 123 -19.66 -11.40 -19.28
N VAL A 124 -18.74 -10.74 -18.55
CA VAL A 124 -18.27 -9.40 -18.92
C VAL A 124 -16.79 -9.48 -19.25
N VAL A 125 -16.41 -9.00 -20.43
CA VAL A 125 -15.07 -9.15 -20.92
C VAL A 125 -14.37 -7.80 -20.79
N TRP A 126 -13.24 -7.79 -20.10
CA TRP A 126 -12.49 -6.57 -19.84
C TRP A 126 -11.15 -6.57 -20.58
N TYR A 127 -10.70 -5.38 -21.01
CA TYR A 127 -9.45 -5.24 -21.73
C TYR A 127 -8.80 -3.92 -21.31
N GLY A 128 -7.55 -3.97 -20.79
CA GLY A 128 -6.87 -2.77 -20.36
C GLY A 128 -7.55 -2.17 -19.14
N GLY A 129 -8.32 -2.95 -18.37
CA GLY A 129 -8.99 -2.44 -17.19
C GLY A 129 -10.37 -1.82 -17.47
N ARG A 130 -10.88 -1.96 -18.68
CA ARG A 130 -12.20 -1.45 -19.04
C ARG A 130 -13.12 -2.57 -19.53
N PRO A 131 -14.42 -2.44 -19.27
CA PRO A 131 -15.37 -3.40 -19.81
C PRO A 131 -15.57 -3.16 -21.34
N ILE A 132 -15.51 -4.24 -22.11
CA ILE A 132 -15.61 -4.16 -23.57
C ILE A 132 -16.83 -4.88 -24.16
N THR A 133 -17.10 -6.11 -23.72
CA THR A 133 -18.09 -6.98 -24.30
C THR A 133 -18.86 -7.74 -23.21
N GLU A 134 -20.14 -8.04 -23.50
CA GLU A 134 -20.93 -8.86 -22.59
C GLU A 134 -21.48 -10.02 -23.39
N ILE A 135 -21.60 -11.17 -22.74
CA ILE A 135 -22.10 -12.39 -23.38
C ILE A 135 -23.15 -13.07 -22.48
N PRO A 136 -24.42 -13.14 -22.91
CA PRO A 136 -25.45 -13.86 -22.12
C PRO A 136 -25.32 -15.37 -22.23
N SER A 137 -25.70 -16.07 -21.18
CA SER A 137 -25.74 -17.51 -21.17
C SER A 137 -26.54 -17.98 -22.38
N TRP A 138 -26.07 -19.06 -23.01
CA TRP A 138 -26.73 -19.58 -24.19
C TRP A 138 -27.48 -20.93 -23.90
N ALA A 139 -27.13 -21.59 -22.82
CA ALA A 139 -27.78 -22.86 -22.46
C ALA A 139 -28.52 -22.71 -21.12
N GLY A 140 -28.41 -21.51 -20.53
CA GLY A 140 -29.17 -21.26 -19.31
C GLY A 140 -28.81 -22.20 -18.16
N ASN A 141 -27.52 -22.58 -18.02
CA ASN A 141 -27.14 -23.40 -16.89
C ASN A 141 -25.70 -23.20 -16.45
N ILE A 142 -25.49 -22.19 -15.60
CA ILE A 142 -24.17 -21.85 -15.09
C ILE A 142 -23.07 -21.70 -16.20
N LEU A 143 -23.22 -20.71 -17.10
CA LEU A 143 -22.13 -20.29 -18.00
C LEU A 143 -20.82 -20.12 -17.18
N ARG A 144 -19.75 -20.76 -17.64
CA ARG A 144 -18.53 -20.81 -16.85
C ARG A 144 -17.32 -20.98 -17.73
N THR A 145 -16.14 -20.79 -17.14
CA THR A 145 -14.96 -20.82 -18.01
C THR A 145 -13.72 -21.48 -17.31
N GLN A 146 -12.50 -21.04 -17.66
CA GLN A 146 -11.25 -21.82 -17.43
C GLN A 146 -10.78 -21.98 -15.95
N GLU A 147 -10.86 -20.89 -15.19
CA GLU A 147 -10.29 -20.79 -13.84
C GLU A 147 -8.72 -20.83 -13.84
N SER A 148 -8.11 -20.55 -14.98
CA SER A 148 -6.65 -20.40 -15.14
C SER A 148 -6.52 -19.52 -16.36
N GLU A 149 -5.30 -19.10 -16.67
CA GLU A 149 -5.06 -18.10 -17.74
C GLU A 149 -5.38 -18.54 -19.17
N CYS A 150 -5.79 -17.60 -19.97
CA CYS A 150 -5.97 -17.88 -21.41
C CYS A 150 -4.62 -17.58 -22.07
N VAL A 151 -4.53 -17.70 -23.38
CA VAL A 151 -3.24 -17.52 -24.05
C VAL A 151 -3.55 -16.75 -25.36
N CYS A 152 -2.64 -15.87 -25.76
CA CYS A 152 -2.85 -14.96 -26.88
C CYS A 152 -1.77 -15.14 -27.92
N HIS A 153 -2.17 -14.97 -29.17
CA HIS A 153 -1.19 -15.00 -30.28
C HIS A 153 -1.55 -13.91 -31.32
N LYS A 154 -0.62 -12.99 -31.57
CA LYS A 154 -0.87 -11.93 -32.49
C LYS A 154 -2.17 -11.19 -32.30
N GLY A 155 -2.47 -10.86 -31.04
CA GLY A 155 -3.71 -10.15 -30.77
C GLY A 155 -4.95 -10.99 -30.50
N VAL A 156 -4.92 -12.27 -30.86
CA VAL A 156 -6.06 -13.17 -30.69
C VAL A 156 -5.92 -14.08 -29.47
N CYS A 157 -6.91 -14.03 -28.58
CA CYS A 157 -6.84 -14.81 -27.36
C CYS A 157 -8.09 -15.73 -27.32
N PRO A 158 -7.90 -17.01 -27.56
CA PRO A 158 -8.99 -17.94 -27.41
C PRO A 158 -9.36 -18.23 -25.96
N VAL A 159 -10.68 -18.39 -25.74
CA VAL A 159 -11.18 -18.77 -24.43
C VAL A 159 -12.16 -19.89 -24.56
N VAL A 160 -12.08 -20.90 -23.69
CA VAL A 160 -13.02 -21.98 -23.71
C VAL A 160 -14.06 -21.76 -22.61
N MET A 161 -15.34 -21.85 -23.01
CA MET A 161 -16.47 -21.65 -22.14
C MET A 161 -17.43 -22.80 -22.22
N THR A 162 -18.07 -23.10 -21.10
CA THR A 162 -19.12 -24.10 -21.07
C THR A 162 -20.39 -23.56 -20.42
N ASP A 163 -21.54 -24.01 -20.92
CA ASP A 163 -22.85 -23.67 -20.37
C ASP A 163 -23.70 -24.94 -20.51
N GLY A 164 -24.24 -25.47 -19.40
CA GLY A 164 -24.97 -26.70 -19.48
C GLY A 164 -24.68 -27.58 -18.28
N PRO A 165 -25.29 -28.76 -18.28
CA PRO A 165 -25.12 -29.72 -17.20
C PRO A 165 -23.65 -30.01 -16.82
N ALA A 166 -23.44 -30.19 -15.53
CA ALA A 166 -22.17 -30.65 -14.97
C ALA A 166 -22.07 -32.18 -15.00
N ASN A 167 -23.18 -32.86 -15.27
CA ASN A 167 -23.22 -34.31 -15.12
C ASN A 167 -23.83 -34.94 -16.38
N ASN A 168 -23.67 -34.24 -17.50
CA ASN A 168 -24.18 -34.70 -18.77
C ASN A 168 -23.70 -33.79 -19.88
N ARG A 169 -24.07 -34.13 -21.12
CA ARG A 169 -23.67 -33.38 -22.27
C ARG A 169 -23.98 -31.91 -22.01
N ALA A 170 -23.02 -31.04 -22.35
CA ALA A 170 -23.18 -29.59 -22.10
C ALA A 170 -22.81 -28.91 -23.42
N ALA A 171 -22.94 -27.58 -23.48
CA ALA A 171 -22.65 -26.79 -24.69
C ALA A 171 -21.36 -25.93 -24.53
N THR A 172 -20.25 -26.43 -25.04
CA THR A 172 -18.98 -25.75 -24.91
C THR A 172 -18.71 -24.94 -26.15
N LYS A 173 -18.25 -23.71 -25.99
CA LYS A 173 -17.82 -22.90 -27.13
C LYS A 173 -16.40 -22.39 -27.00
N ILE A 174 -15.76 -22.17 -28.15
CA ILE A 174 -14.48 -21.48 -28.15
C ILE A 174 -14.73 -20.09 -28.68
N ILE A 175 -14.34 -19.08 -27.90
CA ILE A 175 -14.55 -17.71 -28.37
C ILE A 175 -13.21 -17.05 -28.53
N TYR A 176 -13.03 -16.39 -29.67
CA TYR A 176 -11.71 -15.84 -30.01
C TYR A 176 -11.80 -14.34 -29.85
N PHE A 177 -10.96 -13.78 -28.97
CA PHE A 177 -11.04 -12.36 -28.65
C PHE A 177 -9.85 -11.62 -29.18
N LYS A 178 -10.05 -10.34 -29.50
CA LYS A 178 -8.97 -9.41 -29.86
C LYS A 178 -9.35 -8.08 -29.26
N GLU A 179 -8.53 -7.55 -28.38
CA GLU A 179 -8.81 -6.32 -27.64
C GLU A 179 -10.20 -6.36 -26.98
N GLY A 180 -10.57 -7.52 -26.46
CA GLY A 180 -11.83 -7.75 -25.79
C GLY A 180 -13.06 -7.86 -26.67
N LYS A 181 -12.85 -7.76 -27.99
CA LYS A 181 -13.95 -7.89 -28.96
C LYS A 181 -14.06 -9.30 -29.55
N ILE A 182 -15.27 -9.80 -29.71
CA ILE A 182 -15.42 -11.16 -30.25
C ILE A 182 -15.08 -11.19 -31.73
N GLN A 183 -14.03 -11.93 -32.13
CA GLN A 183 -13.70 -12.17 -33.53
C GLN A 183 -14.43 -13.36 -34.12
N LYS A 184 -14.78 -14.36 -33.30
CA LYS A 184 -15.42 -15.56 -33.80
C LYS A 184 -15.90 -16.42 -32.63
N ILE A 185 -16.96 -17.20 -32.87
CA ILE A 185 -17.41 -18.17 -31.91
C ILE A 185 -17.54 -19.55 -32.58
N GLU A 186 -17.14 -20.60 -31.88
CA GLU A 186 -17.20 -21.95 -32.44
C GLU A 186 -17.81 -22.86 -31.43
N GLU A 187 -18.67 -23.73 -31.90
CA GLU A 187 -19.10 -24.83 -31.07
C GLU A 187 -17.96 -25.81 -30.90
N LEU A 188 -17.87 -26.46 -29.73
CA LEU A 188 -16.84 -27.51 -29.51
C LEU A 188 -17.01 -28.60 -30.58
N ALA A 189 -15.91 -29.13 -31.05
CA ALA A 189 -15.93 -30.18 -32.07
C ALA A 189 -14.98 -31.29 -31.61
N GLY A 190 -14.96 -32.44 -32.30
CA GLY A 190 -14.11 -33.54 -31.85
C GLY A 190 -14.66 -34.57 -30.90
N ASN A 191 -13.78 -35.42 -30.37
CA ASN A 191 -14.15 -36.52 -29.55
C ASN A 191 -14.21 -36.30 -28.05
N ALA A 192 -13.78 -35.13 -27.58
CA ALA A 192 -14.00 -34.80 -26.17
C ALA A 192 -15.53 -34.75 -25.97
N GLN A 193 -16.02 -35.43 -24.91
CA GLN A 193 -17.46 -35.52 -24.67
C GLN A 193 -17.98 -34.49 -23.65
N HIS A 194 -17.08 -33.93 -22.84
CA HIS A 194 -17.46 -32.93 -21.85
C HIS A 194 -16.19 -32.12 -21.55
N ILE A 195 -16.40 -30.80 -21.39
CA ILE A 195 -15.29 -29.88 -21.21
C ILE A 195 -15.60 -28.93 -20.04
N GLU A 196 -14.70 -28.89 -19.05
CA GLU A 196 -14.74 -27.87 -18.00
C GLU A 196 -13.32 -27.39 -17.73
N GLU A 197 -13.20 -26.12 -17.33
CA GLU A 197 -12.03 -25.58 -16.64
C GLU A 197 -10.69 -25.88 -17.33
N CYS A 198 -10.60 -25.51 -18.57
CA CYS A 198 -9.37 -25.87 -19.30
C CYS A 198 -8.08 -25.14 -18.80
N SER A 199 -6.97 -25.88 -18.71
CA SER A 199 -5.66 -25.28 -18.43
C SER A 199 -4.88 -25.24 -19.75
N CYS A 200 -4.58 -24.03 -20.19
CA CYS A 200 -4.05 -23.81 -21.55
C CYS A 200 -2.65 -23.20 -21.61
N TYR A 201 -1.88 -23.50 -22.69
CA TYR A 201 -0.54 -22.93 -22.86
C TYR A 201 -0.17 -22.97 -24.35
N GLY A 202 0.72 -22.08 -24.78
CA GLY A 202 1.10 -22.06 -26.17
C GLY A 202 2.56 -22.32 -26.46
N ALA A 203 2.82 -22.83 -27.67
CA ALA A 203 4.14 -23.17 -28.13
C ALA A 203 4.06 -23.57 -29.63
N GLY A 204 5.04 -23.15 -30.46
CA GLY A 204 5.03 -23.56 -31.90
C GLY A 204 3.75 -23.04 -32.60
N GLY A 205 3.19 -21.92 -32.14
CA GLY A 205 2.01 -21.36 -32.79
C GLY A 205 0.71 -22.07 -32.50
N VAL A 206 0.73 -22.97 -31.52
CA VAL A 206 -0.42 -23.81 -31.20
C VAL A 206 -0.74 -23.68 -29.71
N ILE A 207 -2.04 -23.59 -29.40
CA ILE A 207 -2.47 -23.56 -28.03
C ILE A 207 -3.07 -24.91 -27.65
N LYS A 208 -2.59 -25.57 -26.53
CA LYS A 208 -3.25 -26.80 -26.07
C LYS A 208 -3.95 -26.54 -24.79
N CYS A 209 -5.11 -27.08 -24.68
CA CYS A 209 -5.93 -26.89 -23.52
C CYS A 209 -6.24 -28.27 -22.92
N ILE A 210 -5.79 -28.51 -21.68
CA ILE A 210 -6.02 -29.78 -21.02
C ILE A 210 -7.11 -29.53 -20.04
N CYS A 211 -8.20 -30.29 -20.16
CA CYS A 211 -9.40 -29.94 -19.40
C CYS A 211 -9.91 -30.98 -18.39
N ARG A 212 -11.13 -30.78 -17.95
CA ARG A 212 -11.80 -31.64 -17.01
C ARG A 212 -13.11 -32.11 -17.65
N ASP A 213 -13.23 -33.42 -17.86
CA ASP A 213 -14.46 -34.04 -18.29
C ASP A 213 -15.15 -34.46 -16.99
N ASN A 214 -16.24 -33.76 -16.64
CA ASN A 214 -16.90 -33.98 -15.36
C ASN A 214 -18.06 -35.00 -15.48
N TRP A 215 -18.33 -35.40 -16.70
CA TRP A 215 -19.42 -36.29 -17.00
C TRP A 215 -18.97 -37.72 -16.93
N LYS A 216 -17.96 -38.10 -17.72
CA LYS A 216 -17.63 -39.52 -17.77
C LYS A 216 -16.18 -39.92 -17.47
N GLY A 217 -15.23 -39.21 -18.08
CA GLY A 217 -13.84 -39.64 -18.18
C GLY A 217 -12.95 -39.35 -16.99
N ALA A 218 -12.16 -40.35 -16.57
CA ALA A 218 -11.11 -40.11 -15.55
C ALA A 218 -9.84 -39.72 -16.29
N ASN A 219 -9.80 -39.92 -17.59
CA ASN A 219 -8.75 -39.32 -18.46
C ASN A 219 -9.21 -37.89 -18.85
N ARG A 220 -8.24 -37.03 -19.14
CA ARG A 220 -8.48 -35.59 -19.44
C ARG A 220 -8.58 -35.29 -20.94
N PRO A 221 -9.61 -34.56 -21.30
CA PRO A 221 -9.84 -34.08 -22.68
C PRO A 221 -8.73 -33.10 -23.06
N VAL A 222 -8.39 -33.05 -24.33
CA VAL A 222 -7.38 -32.12 -24.81
C VAL A 222 -7.96 -31.43 -26.07
N ILE A 223 -7.85 -30.11 -26.08
CA ILE A 223 -8.35 -29.30 -27.16
C ILE A 223 -7.18 -28.60 -27.76
N THR A 224 -7.00 -28.75 -29.08
CA THR A 224 -5.89 -28.11 -29.79
C THR A 224 -6.40 -26.94 -30.62
N ILE A 225 -5.86 -25.74 -30.36
CA ILE A 225 -6.38 -24.56 -31.02
C ILE A 225 -5.32 -23.88 -31.92
N ASP A 226 -5.74 -23.56 -33.12
CA ASP A 226 -4.88 -22.77 -33.93
C ASP A 226 -5.38 -21.30 -33.83
N PRO A 227 -4.65 -20.39 -33.17
CA PRO A 227 -5.11 -19.02 -32.93
C PRO A 227 -5.08 -18.12 -34.18
N GLU A 228 -4.46 -18.59 -35.27
CA GLU A 228 -4.38 -17.83 -36.56
C GLU A 228 -5.55 -18.19 -37.49
N MET A 229 -5.83 -19.46 -37.64
CA MET A 229 -7.00 -19.85 -38.37
C MET A 229 -8.28 -19.80 -37.49
N MET A 230 -8.11 -19.69 -36.16
CA MET A 230 -9.23 -19.68 -35.24
C MET A 230 -10.11 -20.92 -35.42
N THR A 231 -9.48 -22.09 -35.29
CA THR A 231 -10.13 -23.36 -35.36
C THR A 231 -9.50 -24.33 -34.36
N HIS A 232 -10.22 -25.41 -34.03
CA HIS A 232 -9.75 -26.35 -33.04
C HIS A 232 -10.16 -27.79 -33.33
N THR A 233 -9.56 -28.71 -32.58
CA THR A 233 -9.95 -30.12 -32.59
C THR A 233 -9.93 -30.57 -31.12
N SER A 234 -10.55 -31.69 -30.80
CA SER A 234 -10.48 -32.23 -29.47
C SER A 234 -10.42 -33.75 -29.41
N LYS A 235 -9.84 -34.25 -28.33
CA LYS A 235 -9.83 -35.67 -28.06
C LYS A 235 -9.43 -35.78 -26.58
N TYR A 236 -8.99 -36.96 -26.16
CA TYR A 236 -8.55 -37.18 -24.81
C TYR A 236 -7.06 -37.47 -24.80
N LEU A 237 -6.41 -37.23 -23.64
CA LEU A 237 -5.04 -37.71 -23.41
C LEU A 237 -4.94 -39.22 -23.65
N CYS A 238 -4.04 -39.63 -24.53
CA CYS A 238 -3.90 -41.07 -24.84
C CYS A 238 -3.42 -41.94 -23.68
N SER A 239 -2.50 -41.41 -22.85
CA SER A 239 -1.81 -42.21 -21.79
C SER A 239 -2.72 -43.04 -20.86
N LYS A 240 -2.25 -44.22 -20.44
CA LYS A 240 -2.87 -44.98 -19.33
C LYS A 240 -2.74 -44.27 -17.96
N VAL A 241 -1.75 -43.40 -17.80
CA VAL A 241 -1.60 -42.64 -16.58
C VAL A 241 -2.80 -41.66 -16.51
N LEU A 242 -3.83 -42.01 -15.75
CA LEU A 242 -5.09 -41.21 -15.63
C LEU A 242 -4.85 -40.02 -14.70
N THR A 243 -5.29 -38.81 -15.10
CA THR A 243 -4.93 -37.61 -14.31
C THR A 243 -6.10 -36.80 -13.76
N ASP A 244 -7.31 -37.33 -13.87
CA ASP A 244 -8.42 -36.63 -13.18
C ASP A 244 -8.50 -37.16 -11.78
N THR A 245 -9.37 -36.55 -10.99
CA THR A 245 -9.43 -37.01 -9.64
C THR A 245 -10.77 -37.50 -9.24
N SER A 246 -10.63 -38.72 -8.70
CA SER A 246 -11.61 -39.73 -8.55
C SER A 246 -11.39 -40.32 -9.93
N ARG A 247 -10.48 -41.28 -9.89
CA ARG A 247 -10.19 -42.09 -11.04
C ARG A 247 -9.97 -43.50 -10.55
N PRO A 248 -10.10 -44.49 -11.44
CA PRO A 248 -9.76 -45.84 -11.02
C PRO A 248 -8.24 -45.98 -11.05
N ASN A 249 -7.74 -47.16 -10.74
CA ASN A 249 -6.32 -47.44 -10.97
C ASN A 249 -6.01 -47.25 -12.46
N ASP A 250 -4.77 -46.88 -12.78
CA ASP A 250 -4.39 -46.78 -14.19
C ASP A 250 -4.55 -48.11 -14.89
N PRO A 251 -5.23 -48.13 -16.05
CA PRO A 251 -5.44 -49.38 -16.80
C PRO A 251 -4.17 -49.69 -17.61
N THR A 252 -4.12 -50.80 -18.35
CA THR A 252 -2.92 -51.19 -19.10
C THR A 252 -2.84 -50.30 -20.34
N ASN A 253 -3.99 -49.84 -20.83
CA ASN A 253 -4.01 -48.92 -21.96
C ASN A 253 -4.96 -47.74 -21.72
N GLY A 254 -4.54 -46.55 -22.10
CA GLY A 254 -5.48 -45.44 -22.10
C GLY A 254 -6.42 -45.45 -23.33
N ASN A 255 -7.02 -44.30 -23.61
CA ASN A 255 -7.93 -44.17 -24.74
C ASN A 255 -7.87 -42.74 -25.28
N CYS A 256 -7.35 -42.57 -26.48
CA CYS A 256 -7.24 -41.29 -27.14
C CYS A 256 -8.59 -40.64 -27.53
N ASP A 257 -9.62 -41.44 -27.72
CA ASP A 257 -10.82 -40.88 -28.33
C ASP A 257 -12.11 -41.20 -27.61
N ALA A 258 -12.01 -41.59 -26.36
CA ALA A 258 -13.21 -41.78 -25.57
C ALA A 258 -12.87 -41.66 -24.10
N PRO A 259 -13.86 -41.36 -23.27
CA PRO A 259 -13.60 -41.32 -21.83
C PRO A 259 -13.41 -42.67 -21.18
N ILE A 260 -12.48 -42.75 -20.22
CA ILE A 260 -12.34 -43.99 -19.48
C ILE A 260 -13.10 -43.77 -18.18
N THR A 261 -14.10 -44.61 -17.90
CA THR A 261 -14.98 -44.42 -16.71
C THR A 261 -14.41 -45.00 -15.42
N GLY A 262 -15.07 -44.68 -14.30
CA GLY A 262 -14.71 -45.21 -13.00
C GLY A 262 -14.19 -44.15 -12.01
N GLY A 263 -13.92 -44.62 -10.80
CA GLY A 263 -13.40 -43.81 -9.71
C GLY A 263 -14.54 -43.27 -8.89
N SER A 264 -14.26 -42.99 -7.63
CA SER A 264 -15.28 -42.57 -6.69
C SER A 264 -14.60 -41.74 -5.61
N PRO A 265 -15.28 -40.77 -5.02
CA PRO A 265 -16.70 -40.43 -5.27
C PRO A 265 -16.91 -39.14 -6.09
N ASP A 266 -15.85 -38.51 -6.58
CA ASP A 266 -15.96 -37.20 -7.24
C ASP A 266 -15.80 -37.25 -8.74
N PRO A 267 -16.62 -36.47 -9.43
CA PRO A 267 -16.67 -36.48 -10.89
C PRO A 267 -15.47 -35.81 -11.59
N GLY A 268 -14.71 -34.95 -10.92
CA GLY A 268 -13.57 -34.37 -11.58
C GLY A 268 -12.92 -33.26 -10.76
N VAL A 269 -11.85 -32.73 -11.33
CA VAL A 269 -11.07 -31.65 -10.70
C VAL A 269 -10.35 -30.94 -11.86
N LYS A 270 -10.19 -29.62 -11.79
CA LYS A 270 -9.35 -28.89 -12.78
C LYS A 270 -7.90 -29.40 -12.66
N GLY A 271 -7.27 -29.71 -13.81
CA GLY A 271 -5.86 -30.11 -13.80
C GLY A 271 -5.21 -29.65 -15.07
N PHE A 272 -4.04 -30.21 -15.41
CA PHE A 272 -3.26 -29.67 -16.53
C PHE A 272 -2.20 -30.70 -16.96
N ALA A 273 -1.52 -30.44 -18.09
CA ALA A 273 -0.41 -31.22 -18.54
C ALA A 273 0.32 -30.42 -19.65
N PHE A 274 1.63 -30.70 -19.83
CA PHE A 274 2.42 -30.17 -20.93
C PHE A 274 2.75 -31.32 -21.84
N LEU A 275 2.39 -31.14 -23.11
CA LEU A 275 2.43 -32.21 -24.08
C LEU A 275 3.40 -31.82 -25.20
N ASP A 276 4.55 -32.47 -25.20
CA ASP A 276 5.59 -32.04 -26.17
C ASP A 276 6.46 -33.24 -26.54
N GLY A 277 5.82 -34.27 -27.09
CA GLY A 277 6.51 -35.51 -27.42
C GLY A 277 7.17 -36.18 -26.21
N GLU A 278 8.48 -36.41 -26.31
CA GLU A 278 9.23 -36.99 -25.19
C GLU A 278 9.23 -36.06 -23.97
N ASN A 279 9.19 -34.76 -24.23
CA ASN A 279 9.25 -33.74 -23.20
C ASN A 279 7.83 -33.45 -22.66
N SER A 280 7.12 -34.48 -22.22
CA SER A 280 5.73 -34.32 -21.75
C SER A 280 5.62 -34.58 -20.25
N TRP A 281 4.91 -33.70 -19.56
CA TRP A 281 4.61 -33.88 -18.13
C TRP A 281 3.14 -33.84 -17.77
N LEU A 282 2.72 -34.80 -16.95
CA LEU A 282 1.34 -34.81 -16.44
C LEU A 282 1.33 -34.55 -14.94
N GLY A 283 0.49 -33.64 -14.52
CA GLY A 283 0.21 -33.44 -13.09
C GLY A 283 -1.02 -34.22 -12.64
N ARG A 284 -1.05 -34.62 -11.36
CA ARG A 284 -2.30 -35.15 -10.79
C ARG A 284 -2.16 -35.22 -9.30
N THR A 285 -3.31 -35.30 -8.62
CA THR A 285 -3.28 -35.55 -7.17
C THR A 285 -2.69 -36.96 -6.92
N ILE A 286 -2.04 -37.15 -5.78
CA ILE A 286 -1.48 -38.51 -5.50
C ILE A 286 -2.58 -39.53 -5.23
N SER A 287 -3.59 -39.12 -4.44
CA SER A 287 -4.73 -39.97 -4.16
C SER A 287 -5.60 -40.07 -5.40
N LYS A 288 -6.05 -41.28 -5.70
CA LYS A 288 -6.97 -41.51 -6.82
C LYS A 288 -8.39 -41.12 -6.45
N ASP A 289 -8.64 -40.91 -5.15
CA ASP A 289 -10.01 -40.66 -4.70
C ASP A 289 -10.28 -39.19 -4.40
N SER A 290 -9.34 -38.56 -3.70
CA SER A 290 -9.54 -37.24 -3.15
C SER A 290 -8.46 -36.25 -3.62
N ARG A 291 -8.77 -34.98 -3.40
CA ARG A 291 -7.85 -33.91 -3.65
C ARG A 291 -6.77 -33.84 -2.59
N SER A 292 -5.91 -34.84 -2.57
CA SER A 292 -4.75 -34.85 -1.66
C SER A 292 -3.45 -35.23 -2.36
N GLY A 293 -2.37 -34.59 -1.91
CA GLY A 293 -1.07 -34.75 -2.53
C GLY A 293 -1.06 -34.27 -3.95
N TYR A 294 0.14 -34.17 -4.52
CA TYR A 294 0.24 -33.71 -5.92
C TYR A 294 1.55 -34.16 -6.45
N GLU A 295 1.52 -34.75 -7.63
CA GLU A 295 2.76 -35.25 -8.22
C GLU A 295 2.86 -34.83 -9.66
N MET A 296 4.09 -34.69 -10.14
CA MET A 296 4.33 -34.43 -11.57
C MET A 296 4.98 -35.73 -12.11
N LEU A 297 4.50 -36.19 -13.26
CA LEU A 297 5.01 -37.40 -13.90
C LEU A 297 5.45 -37.10 -15.29
N LYS A 298 6.69 -37.45 -15.64
CA LYS A 298 7.12 -37.18 -17.00
C LYS A 298 6.72 -38.40 -17.81
N VAL A 299 5.82 -38.23 -18.77
CA VAL A 299 5.29 -39.35 -19.53
C VAL A 299 5.45 -39.09 -21.04
N PRO A 300 6.60 -39.49 -21.60
CA PRO A 300 6.92 -39.34 -23.03
C PRO A 300 5.79 -39.83 -23.92
N ASN A 301 5.33 -38.96 -24.82
CA ASN A 301 4.29 -39.36 -25.80
C ASN A 301 2.90 -39.64 -25.20
N ALA A 302 2.67 -39.08 -24.01
CA ALA A 302 1.35 -39.12 -23.37
C ALA A 302 0.23 -38.68 -24.30
N GLU A 303 0.49 -37.68 -25.13
CA GLU A 303 -0.53 -37.21 -26.09
C GLU A 303 -0.87 -38.18 -27.23
N THR A 304 -0.02 -39.18 -27.47
CA THR A 304 -0.25 -40.02 -28.63
C THR A 304 -0.20 -41.53 -28.42
N ASP A 305 0.43 -41.97 -27.34
CA ASP A 305 0.62 -43.39 -27.11
C ASP A 305 -0.15 -43.88 -25.88
N ILE A 306 -1.05 -44.84 -26.06
CA ILE A 306 -1.90 -45.31 -24.96
C ILE A 306 -1.12 -46.16 -23.96
N GLN A 307 0.09 -46.53 -24.32
CA GLN A 307 0.85 -47.37 -23.38
C GLN A 307 1.89 -46.55 -22.62
N SER A 308 1.90 -45.25 -22.86
CA SER A 308 2.89 -44.35 -22.28
C SER A 308 2.80 -44.34 -20.77
N GLY A 309 3.94 -44.59 -20.13
CA GLY A 309 4.04 -44.55 -18.66
C GLY A 309 5.09 -43.55 -18.19
N PRO A 310 5.21 -43.35 -16.88
CA PRO A 310 6.18 -42.38 -16.34
C PRO A 310 7.62 -42.88 -16.37
N ILE A 311 8.54 -41.94 -16.61
CA ILE A 311 9.97 -42.24 -16.61
C ILE A 311 10.62 -41.46 -15.49
N SER A 312 9.91 -40.46 -14.97
CA SER A 312 10.38 -39.80 -13.77
C SER A 312 9.22 -39.19 -13.02
N ASN A 313 9.43 -38.84 -11.75
CA ASN A 313 8.39 -38.24 -10.92
C ASN A 313 8.99 -37.16 -10.01
N GLN A 314 8.14 -36.24 -9.61
CA GLN A 314 8.50 -35.32 -8.55
C GLN A 314 7.29 -35.03 -7.61
N VAL A 315 7.42 -35.30 -6.30
CA VAL A 315 6.31 -34.99 -5.43
C VAL A 315 6.30 -33.47 -5.18
N ILE A 316 5.17 -32.83 -5.48
CA ILE A 316 5.00 -31.41 -5.23
C ILE A 316 4.34 -31.13 -3.86
N VAL A 317 3.39 -31.97 -3.46
CA VAL A 317 2.70 -31.88 -2.17
C VAL A 317 2.51 -33.33 -1.71
N ASN A 318 3.07 -33.72 -0.55
CA ASN A 318 2.90 -35.11 -0.09
C ASN A 318 1.46 -35.53 0.16
N ASN A 319 1.23 -36.84 0.17
CA ASN A 319 -0.15 -37.32 0.20
C ASN A 319 -0.76 -37.23 1.60
N GLN A 320 0.00 -36.70 2.56
CA GLN A 320 -0.55 -36.38 3.90
C GLN A 320 -1.12 -34.92 3.91
N ASN A 321 -1.02 -34.23 2.77
CA ASN A 321 -1.56 -32.90 2.66
C ASN A 321 -2.62 -32.70 1.59
N TRP A 322 -3.50 -31.70 1.80
CA TRP A 322 -4.55 -31.38 0.83
C TRP A 322 -3.99 -30.59 -0.37
N SER A 323 -4.50 -30.87 -1.56
CA SER A 323 -4.19 -30.13 -2.74
C SER A 323 -5.51 -29.51 -3.23
N GLY A 324 -5.78 -29.62 -4.51
CA GLY A 324 -6.94 -28.94 -5.12
C GLY A 324 -6.70 -28.76 -6.63
N TYR A 325 -7.26 -27.69 -7.17
CA TYR A 325 -7.11 -27.40 -8.60
C TYR A 325 -5.63 -27.24 -8.93
N SER A 326 -5.30 -27.38 -10.21
CA SER A 326 -3.95 -27.15 -10.66
C SER A 326 -4.14 -26.68 -12.09
N GLY A 327 -3.23 -25.82 -12.59
CA GLY A 327 -3.37 -25.24 -13.91
C GLY A 327 -2.03 -24.79 -14.44
N ALA A 328 -2.02 -24.48 -15.73
CA ALA A 328 -0.78 -24.11 -16.42
C ALA A 328 -0.70 -22.61 -16.69
N PHE A 329 0.52 -22.10 -16.66
CA PHE A 329 0.79 -20.74 -17.14
C PHE A 329 2.27 -20.68 -17.60
N ILE A 330 2.59 -19.71 -18.41
CA ILE A 330 3.98 -19.51 -18.83
C ILE A 330 4.29 -18.03 -18.78
N ASP A 331 5.53 -17.73 -18.39
CA ASP A 331 6.00 -16.35 -18.54
C ASP A 331 6.53 -16.21 -20.00
N TYR A 332 5.63 -15.82 -20.93
CA TYR A 332 5.93 -15.82 -22.40
C TYR A 332 6.90 -14.70 -22.76
N TRP A 333 7.19 -13.82 -21.80
CA TRP A 333 8.04 -12.68 -22.01
C TRP A 333 9.40 -12.91 -21.37
N ALA A 334 9.66 -14.13 -20.84
CA ALA A 334 11.01 -14.41 -20.35
C ALA A 334 12.10 -14.17 -21.46
N ASN A 335 13.34 -13.91 -21.02
CA ASN A 335 14.41 -13.70 -21.95
C ASN A 335 15.00 -15.07 -22.20
N LYS A 336 14.33 -15.83 -23.04
CA LYS A 336 14.78 -17.19 -23.36
C LYS A 336 14.34 -17.48 -24.77
N GLU A 337 14.97 -18.49 -25.39
CA GLU A 337 14.68 -18.90 -26.76
C GLU A 337 13.53 -19.85 -26.79
N CYS A 338 13.15 -20.34 -25.60
CA CYS A 338 12.04 -21.29 -25.48
C CYS A 338 11.07 -20.84 -24.36
N PHE A 339 9.84 -21.36 -24.38
CA PHE A 339 8.82 -21.06 -23.37
C PHE A 339 8.90 -22.13 -22.27
N ASN A 340 9.20 -21.71 -21.05
CA ASN A 340 9.41 -22.63 -19.95
C ASN A 340 8.09 -22.88 -19.23
N PRO A 341 7.62 -24.13 -19.25
CA PRO A 341 6.40 -24.51 -18.52
C PRO A 341 6.39 -24.11 -17.02
N CYS A 342 5.26 -23.57 -16.59
CA CYS A 342 5.04 -23.32 -15.17
C CYS A 342 3.66 -23.91 -14.80
N PHE A 343 3.44 -24.11 -13.51
CA PHE A 343 2.11 -24.56 -13.04
C PHE A 343 1.87 -24.18 -11.56
N TYR A 344 0.63 -24.20 -11.13
CA TYR A 344 0.34 -23.92 -9.73
C TYR A 344 -0.50 -25.05 -9.18
N VAL A 345 -0.55 -25.14 -7.87
CA VAL A 345 -1.39 -26.08 -7.21
C VAL A 345 -2.15 -25.27 -6.19
N GLU A 346 -3.47 -25.43 -6.20
CA GLU A 346 -4.30 -24.75 -5.23
C GLU A 346 -4.30 -25.65 -4.00
N LEU A 347 -4.04 -25.08 -2.81
CA LEU A 347 -3.95 -25.90 -1.58
C LEU A 347 -5.16 -25.61 -0.73
N ILE A 348 -6.20 -26.48 -0.85
CA ILE A 348 -7.47 -26.20 -0.17
C ILE A 348 -7.42 -26.57 1.31
N ARG A 349 -7.82 -25.61 2.12
CA ARG A 349 -8.01 -25.85 3.50
C ARG A 349 -9.47 -25.65 3.89
N GLY A 350 -9.90 -26.33 4.96
CA GLY A 350 -11.26 -26.19 5.45
C GLY A 350 -12.18 -27.21 4.81
N ARG A 351 -13.44 -26.80 4.56
CA ARG A 351 -14.48 -27.73 4.10
C ARG A 351 -14.33 -28.15 2.67
N PRO A 352 -14.81 -29.34 2.29
CA PRO A 352 -15.47 -30.31 3.21
C PRO A 352 -14.47 -31.24 3.98
N LYS A 353 -13.23 -31.38 3.51
CA LYS A 353 -12.25 -32.31 4.12
C LYS A 353 -11.86 -31.93 5.55
N GLU A 354 -11.89 -30.64 5.87
CA GLU A 354 -11.54 -30.26 7.23
C GLU A 354 -12.76 -29.57 7.88
N SER A 355 -13.69 -30.38 8.39
CA SER A 355 -14.98 -29.87 8.85
C SER A 355 -14.94 -29.23 10.24
N SER A 356 -13.78 -29.17 10.89
CA SER A 356 -13.70 -28.53 12.21
C SER A 356 -13.79 -26.99 12.07
N VAL A 357 -13.79 -26.50 10.83
CA VAL A 357 -13.96 -25.06 10.62
C VAL A 357 -15.17 -24.83 9.74
N LEU A 358 -15.64 -23.58 9.71
CA LEU A 358 -16.86 -23.23 8.98
C LEU A 358 -16.59 -22.80 7.53
N TRP A 359 -15.31 -22.65 7.21
CA TRP A 359 -14.89 -22.01 5.95
C TRP A 359 -14.16 -22.95 4.97
N THR A 360 -14.01 -22.47 3.74
CA THR A 360 -13.17 -23.10 2.74
C THR A 360 -12.33 -21.99 2.10
N SER A 361 -11.04 -22.22 2.00
CA SER A 361 -10.22 -21.27 1.33
C SER A 361 -9.04 -22.07 0.81
N ASN A 362 -7.93 -21.37 0.46
CA ASN A 362 -6.76 -22.01 -0.09
C ASN A 362 -5.51 -21.11 0.01
N SER A 363 -4.34 -21.69 -0.27
CA SER A 363 -3.12 -20.92 -0.48
C SER A 363 -2.60 -21.39 -1.82
N ILE A 364 -1.45 -20.86 -2.25
CA ILE A 364 -0.93 -21.21 -3.55
C ILE A 364 0.57 -21.56 -3.50
N VAL A 365 0.97 -22.49 -4.38
CA VAL A 365 2.37 -22.79 -4.62
C VAL A 365 2.51 -22.83 -6.17
N ALA A 366 3.63 -22.38 -6.74
CA ALA A 366 3.84 -22.41 -8.18
C ALA A 366 5.28 -22.78 -8.45
N LEU A 367 5.48 -23.54 -9.55
CA LEU A 367 6.84 -24.04 -9.91
C LEU A 367 6.99 -23.92 -11.42
N CYS A 368 8.23 -23.87 -11.88
CA CYS A 368 8.49 -23.85 -13.33
C CYS A 368 9.53 -24.89 -13.67
N GLY A 369 9.66 -25.24 -14.95
CA GLY A 369 10.60 -26.25 -15.31
C GLY A 369 12.06 -25.85 -15.19
N SER A 370 12.89 -26.89 -15.03
CA SER A 370 14.31 -26.78 -15.05
C SER A 370 14.89 -27.94 -15.92
N LYS A 371 15.97 -27.68 -16.62
CA LYS A 371 16.70 -28.69 -17.41
C LYS A 371 17.65 -29.47 -16.48
N LYS A 372 17.94 -28.89 -15.31
CA LYS A 372 18.77 -29.53 -14.30
C LYS A 372 17.95 -30.59 -13.54
N ARG A 373 18.65 -31.36 -12.74
CA ARG A 373 18.05 -32.37 -11.93
C ARG A 373 18.10 -31.88 -10.44
N LEU A 374 17.09 -31.10 -10.10
CA LEU A 374 16.98 -30.47 -8.79
C LEU A 374 16.29 -31.42 -7.78
N GLY A 375 16.75 -31.41 -6.53
CA GLY A 375 16.06 -32.11 -5.48
C GLY A 375 14.75 -31.42 -5.20
N SER A 376 13.91 -32.06 -4.40
CA SER A 376 12.59 -31.47 -4.09
C SER A 376 12.11 -31.83 -2.72
N TRP A 377 11.10 -31.09 -2.23
CA TRP A 377 10.35 -31.50 -1.04
C TRP A 377 8.92 -31.02 -1.20
N SER A 378 8.06 -31.34 -0.22
CA SER A 378 6.65 -31.07 -0.28
C SER A 378 6.42 -29.57 0.02
N TRP A 379 5.60 -28.92 -0.81
CA TRP A 379 5.23 -27.51 -0.57
C TRP A 379 3.79 -27.36 -0.08
N HIS A 380 3.44 -28.15 0.95
CA HIS A 380 2.06 -28.14 1.43
C HIS A 380 1.71 -26.74 2.01
N ASP A 381 0.44 -26.56 2.31
CA ASP A 381 -0.06 -25.31 2.82
C ASP A 381 0.70 -24.86 4.11
N GLY A 382 0.81 -25.75 5.09
CA GLY A 382 1.53 -25.45 6.32
C GLY A 382 0.77 -24.80 7.51
N ALA A 383 -0.53 -24.54 7.34
CA ALA A 383 -1.30 -24.03 8.47
C ALA A 383 -1.75 -25.18 9.37
N GLU A 384 -1.90 -24.90 10.68
CA GLU A 384 -2.44 -25.88 11.60
C GLU A 384 -3.93 -25.59 11.79
N ILE A 385 -4.77 -26.50 11.32
CA ILE A 385 -6.21 -26.29 11.42
C ILE A 385 -6.62 -26.11 12.89
N ILE A 386 -5.88 -26.71 13.81
CA ILE A 386 -6.26 -26.59 15.26
C ILE A 386 -6.29 -25.14 15.71
N TYR A 387 -5.40 -24.33 15.11
CA TYR A 387 -5.32 -22.90 15.48
C TYR A 387 -6.59 -22.16 15.09
N PHE A 388 -7.41 -22.74 14.21
CA PHE A 388 -8.64 -22.07 13.75
C PHE A 388 -9.90 -22.57 14.46
N GLU A 389 -9.71 -23.49 15.41
CA GLU A 389 -10.80 -24.13 16.20
C GLU A 389 -11.15 -23.35 17.50
N ARG B 1 20.72 3.04 -15.27
CA ARG B 1 21.44 3.63 -16.45
C ARG B 1 22.67 2.78 -16.86
N THR B 2 23.54 2.39 -15.90
CA THR B 2 24.79 1.66 -16.19
C THR B 2 25.25 0.61 -15.14
N PHE B 3 26.07 -0.36 -15.55
CA PHE B 3 26.69 -1.30 -14.62
C PHE B 3 27.61 -0.61 -13.63
N LEU B 4 27.43 -0.88 -12.36
CA LEU B 4 28.28 -0.27 -11.34
C LEU B 4 29.76 -0.73 -11.43
N ASN B 5 30.67 0.24 -11.27
CA ASN B 5 32.11 -0.08 -11.22
C ASN B 5 32.62 0.24 -9.81
N LEU B 6 33.36 -0.70 -9.19
CA LEU B 6 33.93 -0.53 -7.83
C LEU B 6 35.21 0.32 -7.78
N THR B 7 35.21 1.45 -8.48
CA THR B 7 36.45 2.16 -8.70
C THR B 7 36.84 3.03 -7.52
N LYS B 8 35.86 3.44 -6.73
CA LYS B 8 36.11 4.37 -5.62
C LYS B 8 36.74 3.68 -4.41
N PRO B 9 37.55 4.43 -3.61
CA PRO B 9 38.12 3.91 -2.38
C PRO B 9 37.12 4.01 -1.20
N LEU B 10 37.42 3.33 -0.09
CA LEU B 10 36.54 3.41 1.07
C LEU B 10 36.67 4.78 1.73
N CYS B 11 35.57 5.31 2.26
CA CYS B 11 35.63 6.56 3.06
C CYS B 11 36.38 6.37 4.37
N GLU B 12 37.08 7.41 4.84
CA GLU B 12 37.66 7.42 6.16
C GLU B 12 36.55 7.30 7.17
N VAL B 13 36.73 6.43 8.19
CA VAL B 13 35.67 6.25 9.22
C VAL B 13 36.20 6.44 10.65
N ASN B 14 35.60 7.35 11.43
CA ASN B 14 36.02 7.57 12.79
C ASN B 14 34.96 7.29 13.86
N SER B 15 33.69 7.21 13.45
CA SER B 15 32.57 6.85 14.31
C SER B 15 31.41 6.47 13.38
N TRP B 16 30.28 6.02 13.96
CA TRP B 16 29.16 5.42 13.21
C TRP B 16 27.85 6.21 13.49
N HIS B 17 27.15 6.62 12.42
CA HIS B 17 25.92 7.39 12.59
C HIS B 17 24.72 6.48 12.27
N ILE B 18 23.59 6.73 12.90
CA ILE B 18 22.39 5.93 12.69
C ILE B 18 21.86 6.13 11.26
N LEU B 19 21.54 5.03 10.57
CA LEU B 19 20.95 5.13 9.25
C LEU B 19 19.48 4.77 9.32
N SER B 20 19.15 3.61 9.92
CA SER B 20 17.79 3.17 10.00
C SER B 20 17.59 2.21 11.16
N LYS B 21 16.31 2.05 11.54
CA LYS B 21 15.89 1.16 12.61
C LYS B 21 14.41 0.92 12.41
N ASP B 22 14.01 -0.36 12.32
CA ASP B 22 12.60 -0.63 12.04
C ASP B 22 11.67 -0.92 13.23
N ASN B 23 12.25 -1.21 14.38
CA ASN B 23 11.45 -1.42 15.57
C ASN B 23 10.32 -2.46 15.36
N ALA B 24 10.62 -3.46 14.54
CA ALA B 24 9.65 -4.46 14.14
C ALA B 24 8.92 -5.21 15.28
N ILE B 25 9.66 -5.57 16.33
CA ILE B 25 9.10 -6.35 17.41
C ILE B 25 8.17 -5.46 18.24
N ARG B 26 8.61 -4.24 18.51
CA ARG B 26 7.68 -3.31 19.26
C ARG B 26 6.35 -3.12 18.50
N ILE B 27 6.48 -2.85 17.18
CA ILE B 27 5.33 -2.57 16.34
C ILE B 27 4.49 -3.87 16.19
N GLY B 28 5.19 -4.96 15.89
CA GLY B 28 4.59 -6.27 15.69
C GLY B 28 3.87 -6.88 16.86
N GLU B 29 4.01 -6.30 18.06
CA GLU B 29 3.22 -6.72 19.23
C GLU B 29 1.73 -6.51 18.99
N ASP B 30 1.38 -5.61 18.07
CA ASP B 30 -0.03 -5.25 17.80
C ASP B 30 -0.35 -5.22 16.29
N ALA B 31 0.57 -4.73 15.48
CA ALA B 31 0.35 -4.64 14.04
C ALA B 31 0.65 -6.02 13.43
N HIS B 32 0.37 -6.16 12.12
CA HIS B 32 0.58 -7.45 11.42
C HIS B 32 1.97 -7.46 10.84
N ILE B 33 2.95 -7.94 11.59
CA ILE B 33 4.33 -7.89 11.20
C ILE B 33 4.79 -9.34 11.05
N LEU B 34 5.51 -9.61 9.98
CA LEU B 34 5.95 -10.98 9.71
C LEU B 34 7.09 -11.38 10.64
N VAL B 35 7.14 -12.68 10.99
CA VAL B 35 8.26 -13.23 11.73
C VAL B 35 9.43 -13.33 10.74
N THR B 36 10.65 -12.94 11.18
CA THR B 36 11.81 -13.02 10.28
C THR B 36 13.05 -13.51 11.04
N ARG B 37 14.16 -13.62 10.31
CA ARG B 37 15.54 -13.74 10.84
C ARG B 37 16.46 -13.61 9.64
N GLU B 38 17.76 -13.54 9.89
CA GLU B 38 18.75 -13.38 8.83
C GLU B 38 18.47 -12.16 7.93
N PRO B 39 18.30 -10.97 8.52
CA PRO B 39 18.08 -9.73 7.74
C PRO B 39 19.35 -9.12 7.23
N TYR B 40 19.18 -8.14 6.32
CA TYR B 40 20.29 -7.36 5.85
C TYR B 40 19.72 -6.15 5.11
N LEU B 41 20.60 -5.32 4.56
CA LEU B 41 20.22 -4.21 3.68
C LEU B 41 20.99 -4.33 2.36
N SER B 42 20.44 -3.71 1.34
CA SER B 42 21.05 -3.67 0.00
C SER B 42 20.48 -2.47 -0.74
N CYS B 43 21.32 -1.82 -1.53
CA CYS B 43 20.93 -0.55 -2.15
C CYS B 43 20.93 -0.66 -3.66
N ASP B 44 20.26 0.29 -4.31
CA ASP B 44 20.35 0.35 -5.80
C ASP B 44 20.38 1.85 -6.17
N PRO B 45 20.33 2.22 -7.46
CA PRO B 45 20.48 3.64 -7.82
C PRO B 45 19.43 4.53 -7.22
N GLN B 46 18.28 4.00 -6.86
CA GLN B 46 17.20 4.81 -6.28
C GLN B 46 17.24 4.96 -4.74
N GLY B 47 17.77 3.96 -4.03
CA GLY B 47 17.84 4.01 -2.56
C GLY B 47 18.23 2.67 -1.92
N CYS B 48 17.86 2.49 -0.64
CA CYS B 48 18.21 1.23 0.07
C CYS B 48 16.96 0.53 0.58
N ARG B 49 17.03 -0.80 0.63
CA ARG B 49 15.92 -1.61 1.11
C ARG B 49 16.37 -2.59 2.20
N MET B 50 15.42 -3.02 3.05
CA MET B 50 15.75 -3.99 4.08
C MET B 50 15.33 -5.33 3.54
N PHE B 51 16.06 -6.37 3.93
CA PHE B 51 15.78 -7.74 3.44
C PHE B 51 15.75 -8.68 4.63
N ALA B 52 15.11 -9.83 4.46
CA ALA B 52 15.17 -10.88 5.50
C ALA B 52 14.42 -12.10 5.04
N LEU B 53 14.53 -13.20 5.80
CA LEU B 53 13.83 -14.42 5.50
C LEU B 53 12.65 -14.47 6.39
N SER B 54 11.46 -14.33 5.82
CA SER B 54 10.23 -14.40 6.54
C SER B 54 10.09 -15.85 7.01
N GLN B 55 9.19 -16.09 7.97
CA GLN B 55 8.88 -17.47 8.34
C GLN B 55 7.45 -17.80 7.94
N GLY B 56 6.84 -16.94 7.13
CA GLY B 56 5.52 -17.23 6.58
C GLY B 56 4.40 -17.19 7.62
N THR B 57 4.48 -16.21 8.54
CA THR B 57 3.49 -16.01 9.58
C THR B 57 3.74 -14.68 10.21
N THR B 58 2.74 -14.11 10.90
CA THR B 58 2.94 -12.90 11.68
C THR B 58 3.43 -13.22 13.10
N LEU B 59 3.99 -12.21 13.76
CA LEU B 59 4.59 -12.35 15.04
C LEU B 59 3.58 -12.76 16.12
N ARG B 60 2.36 -12.19 16.07
CA ARG B 60 1.31 -12.49 17.02
C ARG B 60 0.46 -13.70 16.55
N GLY B 61 0.71 -14.23 15.36
CA GLY B 61 -0.11 -15.34 14.90
C GLY B 61 0.28 -16.60 15.69
N ARG B 62 -0.63 -17.56 15.75
CA ARG B 62 -0.35 -18.84 16.39
C ARG B 62 0.74 -19.61 15.64
N HIS B 63 0.88 -19.36 14.32
CA HIS B 63 2.00 -20.01 13.58
C HIS B 63 3.39 -19.47 13.91
N ALA B 64 3.50 -18.40 14.66
CA ALA B 64 4.84 -17.91 15.06
C ALA B 64 5.47 -18.95 16.03
N ASN B 65 4.60 -19.77 16.60
CA ASN B 65 5.01 -20.85 17.44
C ASN B 65 5.87 -21.88 16.74
N GLY B 66 7.11 -22.05 17.20
CA GLY B 66 8.05 -22.99 16.62
C GLY B 66 8.99 -22.34 15.58
N THR B 67 9.01 -21.00 15.51
CA THR B 67 9.79 -20.32 14.46
C THR B 67 11.30 -20.24 14.78
N ILE B 68 11.75 -20.83 15.90
CA ILE B 68 13.21 -20.97 16.10
C ILE B 68 13.84 -21.82 14.94
N HIS B 69 13.03 -22.70 14.33
CA HIS B 69 13.50 -23.67 13.33
C HIS B 69 13.99 -22.86 12.13
N ASP B 70 15.14 -23.22 11.58
CA ASP B 70 15.75 -22.44 10.54
C ASP B 70 15.18 -22.70 9.11
N ARG B 71 14.76 -23.94 8.85
CA ARG B 71 14.34 -24.29 7.49
C ARG B 71 12.98 -24.93 7.35
N SER B 72 12.12 -24.34 6.53
CA SER B 72 10.79 -24.89 6.24
C SER B 72 10.38 -24.46 4.84
N PRO B 73 9.35 -25.10 4.29
CA PRO B 73 8.80 -24.67 2.99
C PRO B 73 8.03 -23.37 3.06
N PHE B 74 7.97 -22.75 4.24
CA PHE B 74 7.16 -21.54 4.45
C PHE B 74 7.97 -20.25 4.52
N ARG B 75 9.31 -20.37 4.41
CA ARG B 75 10.18 -19.20 4.36
C ARG B 75 10.40 -18.65 2.96
N ALA B 76 10.69 -17.35 2.86
CA ALA B 76 11.02 -16.70 1.59
C ALA B 76 11.79 -15.46 1.89
N LEU B 77 12.64 -15.05 0.94
CA LEU B 77 13.30 -13.73 1.03
C LEU B 77 12.35 -12.60 0.66
N ILE B 78 12.19 -11.64 1.57
CA ILE B 78 11.33 -10.49 1.32
C ILE B 78 12.16 -9.26 1.46
N SER B 79 11.76 -8.19 0.73
CA SER B 79 12.44 -6.88 0.78
C SER B 79 11.39 -5.84 0.99
N TRP B 80 11.78 -4.72 1.56
CA TRP B 80 10.82 -3.69 1.82
C TRP B 80 11.54 -2.37 2.02
N GLU B 81 10.78 -1.28 1.92
CA GLU B 81 11.34 0.05 2.01
C GLU B 81 12.08 0.25 3.36
N MET B 82 13.33 0.70 3.30
CA MET B 82 14.16 0.83 4.51
C MET B 82 13.47 1.68 5.63
N GLY B 83 13.47 1.17 6.87
CA GLY B 83 12.84 1.88 7.97
C GLY B 83 11.47 1.35 8.40
N GLN B 84 10.59 0.97 7.44
CA GLN B 84 9.35 0.33 7.79
C GLN B 84 9.63 -1.04 8.36
N ALA B 85 8.66 -1.60 9.07
CA ALA B 85 8.74 -2.97 9.58
C ALA B 85 8.14 -3.87 8.51
N PRO B 86 8.56 -5.13 8.46
CA PRO B 86 8.06 -6.04 7.40
C PRO B 86 6.65 -6.57 7.71
N SER B 87 5.66 -6.14 6.92
CA SER B 87 4.30 -6.66 7.08
C SER B 87 3.94 -7.45 5.84
N PRO B 88 2.83 -8.16 5.90
CA PRO B 88 2.32 -8.89 4.72
C PRO B 88 1.83 -7.92 3.66
N TYR B 89 1.75 -6.64 3.99
CA TYR B 89 1.21 -5.63 3.06
C TYR B 89 2.26 -4.73 2.31
N ASN B 90 3.50 -4.68 2.80
CA ASN B 90 4.50 -3.79 2.21
C ASN B 90 5.75 -4.55 1.83
N THR B 91 5.70 -5.87 1.69
CA THR B 91 6.91 -6.64 1.37
C THR B 91 6.81 -7.30 0.03
N ARG B 92 7.95 -7.34 -0.63
CA ARG B 92 8.10 -7.97 -1.94
C ARG B 92 8.80 -9.31 -1.75
N VAL B 93 8.23 -10.38 -2.27
CA VAL B 93 8.89 -11.69 -2.23
C VAL B 93 9.94 -11.75 -3.36
N GLU B 94 11.22 -11.81 -2.95
CA GLU B 94 12.35 -11.87 -3.86
C GLU B 94 12.47 -13.30 -4.45
N CYS B 95 12.31 -14.32 -3.63
CA CYS B 95 12.45 -15.71 -4.01
C CYS B 95 12.04 -16.53 -2.80
N ILE B 96 11.95 -17.85 -3.00
CA ILE B 96 11.47 -18.75 -1.98
C ILE B 96 12.64 -19.59 -1.47
N GLY B 97 12.77 -19.70 -0.14
CA GLY B 97 13.77 -20.59 0.47
C GLY B 97 14.18 -20.13 1.86
N TRP B 98 15.34 -20.61 2.32
CA TRP B 98 15.70 -20.44 3.70
C TRP B 98 17.19 -20.09 3.89
N SER B 99 17.75 -19.61 2.81
CA SER B 99 19.08 -19.00 2.79
C SER B 99 19.12 -18.14 1.57
N SER B 100 19.75 -16.97 1.69
CA SER B 100 19.68 -16.05 0.58
C SER B 100 20.82 -15.07 0.48
N THR B 101 20.89 -14.45 -0.70
CA THR B 101 21.74 -13.25 -0.88
C THR B 101 21.09 -12.37 -1.93
N SER B 102 21.52 -11.11 -2.03
CA SER B 102 20.98 -10.25 -3.06
C SER B 102 21.89 -9.03 -3.33
N CYS B 103 21.82 -8.51 -4.54
CA CYS B 103 22.62 -7.32 -4.91
C CYS B 103 22.18 -6.76 -6.25
N HIS B 104 22.40 -5.47 -6.43
CA HIS B 104 22.08 -4.77 -7.66
C HIS B 104 23.35 -4.49 -8.43
N ASP B 105 23.33 -4.78 -9.74
CA ASP B 105 24.55 -4.55 -10.53
C ASP B 105 24.60 -3.15 -11.13
N GLY B 106 23.56 -2.36 -10.87
CA GLY B 106 23.47 -1.00 -11.41
C GLY B 106 22.34 -0.90 -12.42
N MET B 107 22.08 -1.99 -13.12
CA MET B 107 20.92 -2.14 -14.03
C MET B 107 19.72 -2.82 -13.35
N SER B 108 19.96 -3.99 -12.75
CA SER B 108 18.87 -4.75 -12.14
C SER B 108 19.38 -5.50 -10.90
N ARG B 109 18.43 -6.03 -10.10
CA ARG B 109 18.75 -6.72 -8.87
C ARG B 109 18.78 -8.24 -9.08
N MET B 110 19.81 -8.89 -8.56
CA MET B 110 19.88 -10.33 -8.57
C MET B 110 19.54 -10.77 -7.15
N SER B 111 18.70 -11.80 -7.01
CA SER B 111 18.36 -12.33 -5.67
C SER B 111 18.46 -13.86 -5.75
N ILE B 112 19.01 -14.49 -4.72
CA ILE B 112 19.18 -15.91 -4.79
C ILE B 112 18.64 -16.49 -3.50
N CYS B 113 17.89 -17.60 -3.60
CA CYS B 113 17.37 -18.35 -2.42
C CYS B 113 17.62 -19.84 -2.60
N MET B 114 18.09 -20.51 -1.54
CA MET B 114 18.16 -21.98 -1.53
C MET B 114 16.95 -22.52 -0.84
N SER B 115 16.44 -23.68 -1.28
CA SER B 115 15.31 -24.33 -0.62
C SER B 115 15.40 -25.82 -0.81
N GLY B 116 14.54 -26.55 -0.11
CA GLY B 116 14.46 -28.01 -0.26
C GLY B 116 14.96 -28.73 1.02
N PRO B 117 15.03 -30.07 0.96
CA PRO B 117 15.42 -30.87 2.12
C PRO B 117 16.95 -30.69 2.31
N ASN B 118 17.47 -31.07 3.48
CA ASN B 118 18.93 -30.90 3.74
C ASN B 118 19.79 -31.64 2.73
N ASN B 119 19.38 -32.85 2.35
CA ASN B 119 20.26 -33.66 1.54
C ASN B 119 20.06 -33.35 0.05
N ASN B 120 19.30 -32.30 -0.30
CA ASN B 120 18.93 -32.12 -1.70
C ASN B 120 18.40 -30.69 -1.97
N ALA B 121 19.06 -29.69 -1.43
CA ALA B 121 18.59 -28.33 -1.56
C ALA B 121 19.01 -27.84 -2.96
N SER B 122 18.45 -26.72 -3.37
CA SER B 122 18.77 -26.13 -4.65
C SER B 122 18.65 -24.60 -4.58
N ALA B 123 19.48 -23.91 -5.36
CA ALA B 123 19.38 -22.45 -5.47
C ALA B 123 18.65 -22.09 -6.74
N VAL B 124 17.84 -21.03 -6.67
CA VAL B 124 17.25 -20.43 -7.84
C VAL B 124 17.76 -19.00 -7.87
N VAL B 125 18.35 -18.59 -8.98
CA VAL B 125 18.98 -17.29 -9.09
C VAL B 125 18.02 -16.41 -9.95
N TRP B 126 17.63 -15.28 -9.40
CA TRP B 126 16.65 -14.39 -10.02
C TRP B 126 17.33 -13.13 -10.50
N TYR B 127 16.77 -12.52 -11.58
CA TYR B 127 17.32 -11.27 -12.05
C TYR B 127 16.22 -10.39 -12.63
N GLY B 128 16.16 -9.13 -12.18
CA GLY B 128 15.15 -8.20 -12.64
C GLY B 128 13.78 -8.77 -12.39
N GLY B 129 13.64 -9.59 -11.34
CA GLY B 129 12.35 -10.16 -10.99
C GLY B 129 11.94 -11.43 -11.70
N ARG B 130 12.84 -12.00 -12.52
CA ARG B 130 12.57 -13.27 -13.21
C ARG B 130 13.56 -14.38 -12.86
N PRO B 131 13.12 -15.65 -12.78
CA PRO B 131 14.02 -16.76 -12.43
C PRO B 131 14.97 -17.05 -13.58
N ILE B 132 16.29 -17.02 -13.33
CA ILE B 132 17.23 -17.20 -14.42
C ILE B 132 17.89 -18.57 -14.45
N THR B 133 18.33 -19.02 -13.29
CA THR B 133 19.25 -20.18 -13.23
C THR B 133 18.88 -20.94 -11.95
N GLU B 134 19.12 -22.25 -12.01
CA GLU B 134 18.92 -23.11 -10.87
C GLU B 134 20.28 -23.82 -10.61
N ILE B 135 20.58 -24.13 -9.34
CA ILE B 135 21.84 -24.80 -9.00
C ILE B 135 21.54 -25.85 -7.98
N PRO B 136 21.72 -27.12 -8.33
CA PRO B 136 21.52 -28.18 -7.36
C PRO B 136 22.68 -28.32 -6.32
N SER B 137 22.35 -28.84 -5.13
CA SER B 137 23.38 -29.13 -4.09
C SER B 137 24.51 -29.98 -4.70
N TRP B 138 25.77 -29.68 -4.36
CA TRP B 138 26.89 -30.49 -4.85
C TRP B 138 27.46 -31.38 -3.76
N ALA B 139 27.09 -31.13 -2.50
CA ALA B 139 27.61 -31.98 -1.44
C ALA B 139 26.49 -32.63 -0.60
N GLY B 140 25.22 -32.42 -0.97
CA GLY B 140 24.09 -33.04 -0.31
C GLY B 140 23.95 -32.70 1.17
N ASN B 141 24.32 -31.46 1.54
CA ASN B 141 24.23 -31.09 2.95
C ASN B 141 23.97 -29.60 3.14
N ILE B 142 22.73 -29.20 3.00
CA ILE B 142 22.31 -27.82 3.23
C ILE B 142 23.08 -26.79 2.42
N LEU B 143 23.00 -26.89 1.08
CA LEU B 143 23.51 -25.79 0.22
C LEU B 143 23.00 -24.44 0.78
N ARG B 144 23.94 -23.50 1.04
CA ARG B 144 23.57 -22.23 1.69
C ARG B 144 24.52 -21.13 1.22
N THR B 145 24.17 -19.89 1.55
CA THR B 145 24.93 -18.75 1.13
C THR B 145 25.02 -17.60 2.20
N GLN B 146 25.19 -16.37 1.73
CA GLN B 146 25.73 -15.28 2.54
C GLN B 146 24.85 -14.75 3.68
N GLU B 147 23.53 -14.61 3.43
CA GLU B 147 22.63 -13.98 4.39
C GLU B 147 22.89 -12.45 4.56
N SER B 148 23.58 -11.86 3.58
CA SER B 148 23.69 -10.40 3.44
C SER B 148 24.03 -10.17 1.93
N GLU B 149 24.16 -8.89 1.54
CA GLU B 149 24.25 -8.58 0.14
C GLU B 149 25.50 -9.07 -0.56
N CYS B 150 25.37 -9.35 -1.87
CA CYS B 150 26.55 -9.58 -2.68
C CYS B 150 27.04 -8.23 -3.29
N VAL B 151 28.01 -8.25 -4.17
CA VAL B 151 28.62 -7.03 -4.72
C VAL B 151 28.92 -7.30 -6.15
N CYS B 152 28.66 -6.30 -7.00
CA CYS B 152 28.89 -6.45 -8.42
C CYS B 152 29.89 -5.40 -8.94
N HIS B 153 30.60 -5.78 -10.02
CA HIS B 153 31.52 -4.88 -10.70
C HIS B 153 31.45 -5.15 -12.20
N LYS B 154 31.13 -4.12 -13.01
CA LYS B 154 30.98 -4.29 -14.45
C LYS B 154 30.00 -5.40 -14.82
N GLY B 155 28.96 -5.55 -14.02
CA GLY B 155 27.93 -6.59 -14.23
C GLY B 155 28.22 -7.99 -13.69
N VAL B 156 29.42 -8.20 -13.18
CA VAL B 156 29.84 -9.48 -12.61
C VAL B 156 29.65 -9.42 -11.08
N CYS B 157 28.81 -10.31 -10.56
CA CYS B 157 28.56 -10.31 -9.12
C CYS B 157 28.98 -11.64 -8.55
N PRO B 158 30.10 -11.70 -7.86
CA PRO B 158 30.52 -12.98 -7.24
C PRO B 158 29.66 -13.31 -6.00
N VAL B 159 29.36 -14.59 -5.83
CA VAL B 159 28.58 -15.03 -4.66
C VAL B 159 29.30 -16.18 -4.01
N VAL B 160 29.45 -16.15 -2.69
CA VAL B 160 30.07 -17.27 -1.99
C VAL B 160 28.98 -18.22 -1.50
N MET B 161 29.16 -19.53 -1.74
CA MET B 161 28.18 -20.56 -1.32
C MET B 161 28.92 -21.74 -0.67
N THR B 162 28.27 -22.38 0.27
CA THR B 162 28.82 -23.55 0.95
C THR B 162 27.81 -24.68 0.97
N ASP B 163 28.34 -25.90 0.86
CA ASP B 163 27.54 -27.12 0.90
C ASP B 163 28.41 -28.12 1.63
N GLY B 164 27.87 -28.72 2.70
CA GLY B 164 28.69 -29.61 3.49
C GLY B 164 28.50 -29.39 5.01
N PRO B 165 29.18 -30.21 5.82
CA PRO B 165 28.99 -30.18 7.29
C PRO B 165 29.21 -28.75 7.83
N ALA B 166 28.51 -28.47 8.89
CA ALA B 166 28.62 -27.23 9.64
C ALA B 166 29.77 -27.35 10.68
N ASN B 167 30.22 -28.58 10.95
CA ASN B 167 31.11 -28.83 12.09
C ASN B 167 32.28 -29.66 11.60
N ASN B 168 32.56 -29.55 10.31
CA ASN B 168 33.70 -30.23 9.67
C ASN B 168 33.95 -29.58 8.32
N ARG B 169 35.06 -29.96 7.68
CA ARG B 169 35.42 -29.50 6.33
C ARG B 169 34.19 -29.55 5.44
N ALA B 170 33.99 -28.50 4.62
CA ALA B 170 32.81 -28.45 3.74
C ALA B 170 33.26 -28.05 2.33
N ALA B 171 32.31 -27.90 1.42
CA ALA B 171 32.62 -27.61 0.05
C ALA B 171 32.12 -26.21 -0.31
N THR B 172 33.03 -25.25 -0.37
CA THR B 172 32.69 -23.85 -0.69
C THR B 172 33.07 -23.51 -2.10
N LYS B 173 32.16 -22.81 -2.76
CA LYS B 173 32.43 -22.27 -4.10
C LYS B 173 32.20 -20.79 -4.25
N ILE B 174 32.91 -20.18 -5.19
CA ILE B 174 32.67 -18.81 -5.57
C ILE B 174 32.07 -18.86 -6.98
N ILE B 175 30.82 -18.38 -7.08
CA ILE B 175 30.16 -18.38 -8.39
C ILE B 175 29.98 -16.97 -8.86
N TYR B 176 30.52 -16.69 -10.06
CA TYR B 176 30.46 -15.39 -10.63
C TYR B 176 29.27 -15.31 -11.59
N PHE B 177 28.34 -14.39 -11.31
CA PHE B 177 27.13 -14.22 -12.10
C PHE B 177 27.14 -12.93 -12.91
N LYS B 178 26.41 -12.93 -14.02
CA LYS B 178 26.16 -11.72 -14.79
C LYS B 178 24.76 -11.86 -15.30
N GLU B 179 23.85 -10.95 -14.93
CA GLU B 179 22.45 -11.03 -15.34
C GLU B 179 21.85 -12.36 -14.93
N GLY B 180 22.30 -12.89 -13.77
CA GLY B 180 21.81 -14.15 -13.26
C GLY B 180 22.34 -15.42 -13.93
N LYS B 181 23.25 -15.28 -14.90
CA LYS B 181 23.80 -16.43 -15.62
C LYS B 181 25.18 -16.70 -15.03
N ILE B 182 25.54 -17.98 -14.88
CA ILE B 182 26.86 -18.35 -14.35
C ILE B 182 27.95 -18.04 -15.38
N GLN B 183 28.95 -17.24 -15.00
CA GLN B 183 30.08 -16.92 -15.87
C GLN B 183 31.26 -17.84 -15.53
N LYS B 184 31.35 -18.27 -14.26
CA LYS B 184 32.52 -19.04 -13.80
C LYS B 184 32.26 -19.52 -12.37
N ILE B 185 32.70 -20.73 -12.08
CA ILE B 185 32.58 -21.31 -10.77
C ILE B 185 33.99 -21.68 -10.30
N GLU B 186 34.34 -21.32 -9.05
CA GLU B 186 35.63 -21.68 -8.45
C GLU B 186 35.46 -22.41 -7.14
N GLU B 187 36.30 -23.42 -6.94
CA GLU B 187 36.39 -24.10 -5.64
C GLU B 187 37.17 -23.20 -4.70
N LEU B 188 36.71 -23.09 -3.44
CA LEU B 188 37.44 -22.24 -2.48
C LEU B 188 38.91 -22.71 -2.39
N ALA B 189 39.83 -21.76 -2.43
CA ALA B 189 41.27 -22.03 -2.29
C ALA B 189 41.81 -21.16 -1.18
N GLY B 190 43.08 -21.35 -0.80
CA GLY B 190 43.67 -20.54 0.25
C GLY B 190 43.68 -21.24 1.58
N ASN B 191 43.87 -20.47 2.63
CA ASN B 191 44.06 -20.99 3.98
C ASN B 191 42.83 -20.98 4.88
N ALA B 192 41.73 -20.36 4.46
CA ALA B 192 40.50 -20.43 5.28
C ALA B 192 40.02 -21.87 5.33
N GLN B 193 39.74 -22.39 6.51
CA GLN B 193 39.47 -23.82 6.62
C GLN B 193 37.97 -24.16 6.59
N HIS B 194 37.12 -23.14 6.77
CA HIS B 194 35.67 -23.36 6.73
C HIS B 194 35.04 -22.00 6.46
N ILE B 195 34.04 -21.98 5.58
CA ILE B 195 33.41 -20.74 5.21
C ILE B 195 31.91 -20.77 5.25
N GLU B 196 31.39 -19.77 5.94
CA GLU B 196 29.92 -19.58 6.00
C GLU B 196 29.51 -18.09 5.98
N GLU B 197 28.30 -17.83 5.45
CA GLU B 197 27.64 -16.52 5.66
C GLU B 197 28.57 -15.30 5.46
N CYS B 198 29.22 -15.20 4.29
CA CYS B 198 30.16 -14.10 4.02
C CYS B 198 29.50 -12.73 3.98
N SER B 199 30.12 -11.73 4.65
CA SER B 199 29.62 -10.34 4.57
C SER B 199 30.62 -9.57 3.68
N CYS B 200 30.17 -9.14 2.52
CA CYS B 200 31.06 -8.64 1.46
C CYS B 200 30.87 -7.15 1.13
N TYR B 201 31.95 -6.51 0.71
CA TYR B 201 31.86 -5.14 0.23
C TYR B 201 33.01 -4.87 -0.76
N GLY B 202 32.85 -3.87 -1.62
CA GLY B 202 33.83 -3.58 -2.64
C GLY B 202 34.45 -2.19 -2.49
N ALA B 203 35.69 -2.04 -2.95
CA ALA B 203 36.31 -0.73 -3.05
C ALA B 203 37.58 -0.89 -3.88
N GLY B 204 37.93 0.13 -4.67
CA GLY B 204 39.13 0.08 -5.56
C GLY B 204 39.25 -1.21 -6.38
N GLY B 205 38.15 -1.71 -6.91
CA GLY B 205 38.16 -2.87 -7.78
C GLY B 205 38.31 -4.20 -7.03
N VAL B 206 38.29 -4.17 -5.70
CA VAL B 206 38.57 -5.39 -4.94
C VAL B 206 37.36 -5.66 -4.05
N ILE B 207 36.96 -6.93 -3.96
CA ILE B 207 35.85 -7.35 -3.09
C ILE B 207 36.40 -8.18 -1.93
N LYS B 208 36.16 -7.74 -0.71
CA LYS B 208 36.56 -8.51 0.47
C LYS B 208 35.31 -9.05 1.14
N CYS B 209 35.37 -10.39 1.40
CA CYS B 209 34.29 -11.05 2.12
C CYS B 209 34.83 -11.53 3.48
N ILE B 210 34.19 -11.07 4.57
CA ILE B 210 34.58 -11.47 5.88
C ILE B 210 33.52 -12.50 6.33
N CYS B 211 33.97 -13.69 6.70
CA CYS B 211 33.03 -14.76 6.91
C CYS B 211 33.04 -15.40 8.28
N ARG B 212 32.30 -16.50 8.39
CA ARG B 212 32.16 -17.27 9.63
C ARG B 212 32.70 -18.69 9.45
N ASP B 213 33.73 -19.01 10.25
CA ASP B 213 34.34 -20.33 10.19
C ASP B 213 33.59 -21.00 11.33
N ASN B 214 32.66 -21.89 10.99
CA ASN B 214 31.87 -22.60 12.03
C ASN B 214 32.52 -23.88 12.59
N TRP B 215 33.64 -24.28 11.98
CA TRP B 215 34.35 -25.48 12.31
C TRP B 215 35.44 -25.26 13.41
N LYS B 216 36.37 -24.33 13.17
CA LYS B 216 37.48 -24.10 14.09
C LYS B 216 37.67 -22.68 14.63
N GLY B 217 37.82 -21.69 13.73
CA GLY B 217 38.34 -20.39 14.17
C GLY B 217 37.38 -19.47 14.87
N ALA B 218 37.88 -18.75 15.88
CA ALA B 218 37.14 -17.69 16.54
C ALA B 218 37.62 -16.41 15.88
N ASN B 219 38.63 -16.52 15.03
CA ASN B 219 38.98 -15.40 14.16
C ASN B 219 38.20 -15.60 12.85
N ARG B 220 37.91 -14.53 12.13
CA ARG B 220 37.09 -14.68 10.91
C ARG B 220 37.92 -14.85 9.66
N PRO B 221 37.51 -15.78 8.82
CA PRO B 221 38.13 -15.94 7.49
C PRO B 221 37.88 -14.77 6.55
N VAL B 222 38.86 -14.44 5.70
CA VAL B 222 38.74 -13.34 4.78
C VAL B 222 39.01 -13.88 3.38
N ILE B 223 38.02 -13.71 2.48
CA ILE B 223 38.18 -14.06 1.04
C ILE B 223 38.34 -12.77 0.24
N THR B 224 39.36 -12.72 -0.59
CA THR B 224 39.56 -11.51 -1.41
C THR B 224 39.27 -11.85 -2.87
N ILE B 225 38.32 -11.13 -3.48
CA ILE B 225 37.88 -11.50 -4.80
C ILE B 225 38.19 -10.42 -5.80
N ASP B 226 38.76 -10.81 -6.92
CA ASP B 226 39.01 -9.89 -8.05
C ASP B 226 37.88 -10.17 -9.03
N PRO B 227 36.91 -9.27 -9.13
CA PRO B 227 35.72 -9.49 -9.94
C PRO B 227 35.96 -9.40 -11.46
N GLU B 228 37.12 -8.86 -11.88
CA GLU B 228 37.44 -8.75 -13.31
C GLU B 228 38.13 -10.00 -13.81
N MET B 229 39.09 -10.48 -13.05
CA MET B 229 39.81 -11.71 -13.34
C MET B 229 38.97 -12.90 -12.93
N MET B 230 38.01 -12.67 -12.04
CA MET B 230 37.21 -13.76 -11.44
C MET B 230 38.09 -14.79 -10.78
N THR B 231 38.99 -14.29 -9.91
CA THR B 231 39.85 -15.17 -9.09
C THR B 231 39.86 -14.72 -7.62
N HIS B 232 40.39 -15.55 -6.73
CA HIS B 232 40.34 -15.18 -5.28
C HIS B 232 41.49 -15.81 -4.48
N THR B 233 41.66 -15.33 -3.27
CA THR B 233 42.55 -15.92 -2.28
C THR B 233 41.81 -15.87 -0.95
N SER B 234 42.20 -16.70 0.00
CA SER B 234 41.61 -16.67 1.33
C SER B 234 42.63 -16.88 2.44
N LYS B 235 42.31 -16.30 3.61
CA LYS B 235 43.12 -16.50 4.79
C LYS B 235 42.25 -16.07 5.98
N TYR B 236 42.87 -15.72 7.10
CA TYR B 236 42.08 -15.24 8.24
C TYR B 236 42.44 -13.81 8.52
N LEU B 237 41.55 -13.07 9.22
CA LEU B 237 41.91 -11.78 9.85
C LEU B 237 43.11 -12.01 10.71
N CYS B 238 44.10 -11.15 10.60
CA CYS B 238 45.41 -11.36 11.31
C CYS B 238 45.28 -10.93 12.80
N SER B 239 44.49 -9.90 13.03
CA SER B 239 44.35 -9.31 14.37
C SER B 239 44.15 -10.34 15.47
N LYS B 240 44.74 -10.07 16.62
CA LYS B 240 44.49 -10.83 17.86
C LYS B 240 43.08 -10.55 18.41
N VAL B 241 42.42 -9.51 17.92
CA VAL B 241 41.03 -9.18 18.31
C VAL B 241 40.06 -10.14 17.60
N LEU B 242 39.61 -11.16 18.32
CA LEU B 242 38.76 -12.22 17.80
C LEU B 242 37.33 -11.68 17.66
N THR B 243 36.66 -11.98 16.54
CA THR B 243 35.34 -11.37 16.31
C THR B 243 34.17 -12.30 16.02
N ASP B 244 34.42 -13.60 16.05
CA ASP B 244 33.33 -14.55 15.97
C ASP B 244 32.73 -14.71 17.36
N THR B 245 31.59 -15.39 17.46
CA THR B 245 31.00 -15.54 18.77
C THR B 245 30.86 -16.94 19.26
N SER B 246 31.33 -16.97 20.52
CA SER B 246 31.70 -18.05 21.37
C SER B 246 33.11 -18.01 20.84
N ARG B 247 33.87 -17.17 21.50
CA ARG B 247 35.29 -17.08 21.27
C ARG B 247 35.99 -17.16 22.65
N PRO B 248 37.28 -17.44 22.65
CA PRO B 248 38.05 -17.36 23.90
C PRO B 248 38.49 -15.93 24.09
N ASN B 249 39.16 -15.62 25.20
CA ASN B 249 39.85 -14.33 25.34
C ASN B 249 40.80 -14.07 24.18
N ASP B 250 40.94 -12.81 23.81
CA ASP B 250 41.85 -12.48 22.72
C ASP B 250 43.24 -12.91 23.16
N PRO B 251 43.96 -13.67 22.32
CA PRO B 251 45.32 -14.08 22.66
C PRO B 251 46.34 -12.89 22.42
N THR B 252 47.61 -13.15 22.68
CA THR B 252 48.65 -12.14 22.55
C THR B 252 48.84 -11.83 21.08
N ASN B 253 48.73 -12.85 20.22
CA ASN B 253 48.90 -12.69 18.77
C ASN B 253 47.78 -13.38 18.03
N GLY B 254 47.28 -12.76 16.96
CA GLY B 254 46.33 -13.49 16.14
C GLY B 254 47.11 -14.39 15.17
N ASN B 255 46.45 -14.91 14.15
CA ASN B 255 47.11 -15.76 13.19
C ASN B 255 46.50 -15.48 11.82
N CYS B 256 47.31 -14.98 10.90
CA CYS B 256 46.87 -14.63 9.53
C CYS B 256 46.42 -15.86 8.77
N ASP B 257 46.99 -17.02 9.07
CA ASP B 257 46.83 -18.17 8.13
C ASP B 257 46.27 -19.42 8.69
N ALA B 258 45.78 -19.34 9.92
CA ALA B 258 45.25 -20.52 10.58
C ALA B 258 44.25 -20.07 11.67
N PRO B 259 43.29 -20.93 11.97
CA PRO B 259 42.24 -20.58 12.93
C PRO B 259 42.75 -20.48 14.35
N ILE B 260 42.27 -19.47 15.06
CA ILE B 260 42.49 -19.36 16.49
C ILE B 260 41.26 -20.01 17.08
N THR B 261 41.44 -21.13 17.78
CA THR B 261 40.28 -21.92 18.26
C THR B 261 39.93 -21.65 19.69
N GLY B 262 38.85 -22.29 20.14
CA GLY B 262 38.37 -22.12 21.49
C GLY B 262 37.01 -21.45 21.57
N GLY B 263 36.49 -21.33 22.79
CA GLY B 263 35.27 -20.65 23.04
C GLY B 263 34.13 -21.60 23.34
N SER B 264 33.10 -21.07 24.01
CA SER B 264 31.97 -21.90 24.46
C SER B 264 30.73 -21.04 24.67
N PRO B 265 29.54 -21.56 24.41
CA PRO B 265 29.33 -22.90 23.85
C PRO B 265 28.97 -22.99 22.35
N ASP B 266 28.99 -21.91 21.59
CA ASP B 266 28.49 -22.02 20.18
C ASP B 266 29.60 -21.83 19.14
N PRO B 267 29.52 -22.55 18.03
CA PRO B 267 30.59 -22.55 17.02
C PRO B 267 30.71 -21.26 16.18
N GLY B 268 29.78 -20.30 16.23
CA GLY B 268 29.88 -19.24 15.23
C GLY B 268 28.65 -18.34 15.14
N VAL B 269 28.85 -17.14 14.56
CA VAL B 269 27.76 -16.25 14.19
C VAL B 269 28.23 -15.45 12.97
N LYS B 270 27.30 -15.00 12.13
CA LYS B 270 27.66 -14.24 10.93
C LYS B 270 28.13 -12.92 11.44
N GLY B 271 29.18 -12.37 10.79
CA GLY B 271 29.73 -11.10 11.20
C GLY B 271 30.38 -10.44 10.03
N PHE B 272 31.08 -9.35 10.30
CA PHE B 272 31.64 -8.60 9.16
C PHE B 272 32.83 -7.73 9.66
N ALA B 273 33.55 -7.10 8.71
CA ALA B 273 34.57 -6.10 9.05
C ALA B 273 34.89 -5.29 7.79
N PHE B 274 35.39 -4.09 8.00
CA PHE B 274 35.90 -3.27 6.96
C PHE B 274 37.40 -3.14 7.12
N LEU B 275 38.12 -3.52 6.08
CA LEU B 275 39.59 -3.65 6.09
C LEU B 275 40.25 -2.68 5.06
N ASP B 276 40.94 -1.69 5.59
CA ASP B 276 41.53 -0.63 4.80
C ASP B 276 42.72 -0.06 5.56
N GLY B 277 43.72 -0.91 5.81
CA GLY B 277 44.89 -0.44 6.54
C GLY B 277 44.53 0.21 7.88
N GLU B 278 44.96 1.47 8.07
CA GLU B 278 44.69 2.21 9.29
C GLU B 278 43.19 2.38 9.49
N ASN B 279 42.49 2.57 8.36
CA ASN B 279 41.03 2.77 8.36
C ASN B 279 40.29 1.42 8.43
N SER B 280 40.52 0.62 9.48
CA SER B 280 39.92 -0.73 9.59
C SER B 280 39.04 -0.81 10.81
N TRP B 281 37.84 -1.38 10.66
CA TRP B 281 36.90 -1.57 11.78
C TRP B 281 36.38 -2.98 11.86
N LEU B 282 36.32 -3.51 13.09
CA LEU B 282 35.82 -4.86 13.32
C LEU B 282 34.61 -4.78 14.23
N GLY B 283 33.53 -5.45 13.84
CA GLY B 283 32.34 -5.54 14.65
C GLY B 283 32.40 -6.86 15.39
N ARG B 284 31.83 -6.93 16.62
CA ARG B 284 31.62 -8.22 17.28
C ARG B 284 30.60 -8.09 18.40
N THR B 285 30.02 -9.23 18.83
CA THR B 285 29.18 -9.19 20.04
C THR B 285 30.04 -8.80 21.21
N ILE B 286 29.48 -8.08 22.17
CA ILE B 286 30.29 -7.75 23.38
C ILE B 286 30.62 -8.99 24.18
N SER B 287 29.60 -9.84 24.42
CA SER B 287 29.81 -11.10 25.14
C SER B 287 30.66 -12.04 24.29
N LYS B 288 31.58 -12.78 24.92
CA LYS B 288 32.37 -13.71 24.12
C LYS B 288 31.68 -15.09 23.99
N ASP B 289 30.65 -15.31 24.81
CA ASP B 289 29.89 -16.53 24.82
C ASP B 289 28.61 -16.50 24.00
N SER B 290 27.80 -15.46 24.21
CA SER B 290 26.47 -15.44 23.57
C SER B 290 26.27 -14.21 22.70
N ARG B 291 25.19 -14.23 21.91
CA ARG B 291 24.92 -13.14 20.93
C ARG B 291 24.25 -11.99 21.69
N SER B 292 25.01 -11.32 22.55
CA SER B 292 24.45 -10.20 23.26
C SER B 292 25.38 -9.04 23.13
N GLY B 293 24.85 -7.82 23.07
CA GLY B 293 25.67 -6.65 22.88
C GLY B 293 26.25 -6.61 21.49
N TYR B 294 26.76 -5.44 21.12
CA TYR B 294 27.48 -5.32 19.84
C TYR B 294 28.36 -4.10 19.89
N GLU B 295 29.61 -4.25 19.47
CA GLU B 295 30.55 -3.16 19.55
C GLU B 295 31.32 -3.07 18.24
N MET B 296 31.70 -1.84 17.85
CA MET B 296 32.57 -1.61 16.71
C MET B 296 33.92 -1.22 17.27
N LEU B 297 34.97 -1.80 16.71
CA LEU B 297 36.32 -1.53 17.21
C LEU B 297 37.21 -1.14 16.05
N LYS B 298 37.89 0.03 16.14
CA LYS B 298 38.83 0.47 15.06
C LYS B 298 40.15 -0.16 15.35
N VAL B 299 40.54 -1.09 14.51
CA VAL B 299 41.77 -1.85 14.77
C VAL B 299 42.67 -1.68 13.57
N PRO B 300 43.55 -0.68 13.59
CA PRO B 300 44.44 -0.40 12.45
C PRO B 300 45.23 -1.62 11.98
N ASN B 301 45.18 -1.91 10.69
CA ASN B 301 45.94 -2.99 10.11
C ASN B 301 45.50 -4.37 10.59
N ALA B 302 44.22 -4.50 10.97
CA ALA B 302 43.68 -5.79 11.39
C ALA B 302 43.89 -6.90 10.36
N GLU B 303 43.96 -6.52 9.10
CA GLU B 303 44.04 -7.51 8.05
C GLU B 303 45.45 -8.06 7.87
N THR B 304 46.49 -7.35 8.40
CA THR B 304 47.88 -7.74 8.14
C THR B 304 48.78 -7.92 9.39
N ASP B 305 48.34 -7.41 10.52
CA ASP B 305 49.14 -7.36 11.71
C ASP B 305 48.56 -8.22 12.84
N ILE B 306 49.27 -9.31 13.16
CA ILE B 306 48.80 -10.19 14.24
C ILE B 306 48.80 -9.55 15.65
N GLN B 307 49.45 -8.40 15.82
CA GLN B 307 49.46 -7.74 17.14
C GLN B 307 48.52 -6.56 17.17
N SER B 308 47.77 -6.33 16.11
CA SER B 308 46.89 -5.16 16.07
C SER B 308 45.80 -5.22 17.13
N GLY B 309 45.63 -4.14 17.88
CA GLY B 309 44.55 -4.00 18.80
C GLY B 309 43.70 -2.75 18.57
N PRO B 310 42.64 -2.57 19.37
CA PRO B 310 41.72 -1.43 19.18
C PRO B 310 42.27 -0.09 19.67
N ILE B 311 42.02 0.99 18.93
CA ILE B 311 42.41 2.34 19.36
C ILE B 311 41.16 3.17 19.62
N SER B 312 40.01 2.66 19.22
CA SER B 312 38.72 3.30 19.57
C SER B 312 37.60 2.25 19.52
N ASN B 313 36.51 2.54 20.19
CA ASN B 313 35.34 1.64 20.15
C ASN B 313 34.01 2.41 20.23
N GLN B 314 32.98 1.84 19.65
CA GLN B 314 31.62 2.36 19.74
C GLN B 314 30.62 1.24 20.16
N VAL B 315 29.93 1.43 21.27
CA VAL B 315 28.91 0.46 21.65
C VAL B 315 27.65 0.67 20.76
N ILE B 316 27.22 -0.35 19.99
CA ILE B 316 26.02 -0.21 19.14
C ILE B 316 24.79 -0.73 19.87
N VAL B 317 24.96 -1.84 20.57
CA VAL B 317 23.92 -2.43 21.43
C VAL B 317 24.55 -2.75 22.73
N ASN B 318 23.95 -2.29 23.84
CA ASN B 318 24.60 -2.59 25.13
C ASN B 318 24.53 -4.07 25.50
N ASN B 319 25.47 -4.50 26.36
CA ASN B 319 25.56 -5.94 26.70
C ASN B 319 24.34 -6.42 27.54
N GLN B 320 23.40 -5.55 27.85
CA GLN B 320 22.22 -6.02 28.54
C GLN B 320 21.16 -6.37 27.53
N ASN B 321 21.50 -6.28 26.25
CA ASN B 321 20.52 -6.57 25.19
C ASN B 321 21.01 -7.58 24.19
N TRP B 322 20.07 -8.33 23.60
CA TRP B 322 20.38 -9.32 22.58
C TRP B 322 20.73 -8.72 21.22
N SER B 323 21.71 -9.29 20.54
CA SER B 323 22.09 -8.89 19.19
C SER B 323 21.84 -10.14 18.32
N GLY B 324 22.80 -10.53 17.52
CA GLY B 324 22.53 -11.55 16.52
C GLY B 324 23.49 -11.44 15.35
N TYR B 325 23.01 -11.79 14.14
CA TYR B 325 23.84 -11.63 12.91
C TYR B 325 24.18 -10.17 12.66
N SER B 326 25.30 -9.92 11.97
CA SER B 326 25.71 -8.59 11.57
C SER B 326 26.31 -8.74 10.21
N GLY B 327 26.16 -7.72 9.35
CA GLY B 327 26.72 -7.80 8.00
C GLY B 327 26.97 -6.49 7.32
N ALA B 328 27.73 -6.52 6.24
CA ALA B 328 28.12 -5.28 5.57
C ALA B 328 27.22 -4.92 4.41
N PHE B 329 27.06 -3.63 4.16
CA PHE B 329 26.48 -3.15 2.89
C PHE B 329 26.97 -1.78 2.61
N ILE B 330 26.96 -1.34 1.34
CA ILE B 330 27.33 0.05 1.02
C ILE B 330 26.32 0.62 0.03
N ASP B 331 26.00 1.92 0.15
CA ASP B 331 25.20 2.57 -0.88
C ASP B 331 26.21 3.04 -1.99
N TYR B 332 26.60 2.10 -2.85
CA TYR B 332 27.52 2.38 -3.96
C TYR B 332 27.02 3.51 -4.92
N TRP B 333 25.74 3.91 -4.82
CA TRP B 333 25.20 4.96 -5.69
C TRP B 333 25.10 6.31 -5.01
N ALA B 334 25.72 6.42 -3.83
CA ALA B 334 25.79 7.70 -3.12
C ALA B 334 26.54 8.74 -3.95
N ASN B 335 26.22 10.00 -3.71
CA ASN B 335 26.87 11.12 -4.38
C ASN B 335 28.10 11.50 -3.60
N LYS B 336 29.10 10.61 -3.57
CA LYS B 336 30.30 10.80 -2.76
C LYS B 336 31.48 10.36 -3.60
N GLU B 337 32.67 10.76 -3.21
CA GLU B 337 33.89 10.40 -3.98
C GLU B 337 34.47 9.11 -3.43
N CYS B 338 33.95 8.68 -2.30
CA CYS B 338 34.38 7.42 -1.68
C CYS B 338 33.14 6.55 -1.37
N PHE B 339 33.32 5.23 -1.26
CA PHE B 339 32.25 4.35 -0.79
C PHE B 339 32.26 4.34 0.75
N ASN B 340 31.15 4.72 1.35
CA ASN B 340 31.05 4.79 2.82
C ASN B 340 30.52 3.45 3.41
N PRO B 341 31.30 2.82 4.28
CA PRO B 341 30.89 1.57 4.92
C PRO B 341 29.57 1.73 5.69
N CYS B 342 28.73 0.72 5.66
CA CYS B 342 27.50 0.65 6.51
C CYS B 342 27.41 -0.77 7.01
N PHE B 343 26.63 -0.99 8.09
CA PHE B 343 26.37 -2.31 8.57
C PHE B 343 25.05 -2.33 9.27
N TYR B 344 24.51 -3.52 9.43
CA TYR B 344 23.33 -3.73 10.25
C TYR B 344 23.60 -4.75 11.34
N VAL B 345 22.77 -4.73 12.38
CA VAL B 345 22.83 -5.73 13.42
C VAL B 345 21.40 -6.30 13.54
N GLU B 346 21.30 -7.63 13.49
CA GLU B 346 20.05 -8.31 13.68
C GLU B 346 19.80 -8.41 15.19
N LEU B 347 18.66 -7.88 15.63
CA LEU B 347 18.29 -7.88 17.04
C LEU B 347 17.31 -9.03 17.31
N ILE B 348 17.85 -10.18 17.72
CA ILE B 348 17.03 -11.37 17.89
C ILE B 348 16.27 -11.35 19.21
N ARG B 349 14.95 -11.58 19.13
CA ARG B 349 14.09 -11.67 20.29
C ARG B 349 13.44 -13.06 20.34
N GLY B 350 13.14 -13.54 21.55
CA GLY B 350 12.52 -14.84 21.68
C GLY B 350 13.56 -15.95 21.81
N ARG B 351 13.21 -17.14 21.36
CA ARG B 351 13.99 -18.35 21.68
C ARG B 351 15.33 -18.37 20.93
N PRO B 352 16.35 -19.04 21.47
CA PRO B 352 16.26 -19.77 22.75
C PRO B 352 16.55 -18.92 23.99
N LYS B 353 17.17 -17.73 23.81
CA LYS B 353 17.54 -16.89 24.98
C LYS B 353 16.35 -16.37 25.79
N GLU B 354 15.19 -16.16 25.14
CA GLU B 354 14.00 -15.68 25.86
C GLU B 354 12.88 -16.71 25.69
N SER B 355 12.83 -17.69 26.61
CA SER B 355 11.95 -18.87 26.46
C SER B 355 10.54 -18.72 26.97
N SER B 356 10.17 -17.53 27.47
CA SER B 356 8.81 -17.27 27.92
C SER B 356 7.84 -17.08 26.74
N VAL B 357 8.37 -17.03 25.48
CA VAL B 357 7.55 -16.98 24.28
C VAL B 357 7.85 -18.22 23.42
N LEU B 358 6.97 -18.50 22.44
CA LEU B 358 7.11 -19.70 21.62
C LEU B 358 7.84 -19.43 20.27
N TRP B 359 8.12 -18.15 20.00
CA TRP B 359 8.65 -17.78 18.70
C TRP B 359 10.07 -17.27 18.80
N THR B 360 10.69 -17.05 17.63
CA THR B 360 11.97 -16.41 17.48
C THR B 360 11.80 -15.45 16.30
N SER B 361 12.21 -14.19 16.46
CA SER B 361 12.12 -13.23 15.41
C SER B 361 13.22 -12.19 15.66
N ASN B 362 13.18 -11.07 14.94
CA ASN B 362 14.21 -10.01 15.12
C ASN B 362 13.69 -8.67 14.63
N SER B 363 14.45 -7.60 14.91
CA SER B 363 14.24 -6.27 14.35
C SER B 363 15.59 -5.89 13.82
N ILE B 364 15.69 -4.73 13.18
CA ILE B 364 16.94 -4.36 12.55
C ILE B 364 17.37 -2.95 12.97
N VAL B 365 18.68 -2.75 13.09
CA VAL B 365 19.25 -1.42 13.22
C VAL B 365 20.42 -1.35 12.24
N ALA B 366 20.62 -0.20 11.60
CA ALA B 366 21.68 -0.07 10.66
C ALA B 366 22.37 1.27 10.86
N LEU B 367 23.70 1.28 10.61
CA LEU B 367 24.49 2.50 10.75
C LEU B 367 25.54 2.61 9.61
N CYS B 368 26.04 3.84 9.41
CA CYS B 368 27.09 4.07 8.42
C CYS B 368 28.22 4.91 8.99
N GLY B 369 29.38 4.90 8.34
CA GLY B 369 30.53 5.61 8.84
C GLY B 369 30.34 7.12 8.75
N SER B 370 31.04 7.82 9.64
CA SER B 370 31.21 9.25 9.64
C SER B 370 32.69 9.58 9.87
N LYS B 371 33.16 10.68 9.31
CA LYS B 371 34.52 11.15 9.47
C LYS B 371 34.58 11.92 10.76
N LYS B 372 33.41 12.21 11.32
CA LYS B 372 33.35 13.00 12.54
C LYS B 372 33.42 12.12 13.78
N ARG B 373 33.52 12.75 14.94
CA ARG B 373 33.52 12.05 16.20
C ARG B 373 32.16 12.19 16.88
N LEU B 374 31.25 11.28 16.58
CA LEU B 374 29.87 11.46 16.94
C LEU B 374 29.62 10.74 18.27
N GLY B 375 28.75 11.28 19.10
CA GLY B 375 28.35 10.59 20.33
C GLY B 375 27.52 9.34 20.01
N SER B 376 27.32 8.45 20.96
CA SER B 376 26.49 7.28 20.67
C SER B 376 25.57 6.80 21.82
N TRP B 377 24.65 5.91 21.49
CA TRP B 377 23.91 5.18 22.48
C TRP B 377 23.47 3.86 21.88
N SER B 378 22.96 2.99 22.74
CA SER B 378 22.56 1.67 22.42
C SER B 378 21.24 1.71 21.61
N TRP B 379 21.24 0.93 20.52
CA TRP B 379 20.09 0.84 19.65
C TRP B 379 19.49 -0.52 19.74
N HIS B 380 19.19 -0.96 20.94
CA HIS B 380 18.66 -2.31 21.17
C HIS B 380 17.22 -2.39 20.66
N ASP B 381 16.67 -3.61 20.65
CA ASP B 381 15.36 -3.85 20.04
C ASP B 381 14.25 -2.96 20.61
N GLY B 382 14.14 -2.96 21.94
CA GLY B 382 13.19 -2.07 22.60
C GLY B 382 11.84 -2.62 22.98
N ALA B 383 11.59 -3.87 22.60
CA ALA B 383 10.33 -4.52 22.96
C ALA B 383 10.40 -5.10 24.36
N GLU B 384 9.24 -5.14 25.04
CA GLU B 384 9.13 -5.68 26.38
C GLU B 384 8.55 -7.10 26.29
N ILE B 385 9.40 -8.10 26.51
CA ILE B 385 9.01 -9.50 26.36
C ILE B 385 7.78 -9.82 27.20
N ILE B 386 7.60 -9.12 28.33
CA ILE B 386 6.48 -9.46 29.18
C ILE B 386 5.15 -9.18 28.47
N TYR B 387 5.16 -8.25 27.52
CA TYR B 387 3.93 -7.89 26.79
C TYR B 387 3.49 -9.04 25.87
N PHE B 388 4.43 -9.90 25.50
CA PHE B 388 4.16 -11.09 24.68
C PHE B 388 3.82 -12.35 25.49
N GLU B 389 3.91 -12.22 26.80
CA GLU B 389 3.48 -13.29 27.68
C GLU B 389 1.96 -13.19 27.94
N ARG C 1 -2.83 13.86 -23.34
CA ARG C 1 -3.77 14.55 -22.39
C ARG C 1 -4.38 15.85 -22.95
N THR C 2 -5.69 15.88 -23.15
CA THR C 2 -6.43 17.10 -23.48
C THR C 2 -7.72 17.20 -22.66
N PHE C 3 -8.36 18.36 -22.72
CA PHE C 3 -9.69 18.53 -22.17
C PHE C 3 -10.69 17.61 -22.82
N LEU C 4 -11.52 16.95 -22.00
CA LEU C 4 -12.64 16.14 -22.47
C LEU C 4 -13.72 17.02 -23.07
N ASN C 5 -14.17 16.66 -24.27
CA ASN C 5 -15.30 17.30 -24.97
C ASN C 5 -16.44 16.31 -25.07
N LEU C 6 -17.66 16.76 -24.80
CA LEU C 6 -18.77 15.85 -24.74
C LEU C 6 -19.33 15.67 -26.13
N THR C 7 -18.48 15.21 -27.03
CA THR C 7 -18.78 15.12 -28.45
C THR C 7 -19.54 13.86 -28.88
N LYS C 8 -19.84 12.95 -27.95
CA LYS C 8 -20.45 11.67 -28.35
C LYS C 8 -21.86 11.52 -27.81
N PRO C 9 -22.66 10.70 -28.48
CA PRO C 9 -24.03 10.41 -27.99
C PRO C 9 -24.00 9.27 -27.00
N LEU C 10 -25.12 9.06 -26.28
CA LEU C 10 -25.25 7.94 -25.35
C LEU C 10 -25.40 6.67 -26.12
N CYS C 11 -24.73 5.62 -25.64
CA CYS C 11 -24.92 4.28 -26.21
C CYS C 11 -26.35 3.78 -25.99
N GLU C 12 -26.81 2.96 -26.93
CA GLU C 12 -28.09 2.31 -26.77
C GLU C 12 -27.96 1.39 -25.58
N VAL C 13 -28.98 1.40 -24.70
CA VAL C 13 -28.95 0.52 -23.55
C VAL C 13 -30.24 -0.35 -23.47
N ASN C 14 -30.07 -1.68 -23.37
CA ASN C 14 -31.19 -2.59 -23.31
C ASN C 14 -31.15 -3.44 -22.04
N SER C 15 -29.98 -3.47 -21.39
CA SER C 15 -29.73 -4.30 -20.24
C SER C 15 -28.59 -3.59 -19.42
N TRP C 16 -28.39 -4.03 -18.16
CA TRP C 16 -27.30 -3.47 -17.33
C TRP C 16 -26.36 -4.60 -16.85
N HIS C 17 -25.05 -4.44 -17.13
CA HIS C 17 -24.05 -5.44 -16.67
C HIS C 17 -23.28 -4.98 -15.42
N ILE C 18 -22.79 -5.95 -14.63
CA ILE C 18 -22.02 -5.63 -13.42
C ILE C 18 -20.65 -5.03 -13.76
N LEU C 19 -20.33 -3.89 -13.15
CA LEU C 19 -19.06 -3.24 -13.27
C LEU C 19 -18.16 -3.50 -12.04
N SER C 20 -18.67 -3.22 -10.83
CA SER C 20 -17.85 -3.32 -9.64
C SER C 20 -18.75 -3.44 -8.39
N LYS C 21 -18.21 -4.04 -7.33
CA LYS C 21 -18.89 -4.22 -6.06
C LYS C 21 -17.79 -4.38 -5.05
N ASP C 22 -17.87 -3.67 -3.92
CA ASP C 22 -16.73 -3.62 -3.01
C ASP C 22 -16.97 -4.46 -1.77
N ASN C 23 -18.21 -4.91 -1.54
CA ASN C 23 -18.53 -5.76 -0.37
C ASN C 23 -17.91 -5.22 0.94
N ALA C 24 -17.99 -3.91 1.09
CA ALA C 24 -17.29 -3.22 2.19
C ALA C 24 -17.73 -3.66 3.59
N ILE C 25 -19.05 -3.83 3.77
CA ILE C 25 -19.56 -4.20 5.13
C ILE C 25 -19.17 -5.61 5.50
N ARG C 26 -19.31 -6.55 4.56
CA ARG C 26 -18.83 -7.93 4.73
C ARG C 26 -17.33 -7.96 5.13
N ILE C 27 -16.50 -7.24 4.37
CA ILE C 27 -15.07 -7.26 4.64
C ILE C 27 -14.77 -6.48 5.93
N GLY C 28 -15.43 -5.33 6.06
CA GLY C 28 -15.28 -4.45 7.25
C GLY C 28 -15.71 -5.06 8.56
N GLU C 29 -16.38 -6.21 8.52
CA GLU C 29 -16.71 -6.94 9.76
C GLU C 29 -15.45 -7.35 10.56
N ASP C 30 -14.33 -7.52 9.88
CA ASP C 30 -13.11 -8.01 10.53
C ASP C 30 -11.88 -7.25 10.03
N ALA C 31 -11.95 -6.63 8.89
CA ALA C 31 -10.80 -5.87 8.39
C ALA C 31 -11.00 -4.38 8.74
N HIS C 32 -9.97 -3.56 8.59
CA HIS C 32 -10.03 -2.13 8.99
C HIS C 32 -10.67 -1.35 7.86
N ILE C 33 -11.99 -1.31 7.87
CA ILE C 33 -12.74 -0.59 6.81
C ILE C 33 -13.37 0.65 7.36
N LEU C 34 -13.14 1.80 6.69
CA LEU C 34 -13.69 3.05 7.11
C LEU C 34 -15.24 3.08 6.94
N VAL C 35 -15.93 3.66 7.91
CA VAL C 35 -17.39 3.91 7.77
C VAL C 35 -17.53 5.02 6.73
N THR C 36 -18.54 4.95 5.88
CA THR C 36 -18.83 5.95 4.90
C THR C 36 -20.34 6.14 4.74
N ARG C 37 -20.69 7.00 3.79
CA ARG C 37 -22.02 7.10 3.16
C ARG C 37 -21.83 8.06 2.00
N GLU C 38 -22.91 8.32 1.25
CA GLU C 38 -22.87 9.24 0.09
C GLU C 38 -21.77 8.94 -0.93
N PRO C 39 -21.71 7.67 -1.40
CA PRO C 39 -20.66 7.25 -2.35
C PRO C 39 -20.98 7.58 -3.78
N TYR C 40 -20.02 7.31 -4.63
CA TYR C 40 -20.17 7.40 -6.07
C TYR C 40 -18.95 6.88 -6.75
N LEU C 41 -18.96 6.93 -8.09
CA LEU C 41 -17.74 6.62 -8.86
C LEU C 41 -17.48 7.74 -9.81
N SER C 42 -16.20 7.93 -10.16
CA SER C 42 -15.84 8.92 -11.14
C SER C 42 -14.60 8.39 -11.87
N CYS C 43 -14.52 8.68 -13.17
CA CYS C 43 -13.45 8.19 -14.02
C CYS C 43 -12.54 9.31 -14.51
N ASP C 44 -11.43 8.92 -15.15
CA ASP C 44 -10.44 9.81 -15.74
C ASP C 44 -9.78 9.03 -16.88
N PRO C 45 -8.82 9.60 -17.59
CA PRO C 45 -8.20 8.84 -18.70
C PRO C 45 -7.61 7.47 -18.32
N GLN C 46 -7.28 7.23 -17.05
CA GLN C 46 -6.57 6.01 -16.69
C GLN C 46 -7.49 4.91 -16.15
N GLY C 47 -8.74 5.25 -15.85
CA GLY C 47 -9.67 4.29 -15.26
C GLY C 47 -10.72 4.97 -14.38
N CYS C 48 -11.35 4.20 -13.48
CA CYS C 48 -12.40 4.71 -12.65
C CYS C 48 -12.08 4.49 -11.19
N ARG C 49 -12.52 5.44 -10.36
CA ARG C 49 -12.33 5.28 -8.93
C ARG C 49 -13.65 5.35 -8.17
N MET C 50 -13.66 4.79 -6.96
CA MET C 50 -14.87 4.96 -6.09
C MET C 50 -14.56 6.13 -5.15
N PHE C 51 -15.61 6.82 -4.69
CA PHE C 51 -15.51 8.02 -3.87
C PHE C 51 -16.55 7.85 -2.78
N ALA C 52 -16.34 8.48 -1.61
CA ALA C 52 -17.35 8.46 -0.54
C ALA C 52 -16.99 9.44 0.55
N LEU C 53 -17.95 9.79 1.37
CA LEU C 53 -17.64 10.61 2.56
C LEU C 53 -17.34 9.67 3.74
N SER C 54 -16.07 9.58 4.11
CA SER C 54 -15.69 8.87 5.31
C SER C 54 -16.28 9.53 6.55
N GLN C 55 -16.39 8.78 7.63
CA GLN C 55 -16.85 9.31 8.92
C GLN C 55 -15.67 9.41 9.88
N GLY C 56 -14.45 9.14 9.38
CA GLY C 56 -13.26 9.27 10.26
C GLY C 56 -13.18 8.20 11.36
N THR C 57 -13.50 6.96 10.99
CA THR C 57 -13.50 5.83 11.91
C THR C 57 -13.67 4.57 11.12
N THR C 58 -13.27 3.43 11.70
CA THR C 58 -13.53 2.16 11.06
C THR C 58 -14.90 1.64 11.46
N LEU C 59 -15.41 0.69 10.69
CA LEU C 59 -16.71 0.16 10.96
C LEU C 59 -16.79 -0.61 12.30
N ARG C 60 -15.72 -1.30 12.68
CA ARG C 60 -15.67 -2.11 13.91
C ARG C 60 -15.13 -1.27 15.08
N GLY C 61 -14.62 -0.08 14.78
CA GLY C 61 -14.11 0.81 15.82
C GLY C 61 -15.25 1.31 16.70
N ARG C 62 -14.93 1.66 17.95
CA ARG C 62 -15.97 2.21 18.84
C ARG C 62 -16.49 3.57 18.37
N HIS C 63 -15.75 4.24 17.47
CA HIS C 63 -16.22 5.57 16.98
C HIS C 63 -17.25 5.45 15.82
N ALA C 64 -17.52 4.22 15.41
CA ALA C 64 -18.61 3.98 14.46
C ALA C 64 -19.98 4.29 15.12
N ASN C 65 -20.00 4.18 16.43
CA ASN C 65 -21.20 4.50 17.22
C ASN C 65 -21.57 5.98 17.07
N GLY C 66 -22.75 6.24 16.50
CA GLY C 66 -23.22 7.60 16.24
C GLY C 66 -23.11 8.07 14.78
N THR C 67 -22.67 7.18 13.86
CA THR C 67 -22.42 7.61 12.47
C THR C 67 -23.66 7.79 11.62
N ILE C 68 -24.84 7.65 12.23
CA ILE C 68 -26.03 8.04 11.50
C ILE C 68 -26.00 9.55 11.18
N HIS C 69 -25.36 10.32 12.04
CA HIS C 69 -25.26 11.78 11.92
C HIS C 69 -24.56 12.18 10.59
N ASP C 70 -25.17 13.12 9.83
CA ASP C 70 -24.63 13.44 8.51
C ASP C 70 -23.40 14.36 8.50
N ARG C 71 -23.30 15.24 9.50
CA ARG C 71 -22.28 16.25 9.45
C ARG C 71 -21.44 16.31 10.70
N SER C 72 -20.12 16.22 10.51
CA SER C 72 -19.20 16.41 11.67
C SER C 72 -17.86 16.90 11.15
N PRO C 73 -16.97 17.39 12.04
CA PRO C 73 -15.62 17.79 11.59
C PRO C 73 -14.68 16.61 11.29
N PHE C 74 -15.23 15.40 11.36
CA PHE C 74 -14.44 14.18 11.17
C PHE C 74 -14.66 13.52 9.80
N ARG C 75 -15.51 14.14 8.97
CA ARG C 75 -15.78 13.60 7.64
C ARG C 75 -14.85 14.20 6.55
N ALA C 76 -14.62 13.43 5.50
CA ALA C 76 -13.80 13.89 4.37
C ALA C 76 -14.15 13.09 3.13
N LEU C 77 -13.95 13.71 1.98
CA LEU C 77 -14.17 12.92 0.74
C LEU C 77 -12.92 12.10 0.53
N ILE C 78 -13.09 10.81 0.23
CA ILE C 78 -11.97 9.90 0.02
C ILE C 78 -12.25 9.18 -1.27
N SER C 79 -11.15 8.84 -2.01
CA SER C 79 -11.25 8.06 -3.25
C SER C 79 -10.33 6.87 -3.15
N TRP C 80 -10.66 5.78 -3.86
CA TRP C 80 -9.84 4.57 -3.82
C TRP C 80 -10.04 3.77 -5.11
N GLU C 81 -9.12 2.82 -5.33
CA GLU C 81 -9.20 2.03 -6.56
C GLU C 81 -10.52 1.25 -6.69
N MET C 82 -11.23 1.44 -7.81
CA MET C 82 -12.55 0.79 -7.96
C MET C 82 -12.48 -0.69 -7.58
N GLY C 83 -13.42 -1.17 -6.78
CA GLY C 83 -13.50 -2.57 -6.47
C GLY C 83 -13.02 -2.89 -5.08
N GLN C 84 -11.99 -2.20 -4.63
CA GLN C 84 -11.57 -2.36 -3.24
C GLN C 84 -12.55 -1.73 -2.26
N ALA C 85 -12.52 -2.22 -1.00
CA ALA C 85 -13.26 -1.62 0.09
C ALA C 85 -12.40 -0.49 0.65
N PRO C 86 -13.02 0.57 1.17
CA PRO C 86 -12.24 1.72 1.64
C PRO C 86 -11.65 1.49 3.05
N SER C 87 -10.31 1.44 3.16
CA SER C 87 -9.62 1.31 4.42
C SER C 87 -8.72 2.52 4.69
N PRO C 88 -8.18 2.64 5.91
CA PRO C 88 -7.25 3.75 6.16
C PRO C 88 -5.95 3.64 5.36
N TYR C 89 -5.76 2.53 4.62
CA TYR C 89 -4.45 2.29 4.00
C TYR C 89 -4.48 2.43 2.52
N ASN C 90 -5.68 2.45 1.92
CA ASN C 90 -5.76 2.48 0.47
C ASN C 90 -6.52 3.72 -0.08
N THR C 91 -6.79 4.71 0.76
CA THR C 91 -7.71 5.76 0.37
C THR C 91 -7.03 7.13 0.32
N ARG C 92 -7.40 7.88 -0.70
CA ARG C 92 -6.82 9.23 -0.89
C ARG C 92 -7.80 10.27 -0.39
N VAL C 93 -7.33 11.24 0.41
CA VAL C 93 -8.21 12.28 0.90
C VAL C 93 -8.27 13.38 -0.17
N GLU C 94 -9.46 13.55 -0.78
CA GLU C 94 -9.68 14.51 -1.87
C GLU C 94 -9.88 15.87 -1.25
N CYS C 95 -10.61 15.92 -0.14
CA CYS C 95 -10.90 17.18 0.59
C CYS C 95 -11.62 16.90 1.90
N ILE C 96 -11.76 17.93 2.75
CA ILE C 96 -12.36 17.78 4.07
C ILE C 96 -13.75 18.35 4.09
N GLY C 97 -14.70 17.59 4.62
CA GLY C 97 -16.07 18.11 4.69
C GLY C 97 -17.15 17.03 4.62
N TRP C 98 -18.42 17.43 4.58
CA TRP C 98 -19.54 16.52 4.70
C TRP C 98 -20.52 16.55 3.54
N SER C 99 -20.12 17.15 2.44
CA SER C 99 -20.89 17.11 1.20
C SER C 99 -19.85 17.35 0.07
N SER C 100 -20.05 16.73 -1.09
CA SER C 100 -19.00 16.80 -2.11
C SER C 100 -19.45 16.52 -3.51
N THR C 101 -18.55 16.81 -4.46
CA THR C 101 -18.68 16.38 -5.83
C THR C 101 -17.26 16.24 -6.33
N SER C 102 -17.09 15.61 -7.48
CA SER C 102 -15.76 15.54 -8.10
C SER C 102 -15.86 15.15 -9.57
N CYS C 103 -14.94 15.65 -10.40
CA CYS C 103 -14.90 15.23 -11.81
C CYS C 103 -13.54 15.50 -12.39
N HIS C 104 -13.21 14.73 -13.44
CA HIS C 104 -12.00 14.93 -14.20
C HIS C 104 -12.30 15.64 -15.53
N ASP C 105 -11.48 16.65 -15.90
CA ASP C 105 -11.75 17.35 -17.19
C ASP C 105 -10.90 16.86 -18.34
N GLY C 106 -10.15 15.80 -18.12
CA GLY C 106 -9.29 15.27 -19.16
C GLY C 106 -7.83 15.58 -18.79
N MET C 107 -7.61 16.65 -18.02
CA MET C 107 -6.27 17.05 -17.58
C MET C 107 -6.05 16.71 -16.11
N SER C 108 -6.89 17.27 -15.24
CA SER C 108 -6.76 16.99 -13.83
C SER C 108 -8.15 16.82 -13.24
N ARG C 109 -8.15 16.45 -11.98
CA ARG C 109 -9.42 16.21 -11.29
C ARG C 109 -9.77 17.36 -10.36
N MET C 110 -11.03 17.80 -10.41
CA MET C 110 -11.52 18.84 -9.48
C MET C 110 -12.33 18.15 -8.42
N SER C 111 -12.10 18.48 -7.13
CA SER C 111 -12.91 17.90 -6.06
C SER C 111 -13.35 19.03 -5.16
N ILE C 112 -14.59 18.95 -4.68
CA ILE C 112 -15.16 20.00 -3.87
C ILE C 112 -15.79 19.41 -2.63
N CYS C 113 -15.57 20.07 -1.47
CA CYS C 113 -16.16 19.59 -0.23
C CYS C 113 -16.66 20.80 0.54
N MET C 114 -17.83 20.64 1.18
CA MET C 114 -18.34 21.65 2.10
C MET C 114 -18.08 21.21 3.51
N SER C 115 -17.73 22.12 4.40
CA SER C 115 -17.60 21.79 5.80
C SER C 115 -18.13 22.98 6.62
N GLY C 116 -18.10 22.89 7.93
CA GLY C 116 -18.48 24.01 8.80
C GLY C 116 -19.83 23.78 9.46
N PRO C 117 -20.25 24.71 10.33
CA PRO C 117 -21.54 24.59 11.02
C PRO C 117 -22.71 24.86 10.01
N ASN C 118 -23.92 24.48 10.38
CA ASN C 118 -25.10 24.72 9.53
C ASN C 118 -25.22 26.17 8.99
N ASN C 119 -25.09 27.14 9.89
CA ASN C 119 -25.35 28.52 9.49
C ASN C 119 -24.11 29.20 8.92
N ASN C 120 -23.05 28.44 8.69
CA ASN C 120 -21.80 29.04 8.22
C ASN C 120 -20.83 28.11 7.51
N ALA C 121 -21.35 27.31 6.56
CA ALA C 121 -20.54 26.35 5.85
C ALA C 121 -19.76 27.08 4.73
N SER C 122 -18.75 26.42 4.20
CA SER C 122 -18.01 26.97 3.09
C SER C 122 -17.58 25.82 2.24
N ALA C 123 -17.41 26.08 0.94
CA ALA C 123 -16.86 25.07 0.06
C ALA C 123 -15.41 25.39 -0.22
N VAL C 124 -14.59 24.34 -0.32
CA VAL C 124 -13.24 24.48 -0.84
C VAL C 124 -13.16 23.69 -2.17
N VAL C 125 -12.68 24.31 -3.23
CA VAL C 125 -12.56 23.70 -4.58
C VAL C 125 -11.10 23.37 -4.84
N TRP C 126 -10.81 22.10 -5.09
CA TRP C 126 -9.49 21.60 -5.32
C TRP C 126 -9.33 21.20 -6.78
N TYR C 127 -8.11 21.37 -7.30
CA TYR C 127 -7.82 20.98 -8.66
C TYR C 127 -6.40 20.42 -8.70
N GLY C 128 -6.24 19.27 -9.35
CA GLY C 128 -4.95 18.64 -9.40
C GLY C 128 -4.36 18.35 -8.02
N GLY C 129 -5.19 18.30 -6.99
CA GLY C 129 -4.75 17.99 -5.64
C GLY C 129 -4.37 19.21 -4.81
N ARG C 130 -4.65 20.41 -5.28
CA ARG C 130 -4.32 21.61 -4.55
C ARG C 130 -5.58 22.41 -4.41
N PRO C 131 -5.68 23.17 -3.31
CA PRO C 131 -6.81 24.04 -3.08
C PRO C 131 -6.73 25.29 -3.96
N ILE C 132 -7.83 25.63 -4.63
CA ILE C 132 -7.83 26.74 -5.64
C ILE C 132 -8.74 27.89 -5.25
N THR C 133 -9.97 27.57 -4.81
CA THR C 133 -10.98 28.57 -4.54
C THR C 133 -11.79 28.16 -3.26
N GLU C 134 -12.36 29.15 -2.56
CA GLU C 134 -13.21 28.96 -1.39
C GLU C 134 -14.49 29.72 -1.61
N ILE C 135 -15.62 29.13 -1.24
CA ILE C 135 -16.94 29.77 -1.46
C ILE C 135 -17.74 29.73 -0.18
N PRO C 136 -18.01 30.91 0.41
CA PRO C 136 -18.76 30.96 1.65
C PRO C 136 -20.27 30.69 1.37
N SER C 137 -20.99 30.23 2.40
CA SER C 137 -22.40 30.05 2.37
C SER C 137 -23.07 31.39 2.01
N TRP C 138 -23.99 31.32 1.07
CA TRP C 138 -24.76 32.49 0.72
C TRP C 138 -26.15 32.59 1.34
N ALA C 139 -26.68 31.50 1.90
CA ALA C 139 -28.02 31.57 2.54
C ALA C 139 -27.98 31.13 4.00
N GLY C 140 -26.79 30.78 4.48
CA GLY C 140 -26.62 30.46 5.90
C GLY C 140 -27.34 29.21 6.37
N ASN C 141 -27.52 28.21 5.50
CA ASN C 141 -28.22 27.02 5.90
C ASN C 141 -27.76 25.77 5.10
N ILE C 142 -26.61 25.25 5.52
CA ILE C 142 -26.05 24.02 4.97
C ILE C 142 -25.77 24.08 3.48
N LEU C 143 -24.86 24.99 3.07
CA LEU C 143 -24.34 24.98 1.72
C LEU C 143 -23.98 23.53 1.36
N ARG C 144 -24.49 23.01 0.25
CA ARG C 144 -24.27 21.57 -0.02
C ARG C 144 -24.36 21.27 -1.53
N THR C 145 -24.04 20.05 -1.91
CA THR C 145 -23.91 19.80 -3.37
C THR C 145 -24.29 18.37 -3.80
N GLN C 146 -23.82 17.94 -4.97
CA GLN C 146 -24.34 16.78 -5.65
C GLN C 146 -24.25 15.38 -4.98
N GLU C 147 -23.13 15.05 -4.36
CA GLU C 147 -22.88 13.71 -3.77
C GLU C 147 -22.71 12.67 -4.87
N SER C 148 -22.39 13.12 -6.09
CA SER C 148 -21.96 12.23 -7.19
C SER C 148 -21.15 13.14 -8.13
N GLU C 149 -20.66 12.60 -9.25
CA GLU C 149 -19.67 13.34 -10.04
C GLU C 149 -20.29 14.49 -10.86
N CYS C 150 -19.48 15.53 -11.07
CA CYS C 150 -19.78 16.59 -11.96
C CYS C 150 -19.33 16.16 -13.38
N VAL C 151 -19.48 17.02 -14.37
CA VAL C 151 -19.20 16.66 -15.76
C VAL C 151 -18.54 17.88 -16.39
N CYS C 152 -17.48 17.64 -17.19
CA CYS C 152 -16.74 18.74 -17.80
C CYS C 152 -16.86 18.69 -19.33
N HIS C 153 -16.73 19.87 -19.94
CA HIS C 153 -16.73 20.01 -21.39
C HIS C 153 -15.82 21.19 -21.83
N LYS C 154 -14.77 20.89 -22.61
CA LYS C 154 -13.79 21.88 -23.04
C LYS C 154 -13.19 22.65 -21.84
N GLY C 155 -13.05 21.96 -20.70
CA GLY C 155 -12.38 22.56 -19.56
C GLY C 155 -13.36 23.14 -18.55
N VAL C 156 -14.64 23.23 -18.95
CA VAL C 156 -15.65 23.90 -18.15
C VAL C 156 -16.50 22.84 -17.44
N CYS C 157 -16.49 22.87 -16.11
CA CYS C 157 -17.21 21.86 -15.34
C CYS C 157 -18.27 22.55 -14.52
N PRO C 158 -19.54 22.45 -14.90
CA PRO C 158 -20.63 23.00 -14.07
C PRO C 158 -20.92 22.15 -12.86
N VAL C 159 -21.28 22.83 -11.77
CA VAL C 159 -21.59 22.12 -10.52
C VAL C 159 -22.90 22.69 -9.93
N VAL C 160 -23.81 21.81 -9.46
CA VAL C 160 -25.06 22.30 -8.86
C VAL C 160 -24.93 22.36 -7.37
N MET C 161 -25.16 23.52 -6.76
CA MET C 161 -25.09 23.66 -5.29
C MET C 161 -26.36 24.28 -4.70
N THR C 162 -26.70 23.90 -3.46
CA THR C 162 -27.86 24.48 -2.85
C THR C 162 -27.50 24.97 -1.45
N ASP C 163 -28.17 26.03 -1.00
CA ASP C 163 -28.02 26.56 0.35
C ASP C 163 -29.39 27.10 0.72
N GLY C 164 -29.90 26.71 1.90
CA GLY C 164 -31.24 27.08 2.28
C GLY C 164 -32.02 25.86 2.77
N PRO C 165 -33.30 26.06 3.06
CA PRO C 165 -34.11 25.04 3.72
C PRO C 165 -34.19 23.70 2.91
N ALA C 166 -34.40 22.61 3.65
CA ALA C 166 -34.61 21.25 3.11
C ALA C 166 -36.10 21.03 2.85
N ASN C 167 -36.94 21.89 3.44
CA ASN C 167 -38.39 21.75 3.37
C ASN C 167 -39.06 23.04 2.90
N ASN C 168 -38.35 23.88 2.12
CA ASN C 168 -38.91 25.14 1.65
C ASN C 168 -38.06 25.72 0.54
N ARG C 169 -38.53 26.81 -0.11
CA ARG C 169 -37.70 27.47 -1.14
C ARG C 169 -36.27 27.59 -0.63
N ALA C 170 -35.31 27.27 -1.51
CA ALA C 170 -33.91 27.35 -1.15
C ALA C 170 -33.22 28.10 -2.26
N ALA C 171 -31.95 28.47 -2.06
CA ALA C 171 -31.16 29.20 -3.04
C ALA C 171 -30.15 28.29 -3.78
N THR C 172 -30.55 27.76 -4.91
CA THR C 172 -29.67 26.92 -5.72
C THR C 172 -28.93 27.74 -6.76
N LYS C 173 -27.64 27.40 -6.97
CA LYS C 173 -26.79 28.00 -7.96
C LYS C 173 -26.06 27.00 -8.84
N ILE C 174 -25.84 27.37 -10.11
CA ILE C 174 -25.01 26.59 -10.98
C ILE C 174 -23.71 27.36 -11.11
N ILE C 175 -22.59 26.76 -10.67
CA ILE C 175 -21.29 27.41 -10.70
C ILE C 175 -20.45 26.68 -11.70
N TYR C 176 -19.88 27.45 -12.60
CA TYR C 176 -19.11 26.90 -13.71
C TYR C 176 -17.63 27.06 -13.45
N PHE C 177 -16.90 25.96 -13.39
CA PHE C 177 -15.49 26.00 -13.04
C PHE C 177 -14.59 25.65 -14.19
N LYS C 178 -13.41 26.22 -14.19
CA LYS C 178 -12.35 25.81 -15.09
C LYS C 178 -11.02 25.83 -14.31
N GLU C 179 -10.39 24.67 -14.20
CA GLU C 179 -9.17 24.54 -13.36
C GLU C 179 -9.40 25.01 -11.91
N GLY C 180 -10.63 24.78 -11.44
CA GLY C 180 -11.05 25.13 -10.11
C GLY C 180 -11.38 26.55 -9.87
N LYS C 181 -11.23 27.41 -10.89
CA LYS C 181 -11.58 28.82 -10.79
C LYS C 181 -13.02 29.08 -11.28
N ILE C 182 -13.73 29.97 -10.58
CA ILE C 182 -15.07 30.33 -10.97
C ILE C 182 -15.10 31.13 -12.30
N GLN C 183 -15.78 30.59 -13.34
CA GLN C 183 -15.98 31.28 -14.61
C GLN C 183 -17.27 32.08 -14.61
N LYS C 184 -18.31 31.58 -13.92
CA LYS C 184 -19.61 32.22 -13.92
C LYS C 184 -20.45 31.55 -12.83
N ILE C 185 -21.36 32.33 -12.22
CA ILE C 185 -22.35 31.86 -11.33
C ILE C 185 -23.75 32.26 -11.76
N GLU C 186 -24.64 31.28 -11.88
CA GLU C 186 -26.06 31.56 -12.20
C GLU C 186 -26.96 31.10 -11.03
N GLU C 187 -28.02 31.87 -10.78
CA GLU C 187 -29.04 31.45 -9.93
C GLU C 187 -29.89 30.43 -10.71
N LEU C 188 -30.44 29.46 -9.99
CA LEU C 188 -31.33 28.48 -10.59
C LEU C 188 -32.53 29.18 -11.25
N ALA C 189 -32.82 28.78 -12.47
CA ALA C 189 -33.97 29.28 -13.23
C ALA C 189 -34.90 28.15 -13.69
N GLY C 190 -36.08 28.51 -14.19
CA GLY C 190 -36.98 27.50 -14.68
C GLY C 190 -38.00 27.06 -13.68
N ASN C 191 -38.65 25.96 -14.01
CA ASN C 191 -39.76 25.43 -13.20
C ASN C 191 -39.48 24.41 -12.09
N ALA C 192 -38.22 23.99 -11.91
CA ALA C 192 -37.91 23.12 -10.76
C ALA C 192 -38.10 23.94 -9.48
N GLN C 193 -38.81 23.41 -8.47
CA GLN C 193 -39.14 24.20 -7.30
C GLN C 193 -38.19 23.97 -6.12
N HIS C 194 -37.40 22.87 -6.17
CA HIS C 194 -36.38 22.57 -5.13
C HIS C 194 -35.37 21.64 -5.71
N ILE C 195 -34.07 21.92 -5.42
CA ILE C 195 -33.00 21.12 -5.96
C ILE C 195 -32.04 20.67 -4.89
N GLU C 196 -31.72 19.38 -4.91
CA GLU C 196 -30.67 18.77 -4.10
C GLU C 196 -29.96 17.62 -4.83
N GLU C 197 -28.69 17.38 -4.45
CA GLU C 197 -27.99 16.17 -4.81
C GLU C 197 -28.20 15.75 -6.28
N CYS C 198 -27.84 16.65 -7.22
CA CYS C 198 -28.00 16.35 -8.65
C CYS C 198 -27.07 15.23 -9.14
N SER C 199 -27.63 14.32 -9.95
CA SER C 199 -26.84 13.27 -10.59
C SER C 199 -26.73 13.70 -12.06
N CYS C 200 -25.52 13.83 -12.58
CA CYS C 200 -25.37 14.47 -13.88
C CYS C 200 -24.53 13.64 -14.85
N TYR C 201 -24.81 13.79 -16.11
CA TYR C 201 -23.96 13.17 -17.14
C TYR C 201 -23.97 14.07 -18.40
N GLY C 202 -23.07 13.82 -19.33
CA GLY C 202 -23.13 14.58 -20.55
C GLY C 202 -23.21 13.74 -21.82
N ALA C 203 -23.62 14.41 -22.90
CA ALA C 203 -23.77 13.74 -24.22
C ALA C 203 -24.12 14.79 -25.26
N GLY C 204 -23.55 14.68 -26.46
CA GLY C 204 -23.86 15.61 -27.53
C GLY C 204 -23.79 17.06 -27.06
N GLY C 205 -22.74 17.37 -26.30
CA GLY C 205 -22.52 18.73 -25.84
C GLY C 205 -23.55 19.26 -24.88
N VAL C 206 -24.33 18.36 -24.28
CA VAL C 206 -25.37 18.75 -23.34
C VAL C 206 -25.20 18.03 -21.99
N ILE C 207 -25.27 18.76 -20.87
CA ILE C 207 -25.26 18.14 -19.53
C ILE C 207 -26.67 18.13 -18.96
N LYS C 208 -27.11 16.94 -18.43
CA LYS C 208 -28.41 16.76 -17.79
C LYS C 208 -28.21 16.25 -16.39
N CYS C 209 -28.88 16.95 -15.48
CA CYS C 209 -28.79 16.67 -14.05
C CYS C 209 -30.17 16.33 -13.56
N ILE C 210 -30.32 15.12 -13.05
CA ILE C 210 -31.58 14.65 -12.50
C ILE C 210 -31.40 14.73 -11.01
N CYS C 211 -32.30 15.47 -10.35
CA CYS C 211 -32.05 15.78 -8.96
C CYS C 211 -33.13 15.34 -8.00
N ARG C 212 -33.05 15.86 -6.78
CA ARG C 212 -33.95 15.51 -5.71
C ARG C 212 -34.69 16.74 -5.18
N ASP C 213 -36.02 16.72 -5.30
CA ASP C 213 -36.82 17.81 -4.81
C ASP C 213 -37.24 17.37 -3.43
N ASN C 214 -36.64 17.94 -2.39
CA ASN C 214 -36.92 17.46 -1.06
C ASN C 214 -38.12 18.15 -0.44
N TRP C 215 -38.62 19.17 -1.13
CA TRP C 215 -39.70 20.02 -0.60
C TRP C 215 -41.07 19.48 -0.95
N LYS C 216 -41.39 19.29 -2.23
CA LYS C 216 -42.75 18.87 -2.62
C LYS C 216 -42.81 17.67 -3.53
N GLY C 217 -41.97 17.63 -4.54
CA GLY C 217 -42.16 16.66 -5.61
C GLY C 217 -41.70 15.26 -5.38
N ALA C 218 -42.52 14.29 -5.79
CA ALA C 218 -42.15 12.87 -5.85
C ALA C 218 -41.62 12.56 -7.20
N ASN C 219 -41.86 13.46 -8.14
CA ASN C 219 -41.19 13.42 -9.43
C ASN C 219 -39.85 14.18 -9.33
N ARG C 220 -38.87 13.78 -10.13
CA ARG C 220 -37.54 14.39 -10.05
C ARG C 220 -37.32 15.61 -10.98
N PRO C 221 -36.71 16.66 -10.44
CA PRO C 221 -36.37 17.86 -11.23
C PRO C 221 -35.27 17.52 -12.22
N VAL C 222 -35.29 18.14 -13.39
CA VAL C 222 -34.24 17.99 -14.37
C VAL C 222 -33.68 19.35 -14.80
N ILE C 223 -32.36 19.49 -14.76
CA ILE C 223 -31.71 20.70 -15.17
C ILE C 223 -30.88 20.38 -16.40
N THR C 224 -31.00 21.18 -17.47
CA THR C 224 -30.29 20.99 -18.72
C THR C 224 -29.32 22.11 -18.86
N ILE C 225 -28.04 21.75 -18.92
CA ILE C 225 -26.99 22.74 -18.92
C ILE C 225 -26.23 22.71 -20.22
N ASP C 226 -26.03 23.91 -20.75
CA ASP C 226 -25.14 24.11 -21.90
C ASP C 226 -23.79 24.62 -21.34
N PRO C 227 -22.78 23.75 -21.28
CA PRO C 227 -21.50 24.13 -20.66
C PRO C 227 -20.69 25.11 -21.55
N GLU C 228 -21.07 25.30 -22.81
CA GLU C 228 -20.37 26.29 -23.68
C GLU C 228 -20.91 27.67 -23.42
N MET C 229 -22.23 27.84 -23.57
CA MET C 229 -22.87 29.13 -23.31
C MET C 229 -22.98 29.37 -21.80
N MET C 230 -22.77 28.33 -21.00
CA MET C 230 -22.92 28.46 -19.52
C MET C 230 -24.27 29.00 -19.10
N THR C 231 -25.32 28.35 -19.64
CA THR C 231 -26.71 28.73 -19.33
C THR C 231 -27.43 27.43 -19.04
N HIS C 232 -28.59 27.52 -18.39
CA HIS C 232 -29.36 26.33 -18.11
C HIS C 232 -30.87 26.57 -18.19
N THR C 233 -31.63 25.50 -18.08
CA THR C 233 -33.09 25.59 -17.91
C THR C 233 -33.45 24.49 -16.91
N SER C 234 -34.61 24.57 -16.26
CA SER C 234 -35.05 23.48 -15.41
C SER C 234 -36.54 23.23 -15.48
N LYS C 235 -36.94 22.00 -15.15
CA LYS C 235 -38.34 21.56 -15.10
C LYS C 235 -38.34 20.23 -14.36
N TYR C 236 -39.41 19.43 -14.46
CA TYR C 236 -39.45 18.11 -13.88
C TYR C 236 -39.46 17.04 -14.96
N LEU C 237 -39.14 15.82 -14.56
CA LEU C 237 -39.27 14.69 -15.44
C LEU C 237 -40.77 14.55 -15.70
N CYS C 238 -41.15 14.42 -16.99
CA CYS C 238 -42.58 14.40 -17.40
C CYS C 238 -43.26 13.07 -17.04
N SER C 239 -42.49 11.98 -17.06
CA SER C 239 -43.09 10.64 -16.87
C SER C 239 -43.99 10.47 -15.65
N LYS C 240 -45.06 9.69 -15.81
CA LYS C 240 -45.95 9.34 -14.69
C LYS C 240 -45.23 8.36 -13.74
N VAL C 241 -44.12 7.78 -14.23
CA VAL C 241 -43.27 6.87 -13.41
C VAL C 241 -42.44 7.70 -12.42
N LEU C 242 -42.97 7.89 -11.22
CA LEU C 242 -42.31 8.72 -10.19
C LEU C 242 -41.10 7.99 -9.64
N THR C 243 -39.98 8.71 -9.47
CA THR C 243 -38.77 8.01 -9.05
C THR C 243 -38.10 8.46 -7.73
N ASP C 244 -38.66 9.48 -7.07
CA ASP C 244 -38.12 9.89 -5.77
C ASP C 244 -38.60 8.92 -4.74
N THR C 245 -38.07 8.97 -3.52
CA THR C 245 -38.54 7.98 -2.58
C THR C 245 -39.30 8.51 -1.42
N SER C 246 -40.44 7.80 -1.28
CA SER C 246 -41.60 8.10 -0.52
C SER C 246 -42.21 8.87 -1.68
N ARG C 247 -42.94 8.11 -2.45
CA ARG C 247 -43.78 8.66 -3.48
C ARG C 247 -45.14 8.02 -3.37
N PRO C 248 -46.21 8.61 -3.89
CA PRO C 248 -47.48 7.90 -3.91
C PRO C 248 -47.37 6.86 -5.05
N ASN C 249 -48.44 6.09 -5.29
CA ASN C 249 -48.48 5.23 -6.50
C ASN C 249 -48.33 6.10 -7.74
N ASP C 250 -47.77 5.56 -8.81
CA ASP C 250 -47.69 6.36 -10.02
C ASP C 250 -49.10 6.78 -10.46
N PRO C 251 -49.27 8.04 -10.86
CA PRO C 251 -50.58 8.53 -11.32
C PRO C 251 -50.85 8.17 -12.77
N THR C 252 -52.03 8.55 -13.27
CA THR C 252 -52.34 8.38 -14.71
C THR C 252 -51.44 9.18 -15.64
N ASN C 253 -51.00 10.33 -15.15
CA ASN C 253 -50.17 11.23 -15.94
C ASN C 253 -49.15 11.87 -15.02
N GLY C 254 -47.92 12.04 -15.50
CA GLY C 254 -46.95 12.83 -14.77
C GLY C 254 -47.19 14.31 -14.96
N ASN C 255 -46.19 15.12 -14.58
CA ASN C 255 -46.25 16.57 -14.76
C ASN C 255 -44.86 17.16 -15.04
N CYS C 256 -44.67 17.71 -16.25
CA CYS C 256 -43.39 18.27 -16.67
C CYS C 256 -42.96 19.53 -15.94
N ASP C 257 -43.90 20.31 -15.41
CA ASP C 257 -43.58 21.62 -14.93
C ASP C 257 -44.06 21.94 -13.51
N ALA C 258 -44.42 20.92 -12.74
CA ALA C 258 -44.80 21.15 -11.34
C ALA C 258 -44.52 19.89 -10.58
N PRO C 259 -44.24 20.03 -9.28
CA PRO C 259 -44.03 18.83 -8.46
C PRO C 259 -45.32 18.05 -8.21
N ILE C 260 -45.24 16.72 -8.17
CA ILE C 260 -46.37 15.88 -7.76
C ILE C 260 -46.14 15.47 -6.30
N THR C 261 -47.05 15.86 -5.44
CA THR C 261 -46.82 15.66 -4.02
C THR C 261 -47.21 14.29 -3.58
N GLY C 262 -46.80 13.97 -2.37
CA GLY C 262 -47.33 12.78 -1.66
C GLY C 262 -46.15 11.93 -1.23
N GLY C 263 -46.44 10.77 -0.66
CA GLY C 263 -45.39 9.86 -0.18
C GLY C 263 -45.20 9.92 1.34
N SER C 264 -44.74 8.81 1.91
CA SER C 264 -44.62 8.67 3.32
C SER C 264 -43.64 7.51 3.64
N PRO C 265 -42.70 7.68 4.55
CA PRO C 265 -42.50 8.89 5.33
C PRO C 265 -41.30 9.82 4.95
N ASP C 266 -40.58 9.55 3.86
CA ASP C 266 -39.31 10.26 3.50
C ASP C 266 -39.57 11.38 2.49
N PRO C 267 -38.99 12.57 2.69
CA PRO C 267 -39.14 13.64 1.70
C PRO C 267 -38.34 13.46 0.40
N GLY C 268 -37.34 12.60 0.40
CA GLY C 268 -36.49 12.54 -0.77
C GLY C 268 -35.35 11.55 -0.64
N VAL C 269 -34.79 11.20 -1.79
CA VAL C 269 -33.47 10.51 -1.81
C VAL C 269 -32.71 10.89 -3.06
N LYS C 270 -31.40 10.81 -3.04
CA LYS C 270 -30.64 11.06 -4.24
C LYS C 270 -30.94 9.96 -5.27
N GLY C 271 -31.07 10.37 -6.54
CA GLY C 271 -31.26 9.40 -7.63
C GLY C 271 -30.88 9.98 -8.98
N PHE C 272 -31.25 9.30 -10.05
CA PHE C 272 -30.74 9.62 -11.37
C PHE C 272 -31.66 9.06 -12.46
N ALA C 273 -31.37 9.45 -13.69
CA ALA C 273 -31.96 8.83 -14.91
C ALA C 273 -31.09 9.22 -16.06
N PHE C 274 -31.13 8.42 -17.12
CA PHE C 274 -30.55 8.79 -18.38
C PHE C 274 -31.73 9.05 -19.33
N LEU C 275 -31.72 10.21 -19.98
CA LEU C 275 -32.85 10.66 -20.76
C LEU C 275 -32.37 10.85 -22.20
N ASP C 276 -32.84 9.98 -23.09
CA ASP C 276 -32.38 10.00 -24.46
C ASP C 276 -33.51 9.45 -25.35
N GLY C 277 -34.64 10.17 -25.35
CA GLY C 277 -35.77 9.83 -26.21
C GLY C 277 -36.24 8.42 -25.94
N GLU C 278 -36.26 7.57 -26.98
CA GLU C 278 -36.63 6.15 -26.78
C GLU C 278 -35.66 5.40 -25.85
N ASN C 279 -34.40 5.84 -25.84
CA ASN C 279 -33.33 5.19 -25.06
C ASN C 279 -33.20 5.82 -23.66
N SER C 280 -34.32 5.86 -22.92
CA SER C 280 -34.31 6.49 -21.60
C SER C 280 -34.55 5.47 -20.47
N TRP C 281 -33.77 5.58 -19.40
CA TRP C 281 -33.87 4.68 -18.26
C TRP C 281 -33.94 5.44 -16.95
N LEU C 282 -34.85 5.05 -16.07
CA LEU C 282 -35.08 5.70 -14.80
C LEU C 282 -34.76 4.67 -13.74
N GLY C 283 -33.99 5.07 -12.75
CA GLY C 283 -33.75 4.26 -11.59
C GLY C 283 -34.65 4.73 -10.46
N ARG C 284 -35.03 3.78 -9.60
CA ARG C 284 -35.72 4.13 -8.36
C ARG C 284 -35.72 2.96 -7.40
N THR C 285 -36.03 3.26 -6.14
CA THR C 285 -36.15 2.17 -5.14
C THR C 285 -37.42 1.39 -5.48
N ILE C 286 -37.44 0.12 -5.18
CA ILE C 286 -38.63 -0.67 -5.53
C ILE C 286 -39.75 -0.27 -4.53
N SER C 287 -39.37 -0.11 -3.28
CA SER C 287 -40.32 0.37 -2.28
C SER C 287 -40.66 1.82 -2.60
N LYS C 288 -41.94 2.16 -2.54
CA LYS C 288 -42.34 3.56 -2.75
C LYS C 288 -42.18 4.37 -1.46
N ASP C 289 -42.04 3.68 -0.32
CA ASP C 289 -41.99 4.33 0.99
C ASP C 289 -40.58 4.45 1.49
N SER C 290 -39.78 3.43 1.22
CA SER C 290 -38.45 3.32 1.83
C SER C 290 -37.31 3.01 0.89
N ARG C 291 -36.08 3.11 1.42
CA ARG C 291 -34.84 2.91 0.66
C ARG C 291 -34.53 1.43 0.56
N SER C 292 -35.45 0.67 -0.03
CA SER C 292 -35.23 -0.77 -0.15
C SER C 292 -35.49 -1.14 -1.58
N GLY C 293 -34.70 -2.09 -2.05
CA GLY C 293 -34.75 -2.50 -3.45
C GLY C 293 -34.30 -1.43 -4.43
N TYR C 294 -34.03 -1.86 -5.65
CA TYR C 294 -33.62 -0.92 -6.66
C TYR C 294 -33.91 -1.52 -7.97
N GLU C 295 -34.53 -0.78 -8.87
CA GLU C 295 -34.92 -1.29 -10.19
C GLU C 295 -34.63 -0.26 -11.28
N MET C 296 -34.21 -0.74 -12.46
CA MET C 296 -33.99 0.13 -13.61
C MET C 296 -35.21 -0.05 -14.50
N LEU C 297 -35.84 1.06 -14.91
CA LEU C 297 -37.00 0.98 -15.83
C LEU C 297 -36.74 1.73 -17.12
N LYS C 298 -36.93 1.05 -18.27
CA LYS C 298 -36.74 1.71 -19.56
C LYS C 298 -38.06 2.36 -19.87
N VAL C 299 -38.06 3.71 -19.90
CA VAL C 299 -39.29 4.50 -20.11
C VAL C 299 -39.10 5.47 -21.27
N PRO C 300 -39.37 5.03 -22.50
CA PRO C 300 -39.19 5.85 -23.69
C PRO C 300 -39.89 7.18 -23.54
N ASN C 301 -39.15 8.23 -23.92
CA ASN C 301 -39.68 9.58 -23.83
C ASN C 301 -40.11 10.07 -22.46
N ALA C 302 -39.45 9.57 -21.42
CA ALA C 302 -39.82 9.96 -20.05
C ALA C 302 -39.58 11.48 -19.79
N GLU C 303 -38.62 12.05 -20.51
CA GLU C 303 -38.34 13.47 -20.43
C GLU C 303 -39.44 14.40 -21.02
N THR C 304 -40.27 13.87 -21.92
CA THR C 304 -41.20 14.78 -22.63
C THR C 304 -42.64 14.29 -22.59
N ASP C 305 -42.88 13.04 -22.21
CA ASP C 305 -44.24 12.49 -22.30
C ASP C 305 -44.81 12.15 -20.92
N ILE C 306 -45.86 12.91 -20.51
CA ILE C 306 -46.43 12.66 -19.22
C ILE C 306 -47.11 11.26 -19.16
N GLN C 307 -47.34 10.65 -20.32
CA GLN C 307 -48.01 9.33 -20.40
C GLN C 307 -47.01 8.14 -20.49
N SER C 308 -45.71 8.46 -20.62
CA SER C 308 -44.65 7.44 -20.78
C SER C 308 -44.61 6.45 -19.62
N GLY C 309 -44.67 5.18 -19.96
CA GLY C 309 -44.55 4.09 -19.02
C GLY C 309 -43.40 3.14 -19.35
N PRO C 310 -43.08 2.21 -18.45
CA PRO C 310 -41.95 1.28 -18.69
C PRO C 310 -42.21 0.23 -19.80
N ILE C 311 -41.19 -0.05 -20.62
CA ILE C 311 -41.31 -1.14 -21.60
C ILE C 311 -40.36 -2.27 -21.27
N SER C 312 -39.46 -2.02 -20.30
CA SER C 312 -38.59 -3.13 -19.83
C SER C 312 -38.14 -2.81 -18.45
N ASN C 313 -37.65 -3.80 -17.74
CA ASN C 313 -37.21 -3.58 -16.35
C ASN C 313 -36.10 -4.51 -15.97
N GLN C 314 -35.36 -4.11 -14.93
CA GLN C 314 -34.26 -4.94 -14.39
C GLN C 314 -34.10 -4.64 -12.92
N VAL C 315 -34.25 -5.68 -12.09
CA VAL C 315 -34.05 -5.55 -10.66
C VAL C 315 -32.55 -5.53 -10.38
N ILE C 316 -32.07 -4.48 -9.71
CA ILE C 316 -30.66 -4.35 -9.36
C ILE C 316 -30.45 -4.86 -7.93
N VAL C 317 -31.39 -4.50 -7.03
CA VAL C 317 -31.37 -4.97 -5.65
C VAL C 317 -32.82 -5.39 -5.34
N ASN C 318 -33.02 -6.64 -4.89
CA ASN C 318 -34.39 -7.05 -4.59
C ASN C 318 -35.00 -6.31 -3.38
N ASN C 319 -36.34 -6.23 -3.32
CA ASN C 319 -37.03 -5.45 -2.27
C ASN C 319 -36.93 -6.08 -0.89
N GLN C 320 -36.20 -7.17 -0.77
CA GLN C 320 -35.91 -7.68 0.55
C GLN C 320 -34.58 -7.12 1.12
N ASN C 321 -33.90 -6.24 0.36
CA ASN C 321 -32.64 -5.70 0.84
C ASN C 321 -32.62 -4.18 0.69
N TRP C 322 -31.78 -3.55 1.49
CA TRP C 322 -31.69 -2.13 1.60
C TRP C 322 -30.84 -1.53 0.50
N SER C 323 -31.29 -0.38 0.03
CA SER C 323 -30.56 0.37 -0.98
C SER C 323 -30.16 1.69 -0.34
N GLY C 324 -30.21 2.78 -1.10
CA GLY C 324 -29.78 4.08 -0.59
C GLY C 324 -29.73 5.06 -1.74
N TYR C 325 -28.74 5.95 -1.73
CA TYR C 325 -28.62 6.93 -2.80
C TYR C 325 -28.21 6.18 -4.09
N SER C 326 -28.47 6.81 -5.24
CA SER C 326 -28.07 6.27 -6.52
C SER C 326 -27.70 7.49 -7.38
N GLY C 327 -26.77 7.31 -8.29
CA GLY C 327 -26.30 8.43 -9.13
C GLY C 327 -25.67 7.94 -10.43
N ALA C 328 -25.34 8.86 -11.30
CA ALA C 328 -24.81 8.55 -12.62
C ALA C 328 -23.32 8.89 -12.73
N PHE C 329 -22.63 8.14 -13.56
CA PHE C 329 -21.28 8.48 -13.95
C PHE C 329 -21.03 7.85 -15.34
N ILE C 330 -20.02 8.32 -16.05
CA ILE C 330 -19.70 7.69 -17.33
C ILE C 330 -18.20 7.64 -17.49
N ASP C 331 -17.73 6.59 -18.13
CA ASP C 331 -16.31 6.55 -18.44
C ASP C 331 -16.15 7.24 -19.78
N TYR C 332 -16.17 8.58 -19.74
CA TYR C 332 -15.99 9.43 -20.97
C TYR C 332 -14.74 9.10 -21.80
N TRP C 333 -13.78 8.36 -21.22
CA TRP C 333 -12.50 8.08 -21.91
C TRP C 333 -12.44 6.66 -22.41
N ALA C 334 -13.59 5.98 -22.49
CA ALA C 334 -13.63 4.60 -22.96
C ALA C 334 -13.33 4.62 -24.46
N ASN C 335 -12.86 3.48 -24.99
CA ASN C 335 -12.60 3.39 -26.43
C ASN C 335 -13.89 2.99 -27.19
N LYS C 336 -14.89 3.84 -27.18
CA LYS C 336 -16.15 3.56 -27.82
C LYS C 336 -16.60 4.84 -28.53
N GLU C 337 -17.45 4.70 -29.53
CA GLU C 337 -17.96 5.85 -30.30
C GLU C 337 -19.13 6.53 -29.60
N CYS C 338 -19.65 5.88 -28.55
CA CYS C 338 -20.76 6.46 -27.77
C CYS C 338 -20.36 6.48 -26.30
N PHE C 339 -21.03 7.31 -25.48
CA PHE C 339 -20.75 7.41 -24.07
C PHE C 339 -21.71 6.41 -23.38
N ASN C 340 -21.15 5.41 -22.70
CA ASN C 340 -22.03 4.39 -22.11
C ASN C 340 -22.45 4.69 -20.69
N PRO C 341 -23.76 4.80 -20.48
CA PRO C 341 -24.32 5.08 -19.14
C PRO C 341 -23.89 4.07 -18.07
N CYS C 342 -23.49 4.56 -16.90
CA CYS C 342 -23.23 3.70 -15.73
C CYS C 342 -23.94 4.35 -14.55
N PHE C 343 -24.11 3.59 -13.48
CA PHE C 343 -24.65 4.12 -12.26
C PHE C 343 -24.22 3.24 -11.10
N TYR C 344 -24.35 3.78 -9.88
CA TYR C 344 -24.06 3.00 -8.69
C TYR C 344 -25.29 3.04 -7.80
N VAL C 345 -25.34 2.15 -6.85
CA VAL C 345 -26.38 2.15 -5.84
C VAL C 345 -25.62 2.03 -4.51
N GLU C 346 -25.90 2.97 -3.61
CA GLU C 346 -25.41 2.91 -2.25
C GLU C 346 -26.26 1.91 -1.45
N LEU C 347 -25.62 0.91 -0.81
CA LEU C 347 -26.32 -0.13 -0.07
C LEU C 347 -26.12 0.19 1.38
N ILE C 348 -27.03 0.97 1.93
CA ILE C 348 -26.96 1.39 3.36
C ILE C 348 -27.23 0.23 4.31
N ARG C 349 -26.37 0.10 5.32
CA ARG C 349 -26.51 -0.90 6.34
C ARG C 349 -26.46 -0.16 7.68
N GLY C 350 -27.18 -0.67 8.68
CA GLY C 350 -27.17 0.00 9.96
C GLY C 350 -28.38 0.88 10.21
N ARG C 351 -28.19 1.93 11.01
CA ARG C 351 -29.31 2.78 11.34
C ARG C 351 -29.76 3.66 10.16
N PRO C 352 -31.04 4.06 10.14
CA PRO C 352 -32.04 3.70 11.17
C PRO C 352 -32.82 2.38 10.91
N LYS C 353 -32.72 1.82 9.69
CA LYS C 353 -33.55 0.67 9.37
C LYS C 353 -33.12 -0.60 10.12
N GLU C 354 -31.85 -0.66 10.54
CA GLU C 354 -31.32 -1.82 11.28
C GLU C 354 -30.74 -1.33 12.57
N SER C 355 -31.59 -1.23 13.60
CA SER C 355 -31.15 -0.52 14.82
C SER C 355 -30.49 -1.46 15.85
N SER C 356 -30.18 -2.69 15.45
CA SER C 356 -29.44 -3.58 16.35
C SER C 356 -27.96 -3.23 16.47
N VAL C 357 -27.49 -2.32 15.63
CA VAL C 357 -26.13 -1.82 15.73
C VAL C 357 -26.15 -0.30 15.98
N LEU C 358 -24.99 0.23 16.32
CA LEU C 358 -24.90 1.64 16.74
C LEU C 358 -24.49 2.57 15.57
N TRP C 359 -24.09 1.99 14.43
CA TRP C 359 -23.51 2.71 13.33
C TRP C 359 -24.38 2.70 12.09
N THR C 360 -23.98 3.50 11.12
CA THR C 360 -24.62 3.54 9.83
C THR C 360 -23.46 3.57 8.85
N SER C 361 -23.49 2.66 7.87
CA SER C 361 -22.48 2.69 6.82
C SER C 361 -23.07 2.15 5.50
N ASN C 362 -22.21 1.78 4.54
CA ASN C 362 -22.73 1.28 3.28
C ASN C 362 -21.64 0.55 2.51
N SER C 363 -22.05 -0.18 1.48
CA SER C 363 -21.14 -0.76 0.49
C SER C 363 -21.59 -0.16 -0.84
N ILE C 364 -20.95 -0.58 -1.94
CA ILE C 364 -21.28 -0.01 -3.22
C ILE C 364 -21.43 -1.08 -4.30
N VAL C 365 -22.41 -0.88 -5.21
CA VAL C 365 -22.49 -1.69 -6.40
C VAL C 365 -22.62 -0.72 -7.59
N ALA C 366 -22.01 -1.05 -8.74
CA ALA C 366 -22.08 -0.20 -9.90
C ALA C 366 -22.26 -1.06 -11.16
N LEU C 367 -23.06 -0.53 -12.11
CA LEU C 367 -23.33 -1.25 -13.37
C LEU C 367 -23.36 -0.29 -14.56
N CYS C 368 -23.09 -0.79 -15.77
CA CYS C 368 -23.16 0.04 -16.95
C CYS C 368 -24.05 -0.61 -17.99
N GLY C 369 -24.44 0.17 -19.00
CA GLY C 369 -25.34 -0.34 -20.00
C GLY C 369 -24.76 -1.43 -20.89
N SER C 370 -25.66 -2.24 -21.41
CA SER C 370 -25.36 -3.21 -22.47
C SER C 370 -26.41 -3.15 -23.60
N LYS C 371 -25.97 -3.36 -24.85
CA LYS C 371 -26.93 -3.45 -25.98
C LYS C 371 -27.56 -4.84 -26.00
N LYS C 372 -26.88 -5.79 -25.35
CA LYS C 372 -27.33 -7.17 -25.26
C LYS C 372 -28.51 -7.29 -24.30
N ARG C 373 -29.18 -8.44 -24.32
CA ARG C 373 -30.18 -8.78 -23.33
C ARG C 373 -29.55 -9.65 -22.24
N LEU C 374 -29.08 -9.07 -21.13
CA LEU C 374 -28.39 -9.83 -20.13
C LEU C 374 -29.30 -10.29 -18.99
N GLY C 375 -29.03 -11.50 -18.48
CA GLY C 375 -29.74 -11.98 -17.30
C GLY C 375 -29.27 -11.16 -16.12
N SER C 376 -29.98 -11.25 -14.99
CA SER C 376 -29.56 -10.49 -13.80
C SER C 376 -29.89 -11.14 -12.48
N TRP C 377 -29.26 -10.66 -11.42
CA TRP C 377 -29.64 -11.06 -10.06
C TRP C 377 -29.44 -9.89 -9.15
N SER C 378 -29.90 -10.03 -7.91
CA SER C 378 -29.83 -8.98 -6.92
C SER C 378 -28.40 -8.81 -6.39
N TRP C 379 -27.90 -7.58 -6.48
CA TRP C 379 -26.56 -7.29 -5.98
C TRP C 379 -26.64 -6.61 -4.59
N HIS C 380 -27.25 -7.29 -3.62
CA HIS C 380 -27.39 -6.73 -2.31
C HIS C 380 -26.02 -6.69 -1.57
N ASP C 381 -25.96 -5.88 -0.51
CA ASP C 381 -24.75 -5.71 0.30
C ASP C 381 -24.11 -7.05 0.68
N GLY C 382 -24.87 -7.98 1.29
CA GLY C 382 -24.41 -9.33 1.50
C GLY C 382 -23.96 -9.59 2.93
N ALA C 383 -23.98 -8.55 3.80
CA ALA C 383 -23.50 -8.77 5.17
C ALA C 383 -24.63 -9.29 6.12
N GLU C 384 -24.26 -10.04 7.11
CA GLU C 384 -25.19 -10.53 8.11
C GLU C 384 -25.15 -9.64 9.30
N ILE C 385 -26.27 -8.95 9.57
CA ILE C 385 -26.29 -8.00 10.68
C ILE C 385 -26.01 -8.67 12.02
N ILE C 386 -26.42 -9.92 12.18
CA ILE C 386 -26.31 -10.63 13.48
C ILE C 386 -24.84 -10.71 13.87
N TYR C 387 -23.95 -10.83 12.88
CA TYR C 387 -22.49 -10.92 13.12
C TYR C 387 -21.94 -9.66 13.80
N PHE C 388 -22.66 -8.53 13.67
CA PHE C 388 -22.20 -7.26 14.21
C PHE C 388 -22.82 -7.03 15.59
N GLU C 389 -23.73 -7.92 15.99
CA GLU C 389 -24.38 -7.77 17.29
C GLU C 389 -23.53 -8.48 18.35
N ARG D 1 12.39 20.56 -13.16
CA ARG D 1 12.66 21.03 -11.77
C ARG D 1 13.76 22.08 -11.64
N THR D 2 13.57 23.03 -10.73
CA THR D 2 14.57 24.05 -10.40
C THR D 2 14.52 24.41 -8.91
N PHE D 3 15.58 25.05 -8.42
CA PHE D 3 15.60 25.51 -7.05
C PHE D 3 14.45 26.45 -6.79
N LEU D 4 13.81 26.33 -5.63
CA LEU D 4 12.77 27.30 -5.28
C LEU D 4 13.44 28.64 -4.92
N ASN D 5 12.85 29.74 -5.40
CA ASN D 5 13.25 31.10 -5.07
C ASN D 5 12.06 31.81 -4.46
N LEU D 6 12.30 32.47 -3.32
CA LEU D 6 11.25 33.03 -2.54
C LEU D 6 10.88 34.39 -3.13
N THR D 7 10.47 34.41 -4.40
CA THR D 7 10.23 35.66 -5.14
C THR D 7 8.82 36.29 -4.94
N LYS D 8 7.91 35.58 -4.34
CA LYS D 8 6.54 36.04 -4.26
C LYS D 8 6.20 36.61 -2.86
N PRO D 9 5.21 37.50 -2.80
CA PRO D 9 4.79 38.06 -1.52
C PRO D 9 3.73 37.12 -0.87
N LEU D 10 3.50 37.24 0.43
CA LEU D 10 2.42 36.50 1.08
C LEU D 10 1.08 36.92 0.51
N CYS D 11 0.17 35.96 0.32
CA CYS D 11 -1.19 36.30 -0.15
C CYS D 11 -1.85 37.03 0.99
N GLU D 12 -2.87 37.82 0.67
CA GLU D 12 -3.70 38.49 1.64
C GLU D 12 -4.50 37.42 2.35
N VAL D 13 -4.71 37.58 3.66
CA VAL D 13 -5.48 36.59 4.40
C VAL D 13 -6.56 37.24 5.28
N ASN D 14 -7.84 36.83 5.12
CA ASN D 14 -8.90 37.38 5.94
C ASN D 14 -9.59 36.37 6.79
N SER D 15 -9.36 35.10 6.48
CA SER D 15 -9.90 33.95 7.21
C SER D 15 -9.08 32.71 6.78
N TRP D 16 -9.38 31.56 7.38
CA TRP D 16 -8.68 30.30 7.12
C TRP D 16 -9.63 29.17 6.65
N HIS D 17 -9.28 28.50 5.55
CA HIS D 17 -10.07 27.39 5.04
C HIS D 17 -9.42 26.06 5.47
N ILE D 18 -10.24 25.03 5.63
CA ILE D 18 -9.73 23.71 5.98
C ILE D 18 -8.89 23.12 4.82
N LEU D 19 -7.70 22.64 5.15
CA LEU D 19 -6.85 21.96 4.17
C LEU D 19 -6.85 20.44 4.36
N SER D 20 -6.64 19.97 5.60
CA SER D 20 -6.57 18.51 5.89
C SER D 20 -6.75 18.28 7.41
N LYS D 21 -7.22 17.07 7.75
CA LYS D 21 -7.37 16.55 9.11
C LYS D 21 -7.24 15.04 9.02
N ASP D 22 -6.43 14.42 9.88
CA ASP D 22 -6.23 12.99 9.66
C ASP D 22 -7.04 12.15 10.63
N ASN D 23 -7.63 12.78 11.67
CA ASN D 23 -8.46 11.98 12.62
C ASN D 23 -7.73 10.71 13.09
N ALA D 24 -6.42 10.84 13.31
CA ALA D 24 -5.56 9.71 13.66
C ALA D 24 -5.98 8.92 14.92
N ILE D 25 -6.39 9.64 15.98
CA ILE D 25 -6.75 8.95 17.25
C ILE D 25 -8.14 8.21 17.12
N ARG D 26 -9.11 8.85 16.48
CA ARG D 26 -10.37 8.18 16.20
C ARG D 26 -10.13 6.86 15.43
N ILE D 27 -9.30 6.95 14.41
CA ILE D 27 -9.13 5.81 13.53
C ILE D 27 -8.24 4.78 14.27
N GLY D 28 -7.22 5.28 14.94
CA GLY D 28 -6.24 4.45 15.64
C GLY D 28 -6.82 3.73 16.82
N GLU D 29 -8.08 3.96 17.15
CA GLU D 29 -8.70 3.24 18.28
C GLU D 29 -8.91 1.76 17.89
N ASP D 30 -8.93 1.47 16.58
CA ASP D 30 -9.18 0.13 16.08
C ASP D 30 -8.43 -0.20 14.76
N ALA D 31 -7.55 0.66 14.25
CA ALA D 31 -6.78 0.33 13.05
C ALA D 31 -5.35 0.46 13.58
N HIS D 32 -4.37 0.03 12.79
CA HIS D 32 -2.97 0.01 13.27
C HIS D 32 -2.31 1.35 13.01
N ILE D 33 -2.48 2.26 13.95
CA ILE D 33 -1.96 3.62 13.78
C ILE D 33 -0.78 3.90 14.75
N LEU D 34 0.31 4.42 14.25
CA LEU D 34 1.52 4.71 15.00
C LEU D 34 1.27 5.82 16.02
N VAL D 35 1.92 5.70 17.18
CA VAL D 35 1.86 6.78 18.16
C VAL D 35 2.85 7.82 17.66
N THR D 36 2.44 9.08 17.65
CA THR D 36 3.34 10.16 17.23
C THR D 36 3.35 11.38 18.23
N ARG D 37 4.09 12.42 17.85
CA ARG D 37 3.99 13.76 18.39
C ARG D 37 4.87 14.63 17.55
N GLU D 38 4.86 15.94 17.82
CA GLU D 38 5.68 16.88 17.07
C GLU D 38 5.42 16.73 15.56
N PRO D 39 4.16 16.80 15.14
CA PRO D 39 3.86 16.64 13.71
C PRO D 39 4.04 17.96 13.00
N TYR D 40 3.95 17.91 11.68
CA TYR D 40 3.93 19.09 10.87
C TYR D 40 3.61 18.74 9.42
N LEU D 41 3.57 19.76 8.53
CA LEU D 41 3.40 19.48 7.10
C LEU D 41 4.51 20.16 6.29
N SER D 42 4.77 19.59 5.12
CA SER D 42 5.75 20.17 4.23
C SER D 42 5.43 19.73 2.79
N CYS D 43 5.58 20.67 1.86
CA CYS D 43 5.18 20.45 0.47
C CYS D 43 6.40 20.41 -0.47
N ASP D 44 6.12 20.05 -1.72
CA ASP D 44 7.13 19.96 -2.77
C ASP D 44 6.42 20.18 -4.11
N PRO D 45 7.14 20.14 -5.23
CA PRO D 45 6.46 20.34 -6.53
C PRO D 45 5.22 19.46 -6.77
N GLN D 46 5.15 18.26 -6.22
CA GLN D 46 4.01 17.37 -6.47
C GLN D 46 2.83 17.56 -5.51
N GLY D 47 3.05 18.16 -4.36
CA GLY D 47 1.96 18.30 -3.39
C GLY D 47 2.43 18.53 -1.96
N CYS D 48 1.60 18.17 -0.98
CA CYS D 48 1.98 18.29 0.43
C CYS D 48 1.88 16.96 1.12
N ARG D 49 2.73 16.76 2.13
CA ARG D 49 2.72 15.57 2.97
C ARG D 49 2.72 15.95 4.43
N MET D 50 2.31 14.99 5.28
CA MET D 50 2.32 15.17 6.71
C MET D 50 3.56 14.50 7.27
N PHE D 51 4.09 15.02 8.40
CA PHE D 51 5.31 14.50 9.03
C PHE D 51 5.02 14.39 10.52
N ALA D 52 5.79 13.56 11.23
CA ALA D 52 5.74 13.52 12.72
C ALA D 52 6.82 12.60 13.27
N LEU D 53 7.05 12.69 14.55
CA LEU D 53 8.01 11.79 15.20
C LEU D 53 7.25 10.58 15.76
N SER D 54 7.41 9.42 15.09
CA SER D 54 6.84 8.17 15.62
C SER D 54 7.49 7.80 16.92
N GLN D 55 6.80 7.01 17.73
CA GLN D 55 7.33 6.44 18.97
C GLN D 55 7.69 4.95 18.80
N GLY D 56 7.52 4.43 17.60
CA GLY D 56 7.84 3.07 17.29
C GLY D 56 6.94 2.10 17.99
N THR D 57 5.66 2.39 17.95
CA THR D 57 4.64 1.48 18.39
C THR D 57 3.29 2.00 17.85
N THR D 58 2.27 1.16 17.89
CA THR D 58 0.92 1.64 17.53
C THR D 58 0.21 2.13 18.76
N LEU D 59 -0.83 2.93 18.52
CA LEU D 59 -1.59 3.53 19.57
C LEU D 59 -2.26 2.44 20.49
N ARG D 60 -2.86 1.42 19.90
CA ARG D 60 -3.45 0.33 20.71
C ARG D 60 -2.46 -0.69 21.28
N GLY D 61 -1.24 -0.68 20.77
CA GLY D 61 -0.23 -1.64 21.24
C GLY D 61 0.15 -1.43 22.68
N ARG D 62 0.63 -2.49 23.33
CA ARG D 62 1.08 -2.35 24.73
C ARG D 62 2.29 -1.42 24.89
N HIS D 63 3.06 -1.23 23.80
CA HIS D 63 4.24 -0.36 23.91
C HIS D 63 3.84 1.10 23.84
N ALA D 64 2.56 1.38 23.61
CA ALA D 64 2.09 2.76 23.67
C ALA D 64 2.24 3.27 25.13
N ASN D 65 2.34 2.33 26.07
CA ASN D 65 2.46 2.70 27.47
C ASN D 65 3.84 3.29 27.72
N GLY D 66 3.89 4.51 28.29
CA GLY D 66 5.17 5.19 28.47
C GLY D 66 5.47 6.26 27.41
N THR D 67 4.58 6.45 26.44
CA THR D 67 4.96 7.33 25.35
C THR D 67 4.88 8.83 25.65
N ILE D 68 4.63 9.22 26.89
CA ILE D 68 4.76 10.64 27.19
C ILE D 68 6.21 11.05 27.06
N HIS D 69 7.11 10.06 27.23
CA HIS D 69 8.57 10.30 27.18
C HIS D 69 8.99 10.86 25.80
N ASP D 70 9.74 11.96 25.78
CA ASP D 70 10.11 12.65 24.49
C ASP D 70 11.20 11.98 23.68
N ARG D 71 12.16 11.29 24.31
CA ARG D 71 13.34 10.83 23.59
C ARG D 71 13.65 9.36 23.87
N SER D 72 13.91 8.60 22.80
CA SER D 72 14.19 7.17 22.95
C SER D 72 14.85 6.73 21.66
N PRO D 73 15.46 5.54 21.66
CA PRO D 73 16.08 5.02 20.42
C PRO D 73 15.04 4.43 19.50
N PHE D 74 13.76 4.58 19.81
CA PHE D 74 12.70 3.95 19.01
C PHE D 74 11.85 4.98 18.25
N ARG D 75 12.26 6.26 18.31
CA ARG D 75 11.64 7.31 17.53
C ARG D 75 12.30 7.54 16.17
N ALA D 76 11.53 8.12 15.25
CA ALA D 76 12.03 8.40 13.90
C ALA D 76 11.08 9.43 13.25
N LEU D 77 11.62 10.25 12.35
CA LEU D 77 10.75 11.16 11.57
C LEU D 77 10.12 10.33 10.49
N ILE D 78 8.80 10.39 10.37
CA ILE D 78 8.06 9.71 9.30
C ILE D 78 7.25 10.72 8.53
N SER D 79 6.98 10.42 7.26
CA SER D 79 6.11 11.25 6.45
C SER D 79 5.14 10.36 5.75
N TRP D 80 4.03 10.93 5.27
CA TRP D 80 2.96 10.17 4.62
C TRP D 80 1.97 11.11 3.88
N GLU D 81 1.21 10.53 2.97
CA GLU D 81 0.30 11.30 2.14
C GLU D 81 -0.70 12.11 2.97
N MET D 82 -0.80 13.40 2.64
CA MET D 82 -1.62 14.36 3.43
C MET D 82 -3.07 13.83 3.66
N GLY D 83 -3.51 13.79 4.91
CA GLY D 83 -4.88 13.40 5.17
C GLY D 83 -5.07 12.00 5.65
N GLN D 84 -4.19 11.09 5.21
CA GLN D 84 -4.20 9.74 5.72
C GLN D 84 -3.74 9.83 7.19
N ALA D 85 -4.08 8.81 7.98
CA ALA D 85 -3.54 8.68 9.34
C ALA D 85 -2.24 7.89 9.26
N PRO D 86 -1.29 8.15 10.12
CA PRO D 86 0.02 7.44 10.05
C PRO D 86 -0.04 5.97 10.56
N SER D 87 0.08 5.02 9.64
CA SER D 87 0.11 3.61 10.02
C SER D 87 1.53 3.03 9.71
N PRO D 88 1.84 1.81 10.21
CA PRO D 88 3.10 1.12 9.85
C PRO D 88 3.11 0.77 8.36
N TYR D 89 1.96 0.94 7.68
CA TYR D 89 1.87 0.53 6.27
C TYR D 89 2.02 1.63 5.19
N ASN D 90 1.94 2.90 5.57
CA ASN D 90 1.87 3.92 4.55
C ASN D 90 2.83 5.03 4.88
N THR D 91 3.81 4.78 5.77
CA THR D 91 4.65 5.86 6.26
C THR D 91 6.10 5.66 5.78
N ARG D 92 6.75 6.74 5.42
CA ARG D 92 8.13 6.67 4.96
C ARG D 92 9.00 7.15 6.09
N VAL D 93 10.05 6.41 6.36
CA VAL D 93 10.98 6.86 7.40
C VAL D 93 11.96 7.83 6.80
N GLU D 94 11.96 9.07 7.28
CA GLU D 94 12.84 10.10 6.73
C GLU D 94 14.22 10.02 7.36
N CYS D 95 14.27 9.81 8.66
CA CYS D 95 15.51 9.62 9.41
C CYS D 95 15.17 9.12 10.85
N ILE D 96 16.21 8.77 11.62
CA ILE D 96 16.04 8.22 12.96
C ILE D 96 16.39 9.28 13.98
N GLY D 97 15.49 9.51 14.94
CA GLY D 97 15.78 10.33 16.09
C GLY D 97 14.53 10.94 16.69
N TRP D 98 14.71 11.93 17.56
CA TRP D 98 13.64 12.42 18.40
C TRP D 98 13.51 13.98 18.35
N SER D 99 14.01 14.55 17.26
CA SER D 99 13.77 15.98 16.97
C SER D 99 14.17 16.14 15.51
N SER D 100 13.41 16.91 14.75
CA SER D 100 13.68 17.01 13.32
C SER D 100 13.19 18.30 12.67
N THR D 101 13.56 18.41 11.37
CA THR D 101 13.04 19.40 10.48
C THR D 101 13.14 18.83 9.11
N SER D 102 12.47 19.46 8.13
CA SER D 102 12.50 18.98 6.73
C SER D 102 12.00 20.04 5.76
N CYS D 103 12.55 20.06 4.55
CA CYS D 103 12.10 20.99 3.53
C CYS D 103 12.62 20.58 2.15
N HIS D 104 11.87 20.98 1.12
CA HIS D 104 12.22 20.66 -0.26
C HIS D 104 12.73 21.93 -0.94
N ASP D 105 13.89 21.83 -1.58
CA ASP D 105 14.52 23.02 -2.16
C ASP D 105 14.08 23.26 -3.62
N GLY D 106 13.11 22.49 -4.10
CA GLY D 106 12.67 22.57 -5.50
C GLY D 106 13.21 21.40 -6.30
N MET D 107 14.37 20.88 -5.89
CA MET D 107 14.95 19.70 -6.53
C MET D 107 14.75 18.40 -5.71
N SER D 108 15.11 18.46 -4.44
CA SER D 108 14.98 17.28 -3.58
C SER D 108 14.62 17.74 -2.17
N ARG D 109 14.24 16.76 -1.30
CA ARG D 109 13.95 17.05 0.08
C ARG D 109 15.17 16.81 0.97
N MET D 110 15.39 17.75 1.88
CA MET D 110 16.34 17.64 2.95
C MET D 110 15.60 17.28 4.25
N SER D 111 16.12 16.28 5.01
CA SER D 111 15.51 15.89 6.27
C SER D 111 16.61 15.75 7.32
N ILE D 112 16.33 16.21 8.54
CA ILE D 112 17.36 16.21 9.56
C ILE D 112 16.74 15.68 10.83
N CYS D 113 17.45 14.76 11.49
CA CYS D 113 16.99 14.18 12.79
C CYS D 113 18.15 14.21 13.76
N MET D 114 17.85 14.47 15.03
CA MET D 114 18.79 14.31 16.13
C MET D 114 18.50 13.05 16.88
N SER D 115 19.55 12.31 17.30
CA SER D 115 19.33 11.18 18.18
C SER D 115 20.50 11.08 19.13
N GLY D 116 20.40 10.16 20.07
CA GLY D 116 21.47 9.89 21.04
C GLY D 116 21.11 10.32 22.46
N PRO D 117 22.05 10.17 23.38
CA PRO D 117 21.85 10.47 24.80
C PRO D 117 21.90 11.97 24.96
N ASN D 118 21.30 12.51 26.03
CA ASN D 118 21.25 13.95 26.25
C ASN D 118 22.56 14.64 26.13
N ASN D 119 23.63 14.05 26.68
CA ASN D 119 24.96 14.68 26.68
C ASN D 119 25.79 14.33 25.42
N ASN D 120 25.16 13.70 24.42
CA ASN D 120 25.93 13.32 23.24
C ASN D 120 25.14 13.11 21.99
N ALA D 121 24.21 14.00 21.70
CA ALA D 121 23.30 13.83 20.59
C ALA D 121 24.08 14.26 19.35
N SER D 122 23.62 13.82 18.20
CA SER D 122 24.16 14.22 16.93
C SER D 122 23.00 14.34 15.96
N ALA D 123 23.18 15.21 14.98
CA ALA D 123 22.26 15.30 13.88
C ALA D 123 22.78 14.57 12.65
N VAL D 124 21.86 13.92 11.92
CA VAL D 124 22.20 13.38 10.58
C VAL D 124 21.36 14.14 9.56
N VAL D 125 22.03 14.73 8.57
CA VAL D 125 21.33 15.50 7.54
C VAL D 125 21.16 14.65 6.29
N TRP D 126 19.93 14.52 5.82
CA TRP D 126 19.59 13.71 4.67
C TRP D 126 19.18 14.63 3.49
N TYR D 127 19.49 14.19 2.26
CA TYR D 127 19.07 14.88 1.05
C TYR D 127 18.79 13.89 -0.08
N GLY D 128 17.60 13.97 -0.68
CA GLY D 128 17.25 13.00 -1.73
C GLY D 128 17.18 11.58 -1.16
N GLY D 129 16.90 11.47 0.16
CA GLY D 129 16.71 10.23 0.86
C GLY D 129 18.04 9.48 1.16
N ARG D 130 19.19 10.19 1.07
CA ARG D 130 20.48 9.63 1.44
C ARG D 130 21.17 10.53 2.49
N PRO D 131 21.88 9.94 3.44
CA PRO D 131 22.54 10.74 4.50
C PRO D 131 23.76 11.47 3.87
N ILE D 132 23.91 12.74 4.17
CA ILE D 132 24.93 13.58 3.60
C ILE D 132 25.92 14.06 4.67
N THR D 133 25.45 14.60 5.79
CA THR D 133 26.26 15.21 6.80
C THR D 133 25.84 14.79 8.20
N GLU D 134 26.80 14.80 9.10
CA GLU D 134 26.53 14.54 10.48
C GLU D 134 27.11 15.68 11.33
N ILE D 135 26.40 16.02 12.41
CA ILE D 135 26.79 17.14 13.26
C ILE D 135 26.71 16.76 14.72
N PRO D 136 27.84 16.69 15.40
CA PRO D 136 27.83 16.38 16.83
C PRO D 136 27.35 17.53 17.70
N SER D 137 26.84 17.23 18.88
CA SER D 137 26.44 18.21 19.89
C SER D 137 27.61 19.13 20.30
N TRP D 138 27.32 20.40 20.42
CA TRP D 138 28.35 21.39 20.73
C TRP D 138 28.28 21.87 22.15
N ALA D 139 27.20 21.52 22.83
CA ALA D 139 27.03 21.99 24.21
C ALA D 139 26.66 20.83 25.13
N GLY D 140 26.58 19.63 24.55
CA GLY D 140 26.39 18.41 25.32
C GLY D 140 25.08 18.44 26.10
N ASN D 141 24.00 18.97 25.52
CA ASN D 141 22.74 19.02 26.23
C ASN D 141 21.54 19.09 25.23
N ILE D 142 21.17 17.93 24.70
CA ILE D 142 19.97 17.73 23.87
C ILE D 142 19.99 18.64 22.65
N LEU D 143 21.03 18.49 21.82
CA LEU D 143 21.02 19.14 20.54
C LEU D 143 19.64 18.88 19.90
N ARG D 144 18.98 19.94 19.41
CA ARG D 144 17.58 19.83 18.95
C ARG D 144 17.26 20.90 17.93
N THR D 145 16.17 20.70 17.20
CA THR D 145 15.81 21.61 16.15
C THR D 145 14.29 21.97 16.07
N GLN D 146 13.86 22.40 14.89
CA GLN D 146 12.57 23.10 14.66
C GLN D 146 11.26 22.37 14.96
N GLU D 147 11.15 21.10 14.57
CA GLU D 147 9.93 20.28 14.75
C GLU D 147 8.83 20.80 13.81
N SER D 148 9.25 21.59 12.80
CA SER D 148 8.37 21.94 11.67
C SER D 148 9.32 22.23 10.48
N GLU D 149 8.77 22.59 9.33
CA GLU D 149 9.58 22.67 8.11
C GLU D 149 10.59 23.80 8.05
N CYS D 150 11.72 23.55 7.37
CA CYS D 150 12.67 24.63 7.08
C CYS D 150 12.22 25.26 5.74
N VAL D 151 12.99 26.22 5.21
CA VAL D 151 12.61 26.93 3.97
C VAL D 151 13.87 27.14 3.16
N CYS D 152 13.72 27.05 1.85
CA CYS D 152 14.88 27.14 0.94
C CYS D 152 14.77 28.26 -0.09
N HIS D 153 15.93 28.82 -0.47
CA HIS D 153 16.00 29.87 -1.46
C HIS D 153 17.27 29.73 -2.32
N LYS D 154 17.08 29.56 -3.64
CA LYS D 154 18.21 29.28 -4.54
C LYS D 154 19.08 28.13 -4.03
N GLY D 155 18.45 27.12 -3.42
CA GLY D 155 19.19 25.96 -2.92
C GLY D 155 19.73 26.07 -1.50
N VAL D 156 19.63 27.24 -0.89
CA VAL D 156 20.14 27.44 0.45
C VAL D 156 18.99 27.34 1.44
N CYS D 157 19.09 26.35 2.33
CA CYS D 157 18.02 26.08 3.32
C CYS D 157 18.60 26.33 4.75
N PRO D 158 18.30 27.50 5.35
CA PRO D 158 18.75 27.71 6.73
C PRO D 158 17.97 26.80 7.69
N VAL D 159 18.60 26.37 8.78
CA VAL D 159 17.92 25.62 9.84
C VAL D 159 18.36 26.17 11.16
N VAL D 160 17.40 26.36 12.08
CA VAL D 160 17.71 26.83 13.42
C VAL D 160 17.83 25.64 14.38
N MET D 161 18.95 25.54 15.08
CA MET D 161 19.19 24.45 16.03
C MET D 161 19.61 25.04 17.41
N THR D 162 19.37 24.27 18.46
CA THR D 162 19.76 24.72 19.77
C THR D 162 20.34 23.54 20.52
N ASP D 163 21.36 23.82 21.34
CA ASP D 163 21.95 22.84 22.24
C ASP D 163 22.23 23.58 23.56
N GLY D 164 21.77 23.05 24.68
CA GLY D 164 21.93 23.74 25.94
C GLY D 164 20.68 23.71 26.78
N PRO D 165 20.74 24.30 27.99
CA PRO D 165 19.61 24.28 28.92
C PRO D 165 18.23 24.63 28.27
N ALA D 166 17.20 24.01 28.79
CA ALA D 166 15.84 24.36 28.49
C ALA D 166 15.36 25.53 29.36
N ASN D 167 16.08 25.79 30.44
CA ASN D 167 15.59 26.75 31.43
C ASN D 167 16.66 27.77 31.81
N ASN D 168 17.53 28.05 30.86
CA ASN D 168 18.60 29.03 31.06
C ASN D 168 19.22 29.31 29.69
N ARG D 169 20.14 30.27 29.63
CA ARG D 169 20.77 30.66 28.37
C ARG D 169 21.33 29.41 27.65
N ALA D 170 21.15 29.30 26.33
CA ALA D 170 21.67 28.13 25.59
C ALA D 170 22.41 28.57 24.33
N ALA D 171 22.91 27.58 23.57
CA ALA D 171 23.72 27.86 22.38
C ALA D 171 23.00 27.56 21.05
N THR D 172 22.44 28.60 20.46
CA THR D 172 21.66 28.45 19.27
C THR D 172 22.53 28.73 18.07
N LYS D 173 22.33 27.95 17.02
CA LYS D 173 23.05 28.23 15.81
C LYS D 173 22.13 28.22 14.60
N ILE D 174 22.49 28.96 13.54
CA ILE D 174 21.73 28.86 12.31
C ILE D 174 22.69 28.24 11.32
N ILE D 175 22.30 27.08 10.78
CA ILE D 175 23.17 26.34 9.88
C ILE D 175 22.60 26.41 8.48
N TYR D 176 23.41 26.86 7.53
CA TYR D 176 22.93 27.03 6.17
C TYR D 176 23.32 25.85 5.31
N PHE D 177 22.32 25.19 4.74
CA PHE D 177 22.54 23.99 3.94
C PHE D 177 22.29 24.16 2.42
N LYS D 178 23.02 23.41 1.63
CA LYS D 178 22.72 23.28 0.22
C LYS D 178 23.00 21.84 -0.17
N GLU D 179 21.96 21.12 -0.57
CA GLU D 179 22.09 19.72 -0.97
C GLU D 179 22.67 18.92 0.21
N GLY D 180 22.26 19.31 1.41
CA GLY D 180 22.61 18.61 2.65
C GLY D 180 24.02 18.90 3.14
N LYS D 181 24.78 19.74 2.45
CA LYS D 181 26.16 20.12 2.84
C LYS D 181 26.16 21.48 3.53
N ILE D 182 27.03 21.62 4.54
CA ILE D 182 27.01 22.85 5.34
C ILE D 182 27.70 23.92 4.55
N GLN D 183 26.98 25.00 4.26
CA GLN D 183 27.55 26.18 3.58
C GLN D 183 28.13 27.23 4.56
N LYS D 184 27.48 27.40 5.69
CA LYS D 184 27.92 28.36 6.71
C LYS D 184 27.23 28.01 8.00
N ILE D 185 27.87 28.33 9.13
CA ILE D 185 27.28 28.22 10.45
C ILE D 185 27.38 29.57 11.18
N GLU D 186 26.27 30.08 11.73
CA GLU D 186 26.35 31.33 12.51
C GLU D 186 25.85 31.09 13.89
N GLU D 187 26.47 31.76 14.86
CA GLU D 187 25.93 31.73 16.19
C GLU D 187 24.74 32.70 16.26
N LEU D 188 23.73 32.42 17.10
CA LEU D 188 22.61 33.31 17.26
C LEU D 188 23.09 34.69 17.71
N ALA D 189 22.53 35.72 17.10
CA ALA D 189 22.81 37.10 17.47
C ALA D 189 21.51 37.86 17.68
N GLY D 190 21.60 39.07 18.27
CA GLY D 190 20.43 39.92 18.46
C GLY D 190 19.81 39.81 19.85
N ASN D 191 18.53 40.22 19.95
CA ASN D 191 17.89 40.39 21.27
C ASN D 191 17.03 39.25 21.81
N ALA D 192 16.81 38.22 20.99
CA ALA D 192 16.13 37.02 21.48
C ALA D 192 17.01 36.33 22.51
N GLN D 193 16.48 36.07 23.72
CA GLN D 193 17.32 35.53 24.81
C GLN D 193 17.35 33.99 24.88
N HIS D 194 16.41 33.33 24.21
CA HIS D 194 16.36 31.83 24.22
C HIS D 194 15.56 31.42 22.99
N ILE D 195 16.06 30.39 22.29
CA ILE D 195 15.44 30.01 21.03
C ILE D 195 15.20 28.50 20.98
N GLU D 196 13.94 28.11 20.69
CA GLU D 196 13.59 26.71 20.44
C GLU D 196 12.53 26.59 19.38
N GLU D 197 12.42 25.39 18.80
CA GLU D 197 11.35 24.98 17.89
C GLU D 197 10.83 26.06 16.93
N CYS D 198 11.70 26.65 16.16
CA CYS D 198 11.29 27.73 15.27
C CYS D 198 10.35 27.27 14.15
N SER D 199 9.30 28.06 13.90
CA SER D 199 8.35 27.84 12.81
C SER D 199 8.66 28.92 11.78
N CYS D 200 9.10 28.49 10.60
CA CYS D 200 9.65 29.44 9.60
C CYS D 200 8.87 29.39 8.26
N TYR D 201 8.82 30.53 7.58
CA TYR D 201 8.26 30.66 6.23
C TYR D 201 9.01 31.73 5.43
N GLY D 202 8.82 31.72 4.13
CA GLY D 202 9.52 32.63 3.24
C GLY D 202 8.56 33.44 2.38
N ALA D 203 8.95 34.68 2.11
CA ALA D 203 8.21 35.58 1.21
C ALA D 203 9.12 36.78 0.87
N GLY D 204 9.03 37.23 -0.38
CA GLY D 204 9.79 38.42 -0.79
C GLY D 204 11.30 38.31 -0.45
N GLY D 205 11.90 37.13 -0.61
CA GLY D 205 13.34 36.93 -0.37
C GLY D 205 13.85 36.90 1.08
N VAL D 206 12.90 36.94 2.03
CA VAL D 206 13.18 37.00 3.48
C VAL D 206 12.54 35.81 4.18
N ILE D 207 13.29 35.17 5.06
CA ILE D 207 12.76 34.05 5.80
C ILE D 207 12.55 34.55 7.18
N LYS D 208 11.36 34.29 7.76
CA LYS D 208 11.03 34.62 9.12
C LYS D 208 10.81 33.35 9.97
N CYS D 209 11.37 33.32 11.17
CA CYS D 209 11.22 32.19 12.06
C CYS D 209 10.65 32.70 13.33
N ILE D 210 9.44 32.19 13.69
CA ILE D 210 8.79 32.59 14.92
C ILE D 210 8.99 31.42 15.86
N CYS D 211 9.62 31.67 17.02
CA CYS D 211 10.11 30.58 17.84
C CYS D 211 9.54 30.55 19.25
N ARG D 212 10.12 29.69 20.07
CA ARG D 212 9.72 29.49 21.43
C ARG D 212 10.87 29.88 22.40
N ASP D 213 10.60 30.82 23.29
CA ASP D 213 11.60 31.20 24.31
C ASP D 213 11.19 30.43 25.53
N ASN D 214 11.96 29.41 25.90
CA ASN D 214 11.51 28.51 26.95
C ASN D 214 12.04 28.97 28.30
N TRP D 215 12.79 30.03 28.29
CA TRP D 215 13.53 30.46 29.48
C TRP D 215 12.80 31.63 30.16
N LYS D 216 12.45 32.68 29.40
CA LYS D 216 11.80 33.83 29.99
C LYS D 216 10.49 34.23 29.32
N GLY D 217 10.49 34.57 28.02
CA GLY D 217 9.40 35.35 27.46
C GLY D 217 8.12 34.56 27.17
N ALA D 218 6.96 35.17 27.41
CA ALA D 218 5.67 34.67 26.93
C ALA D 218 5.41 35.30 25.54
N ASN D 219 6.21 36.29 25.16
CA ASN D 219 6.13 36.79 23.79
C ASN D 219 7.09 35.89 23.01
N ARG D 220 6.84 35.71 21.73
CA ARG D 220 7.73 34.75 20.98
C ARG D 220 8.89 35.46 20.28
N PRO D 221 10.08 34.89 20.35
CA PRO D 221 11.22 35.44 19.61
C PRO D 221 11.03 35.37 18.10
N VAL D 222 11.66 36.27 17.34
CA VAL D 222 11.55 36.28 15.91
C VAL D 222 12.95 36.45 15.33
N ILE D 223 13.36 35.53 14.47
CA ILE D 223 14.62 35.59 13.76
C ILE D 223 14.33 35.86 12.28
N THR D 224 15.06 36.82 11.71
CA THR D 224 14.90 37.22 10.31
C THR D 224 16.15 36.87 9.59
N ILE D 225 16.01 36.06 8.54
CA ILE D 225 17.15 35.49 7.84
C ILE D 225 17.21 35.89 6.38
N ASP D 226 18.38 36.37 6.00
CA ASP D 226 18.67 36.69 4.62
C ASP D 226 19.37 35.42 4.08
N PRO D 227 18.66 34.61 3.31
CA PRO D 227 19.21 33.37 2.77
C PRO D 227 20.30 33.56 1.72
N GLU D 228 20.40 34.75 1.12
CA GLU D 228 21.47 34.97 0.12
C GLU D 228 22.81 35.41 0.78
N MET D 229 22.74 36.36 1.72
CA MET D 229 23.88 36.76 2.49
C MET D 229 24.20 35.74 3.60
N MET D 230 23.22 34.90 3.95
CA MET D 230 23.39 33.95 5.05
C MET D 230 23.75 34.66 6.34
N THR D 231 22.94 35.66 6.67
CA THR D 231 23.09 36.40 7.94
C THR D 231 21.67 36.56 8.48
N HIS D 232 21.57 36.98 9.72
CA HIS D 232 20.30 37.12 10.43
C HIS D 232 20.34 38.19 11.54
N THR D 233 19.14 38.54 12.03
CA THR D 233 18.93 39.38 13.22
C THR D 233 17.87 38.67 14.03
N SER D 234 17.71 39.06 15.30
CA SER D 234 16.66 38.52 16.10
C SER D 234 16.16 39.52 17.14
N LYS D 235 14.89 39.39 17.50
CA LYS D 235 14.27 40.21 18.54
C LYS D 235 13.05 39.47 18.99
N TYR D 236 12.04 40.18 19.48
CA TYR D 236 10.82 39.55 19.89
C TYR D 236 9.69 40.16 19.10
N LEU D 237 8.58 39.44 19.05
CA LEU D 237 7.35 39.95 18.46
C LEU D 237 6.93 41.11 19.34
N CYS D 238 6.69 42.24 18.72
CA CYS D 238 6.43 43.49 19.45
C CYS D 238 5.07 43.50 20.12
N SER D 239 4.10 42.85 19.50
CA SER D 239 2.71 42.93 19.96
C SER D 239 2.51 42.65 21.45
N LYS D 240 1.56 43.35 22.07
CA LYS D 240 1.10 43.01 23.44
C LYS D 240 0.32 41.71 23.46
N VAL D 241 -0.10 41.24 22.29
CA VAL D 241 -0.88 39.97 22.26
C VAL D 241 0.14 38.83 22.40
N LEU D 242 0.21 38.25 23.60
CA LEU D 242 1.23 37.23 23.93
C LEU D 242 0.77 35.91 23.33
N THR D 243 1.68 35.14 22.74
CA THR D 243 1.23 33.91 22.09
C THR D 243 1.91 32.59 22.57
N ASP D 244 2.77 32.65 23.57
CA ASP D 244 3.36 31.44 24.08
C ASP D 244 2.40 30.86 25.08
N THR D 245 2.68 29.65 25.58
CA THR D 245 1.75 29.10 26.51
C THR D 245 2.25 28.82 27.88
N SER D 246 1.37 29.24 28.78
CA SER D 246 1.69 29.62 30.12
C SER D 246 2.27 30.98 29.75
N ARG D 247 1.34 31.91 29.71
CA ARG D 247 1.59 33.32 29.55
C ARG D 247 0.69 34.05 30.56
N PRO D 248 1.07 35.26 30.98
CA PRO D 248 0.18 36.04 31.87
C PRO D 248 -0.84 36.73 30.97
N ASN D 249 -1.73 37.56 31.52
CA ASN D 249 -2.62 38.33 30.68
C ASN D 249 -1.81 39.21 29.72
N ASP D 250 -2.39 39.57 28.59
CA ASP D 250 -1.67 40.51 27.72
C ASP D 250 -1.49 41.82 28.50
N PRO D 251 -0.28 42.40 28.44
CA PRO D 251 -0.07 43.71 29.03
C PRO D 251 -0.51 44.85 28.11
N THR D 252 -0.43 46.08 28.62
CA THR D 252 -0.81 47.24 27.85
C THR D 252 0.11 47.42 26.64
N ASN D 253 1.39 47.13 26.80
CA ASN D 253 2.36 47.22 25.74
C ASN D 253 3.21 45.97 25.73
N GLY D 254 3.49 45.47 24.55
CA GLY D 254 4.44 44.39 24.38
C GLY D 254 5.84 44.98 24.42
N ASN D 255 6.83 44.18 24.04
CA ASN D 255 8.23 44.69 24.04
C ASN D 255 8.94 44.02 22.89
N CYS D 256 9.41 44.82 21.94
CA CYS D 256 10.14 44.30 20.77
C CYS D 256 11.49 43.65 21.12
N ASP D 257 12.16 44.11 22.18
CA ASP D 257 13.53 43.68 22.34
C ASP D 257 13.89 42.98 23.61
N ALA D 258 12.88 42.54 24.34
CA ALA D 258 13.09 41.90 25.62
C ALA D 258 11.89 40.99 25.86
N PRO D 259 12.09 39.93 26.60
CA PRO D 259 10.97 39.06 26.97
C PRO D 259 9.99 39.65 27.93
N ILE D 260 8.71 39.41 27.69
CA ILE D 260 7.66 39.62 28.70
C ILE D 260 7.42 38.36 29.46
N THR D 261 7.86 38.36 30.72
CA THR D 261 7.75 37.19 31.56
C THR D 261 6.44 37.03 32.32
N GLY D 262 6.31 35.86 32.94
CA GLY D 262 5.13 35.49 33.70
C GLY D 262 4.40 34.28 33.15
N GLY D 263 3.32 33.91 33.83
CA GLY D 263 2.42 32.87 33.38
C GLY D 263 2.79 31.62 34.15
N SER D 264 1.89 30.64 34.16
CA SER D 264 2.06 29.45 34.96
C SER D 264 1.15 28.33 34.43
N PRO D 265 1.53 27.04 34.53
CA PRO D 265 2.79 26.59 35.14
C PRO D 265 3.91 26.16 34.16
N ASP D 266 3.71 26.32 32.85
CA ASP D 266 4.67 25.81 31.83
C ASP D 266 5.46 26.86 31.10
N PRO D 267 6.73 26.55 30.83
CA PRO D 267 7.64 27.54 30.28
C PRO D 267 7.44 27.78 28.77
N GLY D 268 6.67 26.96 28.06
CA GLY D 268 6.58 27.19 26.63
C GLY D 268 5.94 26.12 25.79
N VAL D 269 5.64 26.48 24.52
CA VAL D 269 5.10 25.50 23.55
C VAL D 269 5.49 26.04 22.16
N LYS D 270 5.71 25.13 21.18
CA LYS D 270 6.02 25.54 19.84
C LYS D 270 4.80 26.27 19.29
N GLY D 271 5.02 27.40 18.63
CA GLY D 271 3.96 28.14 17.98
C GLY D 271 4.48 28.87 16.76
N PHE D 272 3.71 29.85 16.25
CA PHE D 272 4.02 30.44 14.93
C PHE D 272 3.23 31.72 14.72
N ALA D 273 3.60 32.47 13.68
CA ALA D 273 2.80 33.60 13.22
C ALA D 273 3.26 33.91 11.78
N PHE D 274 2.42 34.61 11.04
CA PHE D 274 2.78 35.19 9.77
C PHE D 274 2.80 36.70 9.95
N LEU D 275 3.89 37.33 9.51
CA LEU D 275 4.16 38.75 9.78
C LEU D 275 4.41 39.52 8.50
N ASP D 276 3.47 40.39 8.19
CA ASP D 276 3.47 41.06 6.88
C ASP D 276 2.63 42.36 7.02
N GLY D 277 3.02 43.27 7.93
CA GLY D 277 2.37 44.57 8.11
C GLY D 277 0.94 44.40 8.55
N GLU D 278 0.00 45.00 7.81
CA GLU D 278 -1.43 44.87 8.18
C GLU D 278 -1.93 43.39 8.08
N ASN D 279 -1.33 42.64 7.13
CA ASN D 279 -1.66 41.24 6.85
C ASN D 279 -0.93 40.26 7.83
N SER D 280 -1.08 40.48 9.13
CA SER D 280 -0.38 39.66 10.13
C SER D 280 -1.34 38.83 10.97
N TRP D 281 -0.99 37.56 11.15
CA TRP D 281 -1.83 36.68 11.95
C TRP D 281 -1.02 35.94 12.96
N LEU D 282 -1.50 35.95 14.19
CA LEU D 282 -0.84 35.25 15.30
C LEU D 282 -1.74 34.10 15.75
N GLY D 283 -1.15 32.91 15.91
CA GLY D 283 -1.89 31.80 16.50
C GLY D 283 -1.50 31.67 17.97
N ARG D 284 -2.44 31.20 18.75
CA ARG D 284 -2.11 30.81 20.13
C ARG D 284 -3.14 29.87 20.70
N THR D 285 -2.80 29.16 21.79
CA THR D 285 -3.81 28.38 22.50
C THR D 285 -4.79 29.38 23.15
N ILE D 286 -6.05 28.99 23.26
CA ILE D 286 -7.02 29.89 23.85
C ILE D 286 -6.75 30.03 25.35
N SER D 287 -6.48 28.91 26.03
CA SER D 287 -6.10 28.96 27.43
C SER D 287 -4.74 29.63 27.54
N LYS D 288 -4.58 30.52 28.53
CA LYS D 288 -3.27 31.12 28.79
C LYS D 288 -2.34 30.20 29.61
N ASP D 289 -2.90 29.16 30.20
CA ASP D 289 -2.18 28.23 31.12
C ASP D 289 -1.88 26.91 30.48
N SER D 290 -2.85 26.37 29.75
CA SER D 290 -2.68 25.02 29.15
C SER D 290 -2.80 24.95 27.61
N ARG D 291 -2.39 23.81 27.07
CA ARG D 291 -2.44 23.57 25.65
C ARG D 291 -3.86 23.13 25.32
N SER D 292 -4.80 24.07 25.45
CA SER D 292 -6.19 23.78 25.13
C SER D 292 -6.77 24.90 24.27
N GLY D 293 -7.62 24.52 23.31
CA GLY D 293 -8.19 25.41 22.34
C GLY D 293 -7.09 25.95 21.43
N TYR D 294 -7.49 26.58 20.33
CA TYR D 294 -6.53 27.23 19.46
C TYR D 294 -7.21 28.31 18.66
N GLU D 295 -6.65 29.52 18.58
CA GLU D 295 -7.32 30.65 17.93
C GLU D 295 -6.32 31.36 17.07
N MET D 296 -6.83 31.95 15.99
CA MET D 296 -6.03 32.76 15.08
C MET D 296 -6.50 34.21 15.29
N LEU D 297 -5.57 35.11 15.50
CA LEU D 297 -5.90 36.52 15.73
C LEU D 297 -5.19 37.32 14.65
N LYS D 298 -5.94 38.11 13.90
CA LYS D 298 -5.36 39.04 12.97
C LYS D 298 -4.90 40.31 13.73
N VAL D 299 -3.59 40.53 13.81
CA VAL D 299 -3.09 41.71 14.53
C VAL D 299 -2.16 42.49 13.67
N PRO D 300 -2.68 43.54 13.04
CA PRO D 300 -1.86 44.31 12.12
C PRO D 300 -0.61 44.83 12.80
N ASN D 301 0.51 44.77 12.09
CA ASN D 301 1.79 45.29 12.57
C ASN D 301 2.28 44.66 13.84
N ALA D 302 1.78 43.46 14.17
CA ALA D 302 2.22 42.73 15.37
C ALA D 302 3.75 42.68 15.45
N GLU D 303 4.41 42.63 14.30
CA GLU D 303 5.86 42.49 14.25
C GLU D 303 6.60 43.71 14.72
N THR D 304 5.98 44.89 14.59
CA THR D 304 6.69 46.15 14.86
C THR D 304 6.04 47.07 15.91
N ASP D 305 4.76 46.86 16.19
CA ASP D 305 3.96 47.74 17.02
C ASP D 305 3.60 47.16 18.39
N ILE D 306 4.18 47.71 19.45
CA ILE D 306 3.96 47.17 20.81
C ILE D 306 2.54 47.35 21.27
N GLN D 307 1.79 48.23 20.60
CA GLN D 307 0.38 48.44 20.96
C GLN D 307 -0.65 47.67 20.09
N SER D 308 -0.18 46.90 19.14
CA SER D 308 -1.05 46.20 18.20
C SER D 308 -1.96 45.16 18.92
N GLY D 309 -3.28 45.29 18.72
CA GLY D 309 -4.21 44.30 19.16
C GLY D 309 -4.99 43.64 18.01
N PRO D 310 -5.82 42.67 18.33
CA PRO D 310 -6.56 41.88 17.30
C PRO D 310 -7.68 42.69 16.64
N ILE D 311 -7.83 42.56 15.33
CA ILE D 311 -8.98 43.18 14.64
C ILE D 311 -9.99 42.08 14.20
N SER D 312 -9.56 40.83 14.31
CA SER D 312 -10.42 39.69 13.99
C SER D 312 -9.88 38.43 14.62
N ASN D 313 -10.74 37.42 14.72
CA ASN D 313 -10.31 36.16 15.26
C ASN D 313 -11.10 35.02 14.64
N GLN D 314 -10.54 33.82 14.71
CA GLN D 314 -11.17 32.61 14.19
C GLN D 314 -10.79 31.50 15.09
N VAL D 315 -11.76 30.91 15.77
CA VAL D 315 -11.50 29.75 16.60
C VAL D 315 -11.22 28.51 15.71
N ILE D 316 -10.08 27.87 15.91
CA ILE D 316 -9.71 26.65 15.18
C ILE D 316 -10.01 25.42 15.94
N VAL D 317 -9.80 25.48 17.26
CA VAL D 317 -10.11 24.41 18.19
C VAL D 317 -10.74 25.07 19.40
N ASN D 318 -12.01 24.73 19.74
CA ASN D 318 -12.62 25.32 20.91
C ASN D 318 -11.86 25.00 22.23
N ASN D 319 -12.12 25.79 23.26
CA ASN D 319 -11.36 25.67 24.50
C ASN D 319 -11.80 24.50 25.39
N GLN D 320 -12.78 23.72 24.94
CA GLN D 320 -13.13 22.47 25.64
C GLN D 320 -12.35 21.29 25.04
N ASN D 321 -11.39 21.57 24.15
CA ASN D 321 -10.57 20.53 23.54
C ASN D 321 -9.09 20.79 23.59
N TRP D 322 -8.30 19.74 23.53
CA TRP D 322 -6.85 19.82 23.66
C TRP D 322 -6.18 20.24 22.34
N SER D 323 -5.21 21.17 22.41
CA SER D 323 -4.40 21.48 21.24
C SER D 323 -3.00 20.92 21.48
N GLY D 324 -1.98 21.67 21.06
CA GLY D 324 -0.61 21.22 21.27
C GLY D 324 0.32 22.19 20.55
N TYR D 325 1.33 21.62 19.93
CA TYR D 325 2.21 22.38 19.00
C TYR D 325 1.43 22.92 17.80
N SER D 326 1.96 24.01 17.25
CA SER D 326 1.44 24.61 16.02
C SER D 326 2.67 25.11 15.24
N GLY D 327 2.58 25.09 13.92
CA GLY D 327 3.67 25.55 13.08
C GLY D 327 3.22 25.98 11.69
N ALA D 328 4.12 26.69 11.01
CA ALA D 328 3.90 27.24 9.68
C ALA D 328 4.46 26.36 8.57
N PHE D 329 3.77 26.41 7.44
CA PHE D 329 4.26 25.81 6.20
C PHE D 329 3.58 26.51 5.05
N ILE D 330 4.14 26.37 3.84
CA ILE D 330 3.48 26.97 2.67
C ILE D 330 3.69 26.09 1.46
N ASP D 331 2.66 25.98 0.65
CA ASP D 331 2.83 25.30 -0.61
C ASP D 331 3.48 26.27 -1.61
N TYR D 332 4.82 26.33 -1.60
CA TYR D 332 5.55 27.33 -2.38
C TYR D 332 5.45 27.05 -3.88
N TRP D 333 4.89 25.89 -4.23
CA TRP D 333 4.78 25.50 -5.65
C TRP D 333 3.34 25.58 -6.19
N ALA D 334 2.47 26.24 -5.42
CA ALA D 334 1.09 26.46 -5.84
C ALA D 334 1.04 27.36 -7.10
N ASN D 335 -0.03 27.24 -7.86
CA ASN D 335 -0.21 28.04 -9.08
C ASN D 335 -0.91 29.30 -8.68
N LYS D 336 -0.25 30.10 -7.86
CA LYS D 336 -0.73 31.43 -7.47
C LYS D 336 0.41 32.45 -7.65
N GLU D 337 0.05 33.71 -7.67
CA GLU D 337 1.02 34.80 -7.84
C GLU D 337 1.57 35.21 -6.47
N CYS D 338 1.03 34.64 -5.39
CA CYS D 338 1.52 34.93 -4.02
C CYS D 338 1.66 33.60 -3.24
N PHE D 339 2.47 33.63 -2.17
CA PHE D 339 2.65 32.46 -1.32
C PHE D 339 1.53 32.55 -0.27
N ASN D 340 0.63 31.57 -0.28
CA ASN D 340 -0.48 31.55 0.74
C ASN D 340 -0.05 30.87 2.04
N PRO D 341 -0.11 31.59 3.18
CA PRO D 341 0.12 31.00 4.53
C PRO D 341 -0.73 29.77 4.84
N CYS D 342 -0.08 28.73 5.35
CA CYS D 342 -0.79 27.61 5.98
C CYS D 342 -0.20 27.29 7.34
N PHE D 343 -0.98 26.61 8.19
CA PHE D 343 -0.47 26.17 9.49
C PHE D 343 -1.15 24.90 9.87
N TYR D 344 -0.58 24.22 10.87
CA TYR D 344 -1.19 23.01 11.41
C TYR D 344 -1.30 23.18 12.93
N VAL D 345 -2.14 22.37 13.56
CA VAL D 345 -2.24 22.33 15.01
C VAL D 345 -2.12 20.87 15.39
N GLU D 346 -1.18 20.57 16.28
CA GLU D 346 -1.06 19.25 16.86
C GLU D 346 -2.17 19.08 17.95
N LEU D 347 -2.95 18.00 17.86
CA LEU D 347 -4.06 17.85 18.80
C LEU D 347 -3.68 16.68 19.72
N ILE D 348 -3.02 17.00 20.82
CA ILE D 348 -2.46 16.03 21.74
C ILE D 348 -3.57 15.35 22.53
N ARG D 349 -3.56 14.01 22.55
CA ARG D 349 -4.48 13.23 23.35
C ARG D 349 -3.68 12.38 24.39
N GLY D 350 -4.29 12.02 25.52
CA GLY D 350 -3.60 11.20 26.53
C GLY D 350 -2.78 12.07 27.51
N ARG D 351 -1.70 11.50 28.01
CA ARG D 351 -0.91 12.14 29.10
C ARG D 351 -0.21 13.44 28.71
N PRO D 352 0.00 14.36 29.67
CA PRO D 352 -0.43 14.23 31.08
C PRO D 352 -1.85 14.67 31.32
N LYS D 353 -2.44 15.41 30.37
CA LYS D 353 -3.80 15.99 30.62
C LYS D 353 -4.92 14.98 30.71
N GLU D 354 -4.78 13.83 30.06
CA GLU D 354 -5.75 12.75 30.14
C GLU D 354 -5.01 11.50 30.63
N SER D 355 -4.95 11.33 31.95
CA SER D 355 -4.20 10.24 32.60
C SER D 355 -5.00 8.96 32.78
N SER D 356 -6.21 8.87 32.22
CA SER D 356 -6.96 7.59 32.25
C SER D 356 -6.36 6.53 31.27
N VAL D 357 -5.44 6.96 30.41
CA VAL D 357 -4.72 6.06 29.51
C VAL D 357 -3.21 6.15 29.83
N LEU D 358 -2.45 5.22 29.30
CA LEU D 358 -1.02 5.10 29.68
C LEU D 358 -0.13 5.76 28.59
N TRP D 359 -0.75 6.21 27.50
CA TRP D 359 -0.04 6.78 26.38
C TRP D 359 -0.24 8.28 26.16
N THR D 360 0.56 8.81 25.23
CA THR D 360 0.51 10.16 24.74
C THR D 360 0.62 10.10 23.20
N SER D 361 -0.33 10.73 22.51
CA SER D 361 -0.20 10.82 21.05
C SER D 361 -0.91 12.06 20.51
N ASN D 362 -1.20 12.09 19.21
CA ASN D 362 -1.84 13.27 18.59
C ASN D 362 -2.51 12.97 17.26
N SER D 363 -3.40 13.85 16.83
CA SER D 363 -3.91 13.84 15.51
C SER D 363 -3.49 15.23 14.92
N ILE D 364 -3.88 15.51 13.67
CA ILE D 364 -3.48 16.76 13.03
C ILE D 364 -4.66 17.44 12.36
N VAL D 365 -4.63 18.78 12.40
CA VAL D 365 -5.47 19.53 11.47
C VAL D 365 -4.62 20.60 10.84
N ALA D 366 -4.90 20.93 9.57
CA ALA D 366 -4.19 21.96 8.86
C ALA D 366 -5.15 22.86 8.11
N LEU D 367 -4.82 24.16 8.05
CA LEU D 367 -5.65 25.17 7.37
C LEU D 367 -4.73 26.13 6.65
N CYS D 368 -5.27 26.82 5.64
CA CYS D 368 -4.55 27.79 4.82
C CYS D 368 -5.40 29.08 4.67
N GLY D 369 -4.73 30.15 4.31
CA GLY D 369 -5.37 31.43 4.13
C GLY D 369 -6.40 31.48 3.03
N SER D 370 -7.37 32.35 3.23
CA SER D 370 -8.36 32.70 2.19
C SER D 370 -8.56 34.22 2.23
N LYS D 371 -8.65 34.83 1.06
CA LYS D 371 -9.02 36.23 0.95
C LYS D 371 -10.53 36.48 1.25
N LYS D 372 -11.33 35.42 1.25
CA LYS D 372 -12.75 35.52 1.58
C LYS D 372 -12.94 35.51 3.09
N ARG D 373 -14.18 35.77 3.48
CA ARG D 373 -14.58 35.72 4.88
C ARG D 373 -15.41 34.44 5.11
N LEU D 374 -14.71 33.35 5.40
CA LEU D 374 -15.34 32.08 5.55
C LEU D 374 -15.80 31.82 6.96
N GLY D 375 -16.90 31.09 7.09
CA GLY D 375 -17.39 30.67 8.38
C GLY D 375 -16.42 29.64 8.96
N SER D 376 -16.52 29.40 10.26
CA SER D 376 -15.64 28.38 10.86
C SER D 376 -16.34 27.51 11.92
N TRP D 377 -15.70 26.39 12.27
CA TRP D 377 -16.09 25.61 13.46
C TRP D 377 -14.89 24.96 14.06
N SER D 378 -15.08 24.26 15.16
CA SER D 378 -13.94 23.67 15.87
C SER D 378 -13.49 22.39 15.12
N TRP D 379 -12.17 22.24 14.89
CA TRP D 379 -11.59 21.01 14.29
C TRP D 379 -10.86 20.19 15.32
N HIS D 380 -11.53 19.93 16.48
CA HIS D 380 -10.89 19.22 17.57
C HIS D 380 -10.66 17.73 17.19
N ASP D 381 -9.77 17.06 17.91
CA ASP D 381 -9.40 15.69 17.61
C ASP D 381 -10.63 14.78 17.34
N GLY D 382 -11.63 14.79 18.23
CA GLY D 382 -12.84 14.02 18.02
C GLY D 382 -12.89 12.60 18.57
N ALA D 383 -11.81 12.14 19.22
CA ALA D 383 -11.83 10.81 19.84
C ALA D 383 -12.46 10.86 21.25
N GLU D 384 -13.00 9.73 21.67
CA GLU D 384 -13.60 9.62 22.98
C GLU D 384 -12.62 8.83 23.83
N ILE D 385 -12.00 9.48 24.81
CA ILE D 385 -10.99 8.84 25.67
C ILE D 385 -11.55 7.59 26.39
N ILE D 386 -12.84 7.62 26.73
CA ILE D 386 -13.43 6.52 27.46
C ILE D 386 -13.36 5.19 26.66
N TYR D 387 -13.35 5.30 25.34
CA TYR D 387 -13.22 4.13 24.48
C TYR D 387 -11.85 3.50 24.65
N PHE D 388 -10.89 4.28 25.14
CA PHE D 388 -9.53 3.76 25.32
C PHE D 388 -9.26 3.24 26.75
N GLU D 389 -10.27 3.31 27.62
CA GLU D 389 -10.13 2.92 29.01
C GLU D 389 -10.59 1.48 29.15
C1 NAG E . 18.57 -35.97 -5.77
C2 NAG E . 17.67 -36.92 -4.97
C3 NAG E . 16.90 -37.84 -5.89
C4 NAG E . 16.22 -37.05 -7.01
C5 NAG E . 17.20 -36.11 -7.68
C6 NAG E . 16.51 -35.26 -8.75
C7 NAG E . 18.30 -38.20 -3.01
C8 NAG E . 19.33 -39.09 -2.37
N2 NAG E . 18.59 -37.79 -4.24
O3 NAG E . 15.90 -38.55 -5.14
O4 NAG E . 15.69 -37.96 -7.98
O5 NAG E . 17.78 -35.25 -6.70
O6 NAG E . 15.18 -34.96 -8.32
O7 NAG E . 17.28 -37.87 -2.43
C1 NAG E . 14.73 -38.84 -9.00
C2 NAG E . 13.94 -38.82 -10.31
C3 NAG E . 12.88 -39.91 -10.32
C4 NAG E . 13.47 -41.25 -9.93
C5 NAG E . 14.30 -41.14 -8.66
C6 NAG E . 14.95 -42.47 -8.31
C7 NAG E . 13.66 -36.47 -10.84
C8 NAG E . 12.79 -35.24 -10.73
N2 NAG E . 13.19 -37.56 -10.26
O3 NAG E . 12.31 -40.00 -11.63
O4 NAG E . 12.42 -42.20 -9.74
O5 NAG E . 15.30 -40.13 -8.82
O6 NAG E . 16.01 -42.24 -7.37
O7 NAG E . 14.73 -36.45 -11.43
C1 NAG F . 30.28 10.60 23.53
C2 NAG F . 31.16 10.24 24.72
C3 NAG F . 32.59 9.98 24.28
C4 NAG F . 32.63 9.00 23.11
C5 NAG F . 31.67 9.43 22.01
C6 NAG F . 31.65 8.43 20.87
C7 NAG F . 30.67 11.52 26.72
C8 NAG F . 30.81 12.82 27.43
N2 NAG F . 31.22 11.45 25.52
O3 NAG F . 33.33 9.43 25.38
O4 NAG F . 33.96 8.95 22.58
O5 NAG F . 30.35 9.56 22.56
O6 NAG F . 31.28 7.14 21.37
O7 NAG F . 30.09 10.56 27.22
C1 NAG F . 34.63 7.17 23.08
C2 NAG F . 35.79 6.82 22.15
C3 NAG F . 36.59 5.65 22.70
C4 NAG F . 36.95 5.85 24.17
C5 NAG F . 35.73 6.25 24.98
C6 NAG F . 36.10 6.55 26.43
C7 NAG F . 35.02 7.10 19.88
C8 NAG F . 35.54 8.51 20.02
N2 NAG F . 35.16 6.33 20.94
O3 NAG F . 37.79 5.50 21.93
O4 NAG F . 37.50 4.65 24.70
O5 NAG F . 35.14 7.42 24.40
O6 NAG F . 36.53 7.91 26.55
O7 NAG F . 34.49 6.72 18.85
C1 NAG G . -36.39 -9.62 -19.42
C2 NAG G . -36.68 -8.19 -19.84
C3 NAG G . -37.93 -7.65 -19.16
C4 NAG G . -39.08 -8.63 -19.30
C5 NAG G . -38.65 -10.04 -18.91
C6 NAG G . -39.79 -11.04 -19.14
C7 NAG G . -34.43 -7.26 -19.94
C8 NAG G . -33.39 -6.43 -19.26
N2 NAG G . -35.58 -7.40 -19.28
O3 NAG G . -38.29 -6.39 -19.73
O4 NAG G . -40.17 -8.21 -18.47
O5 NAG G . -37.53 -10.42 -19.70
O6 NAG G . -39.88 -11.92 -18.01
O7 NAG G . -34.24 -7.77 -21.03
C1 BMA G . -41.54 -7.06 -19.38
C2 BMA G . -42.99 -7.51 -19.24
C3 BMA G . -43.95 -6.38 -19.57
C4 BMA G . -43.57 -5.10 -18.82
C5 BMA G . -42.08 -4.80 -18.99
C6 BMA G . -41.68 -3.57 -18.19
O2 BMA G . -43.22 -7.96 -17.90
O3 BMA G . -45.28 -6.75 -19.21
O4 BMA G . -44.33 -4.01 -19.32
O5 BMA G . -41.31 -5.92 -18.56
O6 BMA G . -41.53 -3.93 -16.81
C1 MAN G . -41.69 -2.86 -15.16
C2 MAN G . -41.89 -3.36 -13.73
C3 MAN G . -43.19 -4.15 -13.60
C4 MAN G . -44.35 -3.38 -14.21
C5 MAN G . -44.01 -2.88 -15.61
C6 MAN G . -45.15 -2.05 -16.18
O2 MAN G . -41.92 -2.25 -12.83
O3 MAN G . -43.45 -4.41 -12.22
O4 MAN G . -45.50 -4.24 -14.28
O5 MAN G . -42.82 -2.09 -15.55
O6 MAN G . -45.41 -0.94 -15.32
C1 NAG H . -19.56 32.93 10.92
C2 NAG H . -19.94 33.78 12.13
C3 NAG H . -19.22 35.12 12.09
C4 NAG H . -17.73 34.94 11.84
C5 NAG H . -17.49 34.02 10.66
C6 NAG H . -16.00 33.78 10.45
C7 NAG H . -22.27 33.59 12.75
C8 NAG H . -23.69 33.99 12.45
N2 NAG H . -21.35 34.09 11.95
O3 NAG H . -19.42 35.80 13.35
O4 NAG H . -17.13 36.22 11.60
O5 NAG H . -18.14 32.78 10.87
O6 NAG H . -15.42 33.31 11.67
O7 NAG H . -22.00 32.84 13.66
C1 NAG H . -16.19 36.90 12.82
C2 NAG H . -14.95 37.79 12.80
C3 NAG H . -14.56 38.22 14.21
C4 NAG H . -15.77 38.75 14.97
C5 NAG H . -16.96 37.80 14.87
C6 NAG H . -18.18 38.37 15.56
C7 NAG H . -13.61 36.79 11.05
C8 NAG H . -12.47 35.87 10.73
N2 NAG H . -13.88 36.93 12.35
O3 NAG H . -13.56 39.22 14.14
O4 NAG H . -15.43 38.93 16.34
O5 NAG H . -17.25 37.57 13.49
O6 NAG H . -18.59 39.58 14.90
O7 NAG H . -14.24 37.36 10.19
C1 SIA I . -15.36 -27.80 -7.59
C2 SIA I . -16.08 -26.70 -8.34
C3 SIA I . -15.44 -25.36 -8.01
C4 SIA I . -15.96 -24.29 -8.96
C5 SIA I . -17.18 -24.82 -9.71
C6 SIA I . -16.85 -26.08 -10.50
C7 SIA I . -18.12 -26.83 -10.88
C8 SIA I . -17.79 -28.10 -11.68
C9 SIA I . -19.04 -28.69 -12.32
C10 SIA I . -18.55 -23.05 -10.64
C11 SIA I . -18.72 -22.05 -11.75
N5 SIA I . -17.46 -23.81 -10.72
O1A SIA I . -15.38 -28.96 -8.07
O1B SIA I . -14.77 -27.51 -6.54
O2 SIA I . -17.46 -26.68 -7.93
O4 SIA I . -16.32 -23.13 -8.22
O6 SIA I . -15.99 -26.94 -9.74
O7 SIA I . -18.84 -27.21 -9.70
O8 SIA I . -16.84 -27.77 -12.72
O9 SIA I . -19.48 -27.84 -13.39
O10 SIA I . -19.36 -23.16 -9.74
C1 SIA J . -5.65 -41.25 0.24
C2 SIA J . -5.82 -41.70 1.67
C3 SIA J . -4.51 -41.49 2.43
C4 SIA J . -4.16 -40.01 2.50
C5 SIA J . -5.35 -39.18 2.99
C6 SIA J . -6.61 -39.54 2.20
C7 SIA J . -7.82 -38.78 2.74
C8 SIA J . -9.11 -39.28 2.12
C9 SIA J . -10.31 -38.51 2.62
C10 SIA J . -4.90 -36.87 3.54
C11 SIA J . -4.58 -35.49 3.02
N5 SIA J . -5.04 -37.81 2.62
O1A SIA J . -6.56 -40.54 -0.27
O1B SIA J . -4.63 -41.59 -0.37
O2 SIA J . -6.16 -43.08 1.70
O4 SIA J . -3.05 -39.82 3.40
O6 SIA J . -6.85 -40.94 2.30
O7 SIA J . -7.88 -38.92 4.16
O8 SIA J . -9.03 -39.17 0.69
O9 SIA J . -11.47 -38.84 1.84
O10 SIA J . -5.02 -37.11 4.73
C1 GOL K . -20.66 -16.26 2.27
O1 GOL K . -20.48 -15.87 3.38
C2 GOL K . -20.68 -16.43 1.00
O2 GOL K . -21.59 -17.32 0.36
C3 GOL K . -19.71 -15.59 0.35
O3 GOL K . -19.27 -15.28 -1.01
C1 NAG L . 7.05 -13.05 -33.50
C2 NAG L . 7.05 -12.47 -34.91
C3 NAG L . 8.47 -12.20 -35.39
C4 NAG L . 9.26 -11.42 -34.35
C5 NAG L . 9.13 -12.06 -32.98
C6 NAG L . 9.86 -11.23 -31.92
C7 NAG L . 5.37 -13.48 -36.34
C8 NAG L . 4.99 -14.66 -37.19
N2 NAG L . 6.57 -13.55 -35.75
O3 NAG L . 8.42 -11.46 -36.62
O4 NAG L . 10.64 -11.38 -34.73
O5 NAG L . 7.75 -12.16 -32.62
O6 NAG L . 9.30 -9.91 -31.88
O7 NAG L . 4.64 -12.52 -36.20
C1 NAG M . -23.08 -20.35 10.35
C2 NAG M . -23.56 -19.81 11.68
C3 NAG M . -24.81 -20.54 12.16
C4 NAG M . -25.85 -20.61 11.05
C5 NAG M . -25.23 -21.11 9.75
C6 NAG M . -26.26 -21.11 8.63
C7 NAG M . -21.72 -19.26 13.17
C8 NAG M . -20.69 -19.76 14.14
N2 NAG M . -22.53 -20.18 12.64
O3 NAG M . -25.36 -19.85 13.29
O4 NAG M . -26.91 -21.49 11.45
O5 NAG M . -24.14 -20.28 9.39
O6 NAG M . -26.46 -19.77 8.16
O7 NAG M . -21.82 -18.07 12.89
C1 BMA N . 13.00 -43.40 -11.80
C2 BMA N . 13.22 -44.91 -11.69
C3 BMA N . 12.34 -45.65 -12.68
C4 BMA N . 10.90 -45.19 -12.59
C5 BMA N . 10.82 -43.67 -12.65
C6 BMA N . 9.38 -43.19 -12.49
O2 BMA N . 12.92 -45.33 -10.35
O3 BMA N . 12.40 -47.06 -12.39
O4 BMA N . 10.15 -45.75 -13.67
O5 BMA N . 11.62 -43.11 -11.61
O6 BMA N . 9.11 -42.94 -11.10
C1 MAN O . 6.66 -42.36 -11.00
C2 MAN O . 6.07 -42.45 -9.59
C3 MAN O . 6.17 -43.86 -9.04
C4 MAN O . 5.64 -44.88 -10.05
C5 MAN O . 6.25 -44.66 -11.42
C6 MAN O . 5.66 -45.62 -12.45
O2 MAN O . 4.71 -42.04 -9.62
O3 MAN O . 5.42 -43.95 -7.82
O4 MAN O . 5.95 -46.20 -9.60
O5 MAN O . 6.00 -43.31 -11.84
O6 MAN O . 4.23 -45.52 -12.43
C1 MAN P . 2.53 -46.54 -13.50
C2 MAN P . 1.55 -45.54 -12.93
C3 MAN P . 1.45 -45.66 -11.42
C4 MAN P . 1.23 -47.12 -11.00
C5 MAN P . 2.24 -48.03 -11.69
C6 MAN P . 1.97 -49.49 -11.33
O2 MAN P . 0.26 -45.75 -13.52
O3 MAN P . 0.35 -44.86 -10.94
O4 MAN P . 1.37 -47.23 -9.58
O5 MAN P . 2.16 -47.86 -13.10
O6 MAN P . 3.20 -50.11 -10.94
C1 MAN Q . 7.05 -43.38 -6.24
C2 MAN Q . 6.68 -43.84 -4.84
C3 MAN Q . 5.25 -43.45 -4.50
C4 MAN Q . 5.00 -41.99 -4.81
C5 MAN Q . 5.46 -41.63 -6.22
C6 MAN Q . 5.29 -40.15 -6.51
O2 MAN Q . 7.57 -43.24 -3.89
O3 MAN Q . 5.01 -43.68 -3.11
O4 MAN Q . 3.60 -41.70 -4.70
O5 MAN Q . 6.84 -41.98 -6.36
O6 MAN Q . 5.19 -39.95 -7.93
CA CA R . -13.81 -36.75 -14.61
C1 SIA S . 22.36 -19.80 13.33
C2 SIA S . 22.00 -20.38 11.99
C3 SIA S . 20.95 -19.51 11.31
C4 SIA S . 20.81 -19.91 9.85
C5 SIA S . 21.52 -21.24 9.61
C6 SIA S . 22.99 -21.17 9.97
C7 SIA S . 23.58 -22.56 10.14
C8 SIA S . 25.05 -22.49 10.55
C9 SIA S . 25.72 -23.85 10.45
C10 SIA S . 20.74 -22.35 7.59
C11 SIA S . 20.80 -22.43 6.09
N5 SIA S . 21.49 -21.41 8.16
O1A SIA S . 23.44 -20.11 13.85
O1B SIA S . 21.54 -19.04 13.88
O2 SIA S . 21.50 -21.71 12.16
O4 SIA S . 19.43 -20.03 9.52
O6 SIA S . 23.17 -20.41 11.17
O7 SIA S . 22.84 -23.27 11.15
O8 SIA S . 25.73 -21.56 9.69
O9 SIA S . 25.80 -24.25 9.08
O10 SIA S . 20.04 -23.11 8.26
C1 SIA T . 27.64 -11.96 29.12
C2 SIA T . 26.88 -12.10 30.42
C3 SIA T . 26.38 -10.73 30.86
C4 SIA T . 25.38 -10.17 29.85
C5 SIA T . 24.31 -11.19 29.51
C6 SIA T . 24.93 -12.53 29.16
C7 SIA T . 23.86 -13.57 28.89
C8 SIA T . 24.47 -14.96 28.69
C9 SIA T . 23.40 -15.99 28.36
C10 SIA T . 22.40 -10.45 28.22
C11 SIA T . 21.91 -9.96 26.89
N5 SIA T . 23.71 -10.71 28.28
O1A SIA T . 27.55 -12.88 28.28
O1B SIA T . 28.33 -10.94 28.95
O2 SIA T . 27.74 -12.64 31.43
O4 SIA T . 24.76 -8.99 30.41
O6 SIA T . 25.77 -12.97 30.23
O7 SIA T . 22.95 -13.62 29.99
O8 SIA T . 25.43 -14.90 27.63
O9 SIA T . 24.01 -17.29 28.26
O10 SIA T . 21.65 -10.60 29.17
C1 GOL U . 6.34 -22.88 11.62
O1 GOL U . 5.26 -22.54 12.07
C2 GOL U . 7.46 -22.95 10.92
O2 GOL U . 8.39 -23.99 11.01
C3 GOL U . 7.59 -21.84 10.02
O3 GOL U . 8.45 -21.35 8.95
C1 NAG V . 3.19 -25.46 20.02
C2 NAG V . 1.80 -25.81 20.54
C3 NAG V . 1.82 -27.14 21.29
C4 NAG V . 2.52 -28.22 20.48
C5 NAG V . 3.87 -27.73 19.96
C6 NAG V . 4.54 -28.78 19.08
C7 NAG V . 0.68 -23.80 21.31
C8 NAG V . 0.47 -22.84 22.44
N2 NAG V . 1.51 -24.81 21.55
O3 NAG V . 0.48 -27.54 21.57
O4 NAG V . 2.71 -29.38 21.30
O5 NAG V . 3.68 -26.52 19.21
O6 NAG V . 4.28 -28.48 17.71
O7 NAG V . 0.11 -23.68 20.24
C1 BMA W . 39.82 5.06 24.82
C2 BMA W . 40.40 4.56 26.13
C3 BMA W . 41.54 3.58 25.88
C4 BMA W . 41.12 2.51 24.88
C5 BMA W . 40.50 3.12 23.65
C6 BMA W . 40.01 2.05 22.68
O2 BMA W . 39.38 3.93 26.90
O3 BMA W . 41.92 2.96 27.12
O4 BMA W . 42.27 1.74 24.50
O5 BMA W . 39.40 3.95 24.03
O6 BMA W . 38.82 1.45 23.19
C1 MAN X . 37.74 -0.75 23.24
C2 MAN X . 36.83 -1.31 24.33
C3 MAN X . 37.57 -1.39 25.66
C4 MAN X . 38.92 -2.08 25.50
C5 MAN X . 39.70 -1.49 24.34
C6 MAN X . 41.02 -2.22 24.12
O2 MAN X . 36.37 -2.62 23.96
O3 MAN X . 36.77 -2.12 26.61
O4 MAN X . 39.68 -1.93 26.71
O5 MAN X . 38.91 -1.55 23.14
O6 MAN X . 40.75 -3.62 23.94
C1 MAN Y . 41.53 -5.54 24.20
C2 MAN Y . 40.59 -6.66 23.74
C3 MAN Y . 39.42 -6.81 24.70
C4 MAN Y . 39.89 -6.89 26.14
C5 MAN Y . 40.87 -5.76 26.45
C6 MAN Y . 41.40 -5.88 27.87
O2 MAN Y . 41.32 -7.89 23.68
O3 MAN Y . 38.69 -8.01 24.37
O4 MAN Y . 38.77 -6.81 27.02
O5 MAN Y . 41.95 -5.80 25.54
O6 MAN Y . 42.82 -5.68 27.87
C1 MAN Z . 34.98 -0.03 27.19
C2 MAN Z . 34.46 -0.55 28.53
C3 MAN Z . 34.07 -2.02 28.43
C4 MAN Z . 33.17 -2.27 27.23
C5 MAN Z . 33.77 -1.64 25.97
C6 MAN Z . 32.83 -1.82 24.78
O2 MAN Z . 33.33 0.22 28.93
O3 MAN Z . 33.39 -2.41 29.63
O4 MAN Z . 33.01 -3.68 27.03
O5 MAN Z . 34.00 -0.26 26.19
O6 MAN Z . 33.56 -1.59 23.56
CA CA AA . 33.80 -19.88 14.72
C1 SIA BA . -30.25 11.77 3.73
C2 SIA BA . -29.31 12.96 3.80
C3 SIA BA . -27.88 12.49 3.62
C4 SIA BA . -26.97 13.68 3.39
C5 SIA BA . -27.70 14.97 3.73
C6 SIA BA . -28.97 15.13 2.89
C7 SIA BA . -29.91 16.15 3.50
C8 SIA BA . -31.16 16.31 2.65
C9 SIA BA . -31.97 17.54 3.09
C10 SIA BA . -26.19 16.81 4.17
C11 SIA BA . -25.30 17.87 3.57
N5 SIA BA . -26.82 16.03 3.29
O1A SIA BA . -31.44 11.97 3.40
O1B SIA BA . -29.80 10.64 4.00
O2 SIA BA . -29.46 13.61 5.07
O4 SIA BA . -25.80 13.56 4.22
O6 SIA BA . -29.64 13.88 2.75
O7 SIA BA . -30.28 15.75 4.83
O8 SIA BA . -30.80 16.45 1.28
O9 SIA BA . -31.29 18.73 2.67
O10 SIA BA . -26.31 16.67 5.37
C1 SIA CA . -41.26 -1.78 1.61
C2 SIA CA . -41.77 -2.85 2.55
C3 SIA CA . -41.38 -4.21 2.01
C4 SIA CA . -39.87 -4.38 2.00
C5 SIA CA . -39.27 -3.98 3.34
C6 SIA CA . -39.79 -2.62 3.79
C7 SIA CA . -39.25 -2.26 5.18
C8 SIA CA . -39.98 -1.05 5.74
C9 SIA CA . -39.40 -0.66 7.11
C10 SIA CA . -36.91 -4.46 3.71
C11 SIA CA . -35.49 -4.14 3.34
N5 SIA CA . -37.85 -3.76 3.08
O1A SIA CA . -41.11 -0.62 2.06
O1B SIA CA . -41.02 -2.08 0.43
O2 SIA CA . -43.20 -2.77 2.63
O4 SIA CA . -39.52 -5.74 1.71
O6 SIA CA . -41.21 -2.65 3.84
O7 SIA CA . -39.40 -3.37 6.05
O8 SIA CA . -39.85 0.05 4.84
O9 SIA CA . -39.95 0.60 7.50
O10 SIA CA . -37.20 -5.30 4.55
C1 GOL DA . -18.96 10.00 15.30
O1 GOL DA . -18.40 9.26 16.08
C2 GOL DA . -19.28 10.85 14.36
O2 GOL DA . -20.31 11.85 14.43
C3 GOL DA . -18.37 10.73 13.28
O3 GOL DA . -18.10 11.43 12.04
C1 NAG EA . -22.82 5.38 22.47
C2 NAG EA . -22.13 4.76 23.68
C3 NAG EA . -22.80 5.20 24.98
C4 NAG EA . -22.98 6.72 25.01
C5 NAG EA . -23.62 7.22 23.73
C6 NAG EA . -23.73 8.74 23.73
C7 NAG EA . -21.42 2.47 23.39
C8 NAG EA . -21.83 1.03 23.31
N2 NAG EA . -22.40 3.34 23.58
O3 NAG EA . -22.00 4.80 26.09
O4 NAG EA . -23.81 7.07 26.12
O5 NAG EA . -22.83 6.81 22.61
O6 NAG EA . -22.48 9.31 23.33
O7 NAG EA . -20.25 2.81 23.29
C1 MAN FA . -45.60 -7.65 -21.56
C2 MAN FA . -47.11 -7.82 -21.47
C3 MAN FA . -47.49 -8.77 -20.34
C4 MAN FA . -46.68 -10.06 -20.40
C5 MAN FA . -45.20 -9.76 -20.56
C6 MAN FA . -44.39 -11.05 -20.72
O2 MAN FA . -47.62 -8.34 -22.71
O3 MAN FA . -48.88 -9.08 -20.42
O4 MAN FA . -46.89 -10.82 -19.21
O5 MAN FA . -44.99 -8.94 -21.71
O6 MAN FA . -43.08 -10.74 -21.21
C1 MAN GA . -46.97 -6.40 -24.44
C2 MAN GA . -47.92 -7.14 -25.36
C3 MAN GA . -47.38 -8.53 -25.70
C4 MAN GA . -45.93 -8.44 -26.17
C5 MAN GA . -45.10 -7.62 -25.21
C6 MAN GA . -43.67 -7.47 -25.71
O2 MAN GA . -48.12 -6.39 -26.56
O3 MAN GA . -48.19 -9.11 -26.74
O4 MAN GA . -45.39 -9.77 -26.27
O5 MAN GA . -45.68 -6.33 -25.05
O6 MAN GA . -43.65 -6.58 -26.83
C1 MAN HA . -46.20 1.11 -14.24
C2 MAN HA . -45.71 1.75 -12.94
C3 MAN HA . -45.80 0.75 -11.78
C4 MAN HA . -47.18 0.10 -11.74
C5 MAN HA . -47.57 -0.43 -13.11
C6 MAN HA . -48.97 -1.03 -13.08
O2 MAN HA . -46.51 2.90 -12.64
O3 MAN HA . -45.56 1.44 -10.55
O4 MAN HA . -47.16 -0.98 -10.80
O5 MAN HA . -47.52 0.62 -14.07
O6 MAN HA . -49.63 -0.76 -14.32
C1 MAN IA . -42.20 -6.51 -12.72
C2 MAN IA . -42.60 -7.47 -11.60
C3 MAN IA . -42.37 -6.85 -10.24
C4 MAN IA . -40.97 -6.25 -10.13
C5 MAN IA . -40.66 -5.36 -11.33
C6 MAN IA . -39.25 -4.83 -11.26
O2 MAN IA . -41.83 -8.68 -11.71
O3 MAN IA . -42.54 -7.85 -9.22
O4 MAN IA . -40.86 -5.48 -8.93
O5 MAN IA . -40.84 -6.11 -12.53
O6 MAN IA . -39.14 -3.65 -12.08
C1 BMA JA . -14.68 41.22 15.95
C2 BMA JA . -15.39 42.04 17.03
C3 BMA JA . -14.43 42.98 17.71
C4 BMA JA . -13.17 42.25 18.16
C5 BMA JA . -12.59 41.42 17.02
C6 BMA JA . -11.37 40.62 17.48
O2 BMA JA . -15.98 41.15 17.99
O3 BMA JA . -15.06 43.56 18.86
O4 BMA JA . -12.19 43.19 18.61
O5 BMA JA . -13.59 40.52 16.53
O6 BMA JA . -11.77 39.68 18.48
CA CA KA . -39.34 14.51 -2.91
C1 SIA LA . 7.21 19.60 25.14
C2 SIA LA . 8.53 19.12 24.60
C3 SIA LA . 8.29 18.18 23.42
C4 SIA LA . 9.59 17.92 22.68
C5 SIA LA . 10.78 18.40 23.53
C6 SIA LA . 10.65 19.89 23.85
C7 SIA LA . 11.55 20.27 25.02
C8 SIA LA . 11.40 21.75 25.36
C9 SIA LA . 12.50 22.20 26.32
C10 SIA LA . 12.91 17.43 22.91
C11 SIA LA . 14.04 17.42 21.94
N5 SIA LA . 11.93 18.30 22.66
O1A SIA LA . 7.16 20.73 25.67
O1B SIA LA . 6.21 18.85 25.04
O2 SIA LA . 9.25 18.42 25.62
O4 SIA LA . 9.73 16.51 22.43
O6 SIA LA . 9.30 20.24 24.15
O7 SIA LA . 11.21 19.48 26.16
O8 SIA LA . 11.47 22.53 24.16
O9 SIA LA . 13.76 22.19 25.65
O10 SIA LA . 12.88 16.69 23.89
C1 SIA MA . -8.60 26.80 30.66
C2 SIA MA . -9.65 26.18 31.54
C3 SIA MA . -10.93 25.99 30.74
C4 SIA MA . -10.73 25.00 29.60
C5 SIA MA . -10.05 23.72 30.09
C6 SIA MA . -8.81 24.05 30.92
C7 SIA MA . -8.18 22.77 31.48
C8 SIA MA . -6.92 23.10 32.27
C9 SIA MA . -6.26 21.83 32.78
C10 SIA MA . -9.93 21.87 28.53
C11 SIA MA . -9.33 21.33 27.27
N5 SIA MA . -9.53 23.09 28.88
O1A SIA MA . -7.42 26.40 30.77
O1B SIA MA . -8.95 27.70 29.86
O2 SIA MA . -9.90 27.02 32.66
O4 SIA MA . -11.99 24.67 29.02
O6 SIA MA . -9.18 24.91 32.00
O7 SIA MA . -9.11 22.11 32.32
O8 SIA MA . -5.99 23.82 31.45
O9 SIA MA . -4.97 22.14 33.34
O10 SIA MA . -10.75 21.24 29.19
C1 GOL NA . 8.18 3.51 24.94
O1 GOL NA . 7.51 2.53 25.03
C2 GOL NA . 8.90 4.53 24.58
O2 GOL NA . 9.67 5.31 25.46
C3 GOL NA . 8.83 4.72 23.17
O3 GOL NA . 9.40 5.55 22.12
C1 NAG OA . 3.23 0.16 32.39
C2 NAG OA . 2.92 -1.27 32.82
C3 NAG OA . 3.38 -1.52 34.25
C4 NAG OA . 4.82 -1.06 34.45
C5 NAG OA . 5.00 0.36 33.93
C6 NAG OA . 6.46 0.80 34.06
C7 NAG OA . 0.77 -1.95 31.91
C8 NAG OA . -0.71 -1.96 32.08
N2 NAG OA . 1.46 -1.34 32.87
O3 NAG OA . 3.28 -2.92 34.54
O4 NAG OA . 5.14 -1.10 35.84
O5 NAG OA . 4.61 0.43 32.56
O6 NAG OA . 7.25 0.13 33.07
O7 NAG OA . 1.32 -2.47 30.94
CA CA PA . 7.99 30.94 27.13
#